data_2MDT
#
_entry.id   2MDT
#
_entity_poly.entity_id   1
_entity_poly.type   'polypeptide(L)'
_entity_poly.pdbx_seq_one_letter_code
;MFAVISPSAFGKLKEILGSNKNYKFVITTLGVSFAIKSGIDIDSALDRGVIVRAFSHKPPKVGNLPQYESEAIMVAFELN
ALLIAEDKDVINKAKELGVNAIPIEELLASSLEHHHHHH
;
_entity_poly.pdbx_strand_id   A
#
# COMPACT_ATOMS: atom_id res chain seq x y z
N MET A 1 -10.74 -5.54 -5.76
CA MET A 1 -10.43 -4.27 -5.11
C MET A 1 -8.93 -4.12 -5.09
N PHE A 2 -8.45 -2.93 -5.26
CA PHE A 2 -7.05 -2.68 -5.27
C PHE A 2 -6.56 -2.45 -3.85
N ALA A 3 -5.33 -2.76 -3.61
CA ALA A 3 -4.70 -2.52 -2.35
C ALA A 3 -3.38 -1.86 -2.62
N VAL A 4 -3.29 -0.60 -2.33
CA VAL A 4 -2.12 0.15 -2.62
C VAL A 4 -1.21 0.12 -1.42
N ILE A 5 0.03 -0.14 -1.66
CA ILE A 5 1.00 -0.24 -0.63
C ILE A 5 1.77 1.07 -0.53
N SER A 6 1.92 1.59 0.66
CA SER A 6 2.72 2.77 0.88
C SER A 6 4.17 2.32 1.17
N PRO A 7 5.19 3.13 0.82
CA PRO A 7 6.61 2.79 1.04
C PRO A 7 6.94 2.46 2.50
N SER A 8 6.15 3.00 3.43
CA SER A 8 6.29 2.68 4.85
C SER A 8 6.01 1.18 5.15
N ALA A 9 5.41 0.47 4.21
CA ALA A 9 5.02 -0.92 4.40
C ALA A 9 6.07 -1.87 3.77
N PHE A 10 7.15 -1.32 3.30
CA PHE A 10 8.19 -2.10 2.64
C PHE A 10 8.93 -3.03 3.58
N GLY A 11 9.40 -4.14 3.05
CA GLY A 11 10.08 -5.14 3.84
C GLY A 11 9.11 -6.19 4.33
N LYS A 12 7.91 -5.74 4.58
CA LYS A 12 6.84 -6.58 5.06
C LYS A 12 5.84 -6.85 3.94
N LEU A 13 6.33 -6.65 2.71
CA LEU A 13 5.54 -6.86 1.49
C LEU A 13 5.23 -8.33 1.30
N LYS A 14 6.11 -9.17 1.76
CA LYS A 14 5.99 -10.61 1.59
C LYS A 14 4.88 -11.11 2.47
N GLU A 15 4.87 -10.57 3.65
CA GLU A 15 3.96 -10.86 4.69
C GLU A 15 2.51 -10.60 4.27
N ILE A 16 2.23 -9.38 3.84
CA ILE A 16 0.88 -8.99 3.42
C ILE A 16 0.43 -9.79 2.19
N LEU A 17 1.33 -9.92 1.23
CA LEU A 17 1.07 -10.65 0.00
C LEU A 17 0.76 -12.11 0.27
N GLY A 18 1.64 -12.78 0.99
CA GLY A 18 1.51 -14.20 1.21
C GLY A 18 0.42 -14.58 2.17
N SER A 19 0.12 -13.73 3.12
CA SER A 19 -0.91 -14.05 4.07
C SER A 19 -2.29 -13.75 3.50
N ASN A 20 -2.54 -12.50 3.17
CA ASN A 20 -3.89 -12.11 2.82
C ASN A 20 -4.23 -12.54 1.41
N LYS A 21 -3.39 -12.15 0.42
CA LYS A 21 -3.67 -12.46 -1.00
C LYS A 21 -5.01 -11.82 -1.41
N ASN A 22 -5.59 -12.29 -2.52
CA ASN A 22 -6.97 -11.92 -2.97
C ASN A 22 -7.19 -10.44 -3.40
N TYR A 23 -6.29 -9.56 -3.07
CA TYR A 23 -6.41 -8.18 -3.48
C TYR A 23 -5.57 -7.95 -4.69
N LYS A 24 -5.83 -6.87 -5.36
CA LYS A 24 -4.98 -6.48 -6.43
C LYS A 24 -4.03 -5.45 -5.86
N PHE A 25 -2.87 -5.91 -5.47
CA PHE A 25 -1.92 -5.05 -4.81
C PHE A 25 -1.27 -4.12 -5.83
N VAL A 26 -1.15 -2.88 -5.46
CA VAL A 26 -0.63 -1.84 -6.32
C VAL A 26 0.47 -1.08 -5.58
N ILE A 27 1.53 -0.77 -6.28
CA ILE A 27 2.59 0.03 -5.76
C ILE A 27 2.81 1.19 -6.73
N THR A 28 3.42 2.24 -6.27
CA THR A 28 3.60 3.42 -7.05
C THR A 28 5.01 3.51 -7.64
N THR A 29 5.20 4.50 -8.51
CA THR A 29 6.47 4.78 -9.16
C THR A 29 7.50 5.23 -8.14
N LEU A 30 7.11 6.12 -7.26
CA LEU A 30 8.00 6.61 -6.23
C LEU A 30 8.19 5.51 -5.20
N GLY A 31 7.18 4.64 -5.09
CA GLY A 31 7.23 3.51 -4.23
C GLY A 31 8.34 2.56 -4.64
N VAL A 32 8.30 2.09 -5.89
CA VAL A 32 9.34 1.17 -6.37
C VAL A 32 10.72 1.82 -6.32
N SER A 33 10.77 3.12 -6.56
CA SER A 33 12.01 3.87 -6.52
C SER A 33 12.59 3.91 -5.09
N PHE A 34 11.70 3.92 -4.09
CA PHE A 34 12.10 3.91 -2.68
C PHE A 34 12.76 2.58 -2.35
N ALA A 35 12.22 1.50 -2.90
CA ALA A 35 12.76 0.18 -2.70
C ALA A 35 14.11 0.06 -3.37
N ILE A 36 14.20 0.59 -4.59
CA ILE A 36 15.43 0.56 -5.36
C ILE A 36 16.56 1.34 -4.65
N LYS A 37 16.25 2.55 -4.20
CA LYS A 37 17.27 3.38 -3.54
C LYS A 37 17.73 2.80 -2.20
N SER A 38 16.80 2.25 -1.43
CA SER A 38 17.16 1.72 -0.13
C SER A 38 17.77 0.30 -0.27
N GLY A 39 17.36 -0.43 -1.29
CA GLY A 39 17.85 -1.77 -1.47
C GLY A 39 16.90 -2.78 -0.87
N ILE A 40 15.63 -2.55 -1.06
CA ILE A 40 14.58 -3.40 -0.53
C ILE A 40 14.08 -4.29 -1.66
N ASP A 41 13.60 -5.47 -1.33
CA ASP A 41 13.13 -6.42 -2.30
C ASP A 41 11.73 -6.08 -2.79
N ILE A 42 11.68 -5.34 -3.87
CA ILE A 42 10.43 -4.95 -4.49
C ILE A 42 10.05 -6.03 -5.52
N ASP A 43 11.04 -6.83 -5.87
CA ASP A 43 10.86 -7.90 -6.83
C ASP A 43 9.93 -8.96 -6.26
N SER A 44 9.99 -9.16 -4.94
CA SER A 44 9.09 -10.10 -4.26
C SER A 44 7.63 -9.67 -4.40
N ALA A 45 7.42 -8.38 -4.52
CA ALA A 45 6.09 -7.85 -4.64
C ALA A 45 5.59 -8.06 -6.06
N LEU A 46 6.41 -7.67 -7.01
CA LEU A 46 6.09 -7.82 -8.44
C LEU A 46 5.90 -9.30 -8.77
N ASP A 47 6.73 -10.11 -8.16
CA ASP A 47 6.71 -11.57 -8.26
C ASP A 47 5.34 -12.13 -7.85
N ARG A 48 4.75 -11.57 -6.82
CA ARG A 48 3.49 -12.10 -6.35
C ARG A 48 2.31 -11.45 -7.04
N GLY A 49 2.56 -10.35 -7.70
CA GLY A 49 1.53 -9.76 -8.53
C GLY A 49 1.18 -8.34 -8.21
N VAL A 50 2.03 -7.66 -7.47
CA VAL A 50 1.81 -6.25 -7.17
C VAL A 50 2.06 -5.44 -8.43
N ILE A 51 1.10 -4.68 -8.86
CA ILE A 51 1.23 -3.90 -10.07
C ILE A 51 1.69 -2.50 -9.76
N VAL A 52 2.40 -1.91 -10.66
CA VAL A 52 2.88 -0.57 -10.48
C VAL A 52 1.99 0.37 -11.24
N ARG A 53 1.35 1.28 -10.56
CA ARG A 53 0.54 2.24 -11.25
C ARG A 53 1.10 3.61 -11.04
N ALA A 54 1.32 4.28 -12.11
CA ALA A 54 1.79 5.61 -12.08
C ALA A 54 0.77 6.48 -12.73
N PHE A 55 0.43 7.58 -12.11
CA PHE A 55 -0.42 8.52 -12.77
C PHE A 55 0.45 9.46 -13.57
N SER A 56 -0.10 10.11 -14.54
CA SER A 56 0.69 11.01 -15.33
C SER A 56 1.06 12.20 -14.47
N HIS A 57 0.05 12.87 -13.92
CA HIS A 57 0.19 13.99 -12.99
C HIS A 57 -1.14 14.29 -12.35
N LYS A 58 -1.16 14.20 -11.06
CA LYS A 58 -2.32 14.47 -10.25
C LYS A 58 -1.81 15.34 -9.12
N PRO A 59 -2.45 16.48 -8.81
CA PRO A 59 -1.97 17.32 -7.72
C PRO A 59 -2.12 16.60 -6.37
N PRO A 60 -1.02 16.41 -5.63
CA PRO A 60 -1.05 15.82 -4.32
C PRO A 60 -1.21 16.86 -3.23
N LYS A 61 -2.10 16.63 -2.30
CA LYS A 61 -2.25 17.55 -1.21
C LYS A 61 -1.85 16.86 0.06
N VAL A 62 -0.71 17.26 0.58
CA VAL A 62 -0.14 16.74 1.81
C VAL A 62 0.80 17.80 2.35
N GLY A 63 0.86 17.93 3.64
CA GLY A 63 1.73 18.94 4.21
C GLY A 63 2.85 18.32 4.98
N ASN A 64 2.56 17.25 5.66
CA ASN A 64 3.54 16.55 6.50
C ASN A 64 4.20 15.41 5.75
N LEU A 65 3.43 14.78 4.90
CA LEU A 65 3.86 13.58 4.24
C LEU A 65 4.69 13.86 2.99
N PRO A 66 5.71 13.02 2.74
CA PRO A 66 6.56 13.13 1.57
C PRO A 66 5.88 12.53 0.32
N GLN A 67 6.38 12.92 -0.84
CA GLN A 67 5.83 12.51 -2.13
C GLN A 67 5.66 11.02 -2.33
N TYR A 68 6.61 10.21 -1.89
CA TYR A 68 6.46 8.77 -2.07
C TYR A 68 5.25 8.17 -1.33
N GLU A 69 4.98 8.65 -0.11
CA GLU A 69 3.81 8.18 0.62
C GLU A 69 2.57 8.81 -0.01
N SER A 70 2.73 10.07 -0.40
CA SER A 70 1.68 10.86 -1.01
C SER A 70 1.15 10.20 -2.29
N GLU A 71 2.06 9.76 -3.16
CA GLU A 71 1.70 9.11 -4.42
C GLU A 71 0.93 7.83 -4.13
N ALA A 72 1.32 7.11 -3.08
CA ALA A 72 0.63 5.89 -2.67
C ALA A 72 -0.79 6.22 -2.26
N ILE A 73 -0.93 7.22 -1.40
CA ILE A 73 -2.24 7.71 -0.96
C ILE A 73 -3.07 8.18 -2.16
N MET A 74 -2.45 8.93 -3.05
CA MET A 74 -3.12 9.45 -4.24
C MET A 74 -3.63 8.34 -5.12
N VAL A 75 -2.81 7.33 -5.37
CA VAL A 75 -3.25 6.20 -6.19
C VAL A 75 -4.38 5.42 -5.52
N ALA A 76 -4.32 5.32 -4.19
CA ALA A 76 -5.37 4.68 -3.43
C ALA A 76 -6.66 5.50 -3.48
N PHE A 77 -6.49 6.81 -3.53
CA PHE A 77 -7.60 7.74 -3.64
C PHE A 77 -8.23 7.61 -5.04
N GLU A 78 -7.34 7.60 -6.04
CA GLU A 78 -7.70 7.43 -7.46
C GLU A 78 -8.62 6.26 -7.66
N LEU A 79 -8.18 5.12 -7.23
CA LEU A 79 -8.86 3.87 -7.49
C LEU A 79 -9.93 3.58 -6.45
N ASN A 80 -9.85 4.27 -5.31
CA ASN A 80 -10.65 4.01 -4.11
C ASN A 80 -10.33 2.61 -3.66
N ALA A 81 -9.12 2.50 -3.20
CA ALA A 81 -8.54 1.25 -2.87
C ALA A 81 -8.29 1.13 -1.38
N LEU A 82 -7.78 0.00 -1.00
CA LEU A 82 -7.41 -0.29 0.34
C LEU A 82 -5.97 0.17 0.46
N LEU A 83 -5.63 0.94 1.44
CA LEU A 83 -4.26 1.42 1.55
C LEU A 83 -3.56 0.73 2.70
N ILE A 84 -2.47 0.10 2.39
CA ILE A 84 -1.68 -0.57 3.38
C ILE A 84 -0.55 0.36 3.78
N ALA A 85 -0.62 0.87 4.99
CA ALA A 85 0.34 1.84 5.44
C ALA A 85 0.77 1.56 6.86
N GLU A 86 2.04 1.72 7.12
CA GLU A 86 2.56 1.52 8.45
C GLU A 86 2.67 2.81 9.23
N ASP A 87 2.88 3.90 8.53
CA ASP A 87 3.07 5.19 9.17
C ASP A 87 1.75 5.71 9.71
N LYS A 88 1.78 6.11 10.96
CA LYS A 88 0.64 6.58 11.71
C LYS A 88 -0.09 7.74 11.02
N ASP A 89 0.68 8.67 10.48
CA ASP A 89 0.11 9.87 9.89
C ASP A 89 -0.36 9.58 8.49
N VAL A 90 0.35 8.70 7.78
CA VAL A 90 -0.07 8.25 6.45
C VAL A 90 -1.48 7.64 6.55
N ILE A 91 -1.66 6.78 7.55
CA ILE A 91 -2.96 6.16 7.81
C ILE A 91 -4.04 7.22 8.05
N ASN A 92 -3.78 8.14 8.98
CA ASN A 92 -4.79 9.12 9.35
C ASN A 92 -5.05 10.16 8.28
N LYS A 93 -4.04 10.49 7.52
CA LYS A 93 -4.19 11.45 6.45
C LYS A 93 -5.00 10.86 5.30
N ALA A 94 -4.71 9.61 4.96
CA ALA A 94 -5.43 8.93 3.90
C ALA A 94 -6.88 8.70 4.31
N LYS A 95 -7.07 8.50 5.61
CA LYS A 95 -8.38 8.26 6.17
C LYS A 95 -9.26 9.51 5.96
N GLU A 96 -8.64 10.70 6.09
CA GLU A 96 -9.32 12.00 5.83
C GLU A 96 -9.87 12.03 4.42
N LEU A 97 -9.07 11.57 3.49
CA LEU A 97 -9.39 11.61 2.08
C LEU A 97 -10.47 10.57 1.71
N GLY A 98 -10.75 9.67 2.63
CA GLY A 98 -11.78 8.68 2.39
C GLY A 98 -11.20 7.35 1.96
N VAL A 99 -9.93 7.19 2.18
CA VAL A 99 -9.25 5.97 1.83
C VAL A 99 -9.09 5.14 3.09
N ASN A 100 -9.45 3.88 3.02
CA ASN A 100 -9.28 3.03 4.18
C ASN A 100 -7.84 2.56 4.26
N ALA A 101 -7.05 3.34 4.94
CA ALA A 101 -5.67 3.02 5.19
C ALA A 101 -5.59 2.28 6.49
N ILE A 102 -4.95 1.15 6.47
CA ILE A 102 -4.83 0.33 7.64
C ILE A 102 -3.39 -0.17 7.83
N PRO A 103 -2.99 -0.54 9.06
CA PRO A 103 -1.66 -1.09 9.33
C PRO A 103 -1.51 -2.52 8.81
N ILE A 104 -0.26 -2.93 8.55
CA ILE A 104 0.04 -4.26 8.01
C ILE A 104 -0.54 -5.39 8.86
N GLU A 105 -0.39 -5.30 10.16
CA GLU A 105 -0.85 -6.35 11.04
C GLU A 105 -2.38 -6.45 11.05
N GLU A 106 -3.06 -5.36 10.73
CA GLU A 106 -4.52 -5.41 10.65
C GLU A 106 -4.92 -6.01 9.30
N LEU A 107 -4.07 -5.80 8.30
CA LEU A 107 -4.27 -6.40 6.98
C LEU A 107 -4.09 -7.92 7.14
N LEU A 108 -3.19 -8.30 8.02
CA LEU A 108 -2.96 -9.69 8.34
C LEU A 108 -4.11 -10.23 9.19
N ALA A 109 -4.70 -9.37 10.00
CA ALA A 109 -5.83 -9.75 10.84
C ALA A 109 -7.09 -9.96 10.00
N SER A 110 -7.15 -9.29 8.87
CA SER A 110 -8.27 -9.40 7.97
C SER A 110 -7.92 -10.32 6.79
N SER A 111 -6.98 -11.24 7.04
CA SER A 111 -6.51 -12.18 6.04
C SER A 111 -7.53 -13.30 5.75
N LEU A 112 -8.69 -13.24 6.42
CA LEU A 112 -9.82 -14.16 6.22
C LEU A 112 -9.45 -15.58 6.64
N GLU A 113 -8.60 -15.66 7.65
CA GLU A 113 -8.15 -16.93 8.19
C GLU A 113 -9.16 -17.42 9.20
N HIS A 114 -9.87 -16.46 9.78
CA HIS A 114 -10.86 -16.67 10.81
C HIS A 114 -10.18 -17.22 12.07
N HIS A 115 -9.52 -16.34 12.76
CA HIS A 115 -8.88 -16.68 14.00
C HIS A 115 -9.74 -16.23 15.14
N HIS A 116 -9.94 -17.11 16.07
CA HIS A 116 -10.76 -16.84 17.23
C HIS A 116 -10.04 -15.82 18.10
N HIS A 117 -10.81 -14.93 18.72
CA HIS A 117 -10.26 -13.89 19.59
C HIS A 117 -9.47 -14.58 20.69
N HIS A 118 -8.20 -14.42 20.64
CA HIS A 118 -7.28 -15.09 21.52
C HIS A 118 -6.52 -14.08 22.33
N HIS A 119 -5.97 -14.51 23.43
CA HIS A 119 -5.24 -13.62 24.29
C HIS A 119 -3.81 -14.11 24.35
N MET A 1 -10.64 -5.78 -5.92
CA MET A 1 -10.29 -4.56 -5.23
C MET A 1 -8.79 -4.42 -5.21
N PHE A 2 -8.30 -3.22 -5.35
CA PHE A 2 -6.89 -2.97 -5.35
C PHE A 2 -6.41 -2.74 -3.93
N ALA A 3 -5.15 -2.97 -3.71
CA ALA A 3 -4.52 -2.72 -2.45
C ALA A 3 -3.22 -2.01 -2.71
N VAL A 4 -3.16 -0.76 -2.36
CA VAL A 4 -2.00 0.03 -2.66
C VAL A 4 -1.05 0.04 -1.46
N ILE A 5 0.19 -0.24 -1.75
CA ILE A 5 1.22 -0.35 -0.74
C ILE A 5 1.98 0.98 -0.62
N SER A 6 2.13 1.46 0.59
CA SER A 6 2.89 2.66 0.85
C SER A 6 4.36 2.29 1.14
N PRO A 7 5.34 3.19 0.85
CA PRO A 7 6.78 2.92 1.10
C PRO A 7 7.11 2.57 2.56
N SER A 8 6.30 3.02 3.49
CA SER A 8 6.45 2.67 4.89
C SER A 8 6.11 1.19 5.14
N ALA A 9 5.42 0.59 4.21
CA ALA A 9 4.99 -0.79 4.32
C ALA A 9 5.96 -1.73 3.61
N PHE A 10 7.10 -1.21 3.19
CA PHE A 10 8.11 -2.01 2.50
C PHE A 10 8.71 -3.05 3.42
N GLY A 11 9.01 -4.20 2.85
CA GLY A 11 9.57 -5.33 3.59
C GLY A 11 8.50 -6.13 4.30
N LYS A 12 7.50 -5.43 4.79
CA LYS A 12 6.38 -6.04 5.47
C LYS A 12 5.32 -6.39 4.42
N LEU A 13 5.52 -5.84 3.22
CA LEU A 13 4.61 -6.05 2.10
C LEU A 13 4.51 -7.52 1.66
N LYS A 14 5.54 -8.28 1.95
CA LYS A 14 5.54 -9.70 1.61
C LYS A 14 4.63 -10.47 2.56
N GLU A 15 4.46 -9.91 3.74
CA GLU A 15 3.66 -10.53 4.78
C GLU A 15 2.18 -10.36 4.48
N ILE A 16 1.78 -9.14 4.10
CA ILE A 16 0.39 -8.90 3.70
C ILE A 16 0.03 -9.68 2.46
N LEU A 17 0.99 -9.77 1.58
CA LEU A 17 0.81 -10.46 0.33
C LEU A 17 0.60 -11.95 0.58
N GLY A 18 1.53 -12.58 1.28
CA GLY A 18 1.47 -14.01 1.48
C GLY A 18 0.45 -14.47 2.52
N SER A 19 0.00 -13.60 3.39
CA SER A 19 -0.91 -14.00 4.44
C SER A 19 -2.35 -13.54 4.19
N ASN A 20 -2.58 -12.80 3.12
CA ASN A 20 -3.93 -12.31 2.83
C ASN A 20 -4.34 -12.69 1.41
N LYS A 21 -3.55 -12.25 0.42
CA LYS A 21 -3.74 -12.54 -1.01
C LYS A 21 -5.08 -12.03 -1.60
N ASN A 22 -5.26 -12.26 -2.90
CA ASN A 22 -6.50 -11.98 -3.67
C ASN A 22 -6.74 -10.51 -3.98
N TYR A 23 -6.05 -9.65 -3.30
CA TYR A 23 -6.10 -8.25 -3.63
C TYR A 23 -5.20 -8.01 -4.79
N LYS A 24 -5.51 -7.01 -5.54
CA LYS A 24 -4.63 -6.63 -6.59
C LYS A 24 -3.73 -5.57 -6.01
N PHE A 25 -2.57 -6.00 -5.61
CA PHE A 25 -1.63 -5.14 -4.96
C PHE A 25 -0.96 -4.23 -5.97
N VAL A 26 -1.01 -2.98 -5.66
CA VAL A 26 -0.48 -1.94 -6.49
C VAL A 26 0.58 -1.20 -5.71
N ILE A 27 1.70 -1.03 -6.33
CA ILE A 27 2.78 -0.32 -5.73
C ILE A 27 3.02 0.92 -6.63
N THR A 28 3.39 2.02 -6.04
CA THR A 28 3.55 3.25 -6.77
C THR A 28 4.90 3.37 -7.48
N THR A 29 5.01 4.39 -8.32
CA THR A 29 6.20 4.66 -9.06
C THR A 29 7.30 5.20 -8.16
N LEU A 30 6.91 6.06 -7.22
CA LEU A 30 7.84 6.58 -6.25
C LEU A 30 8.24 5.48 -5.28
N GLY A 31 7.32 4.55 -5.09
CA GLY A 31 7.57 3.43 -4.24
C GLY A 31 8.66 2.54 -4.79
N VAL A 32 8.54 2.11 -6.04
CA VAL A 32 9.56 1.25 -6.64
C VAL A 32 10.93 1.91 -6.68
N SER A 33 10.97 3.19 -7.04
CA SER A 33 12.21 3.92 -7.10
C SER A 33 12.84 4.02 -5.69
N PHE A 34 11.99 4.19 -4.67
CA PHE A 34 12.45 4.26 -3.29
C PHE A 34 13.02 2.92 -2.86
N ALA A 35 12.39 1.84 -3.29
CA ALA A 35 12.85 0.51 -2.98
C ALA A 35 14.20 0.24 -3.65
N ILE A 36 14.30 0.59 -4.93
CA ILE A 36 15.53 0.40 -5.71
C ILE A 36 16.73 1.11 -5.06
N LYS A 37 16.55 2.39 -4.77
CA LYS A 37 17.64 3.20 -4.22
C LYS A 37 18.01 2.81 -2.78
N SER A 38 17.08 2.20 -2.08
CA SER A 38 17.34 1.77 -0.73
C SER A 38 17.88 0.32 -0.70
N GLY A 39 17.59 -0.44 -1.74
CA GLY A 39 18.05 -1.81 -1.82
C GLY A 39 17.07 -2.78 -1.20
N ILE A 40 15.81 -2.43 -1.28
CA ILE A 40 14.74 -3.23 -0.71
C ILE A 40 14.23 -4.18 -1.79
N ASP A 41 13.97 -5.42 -1.41
CA ASP A 41 13.55 -6.45 -2.36
C ASP A 41 12.12 -6.21 -2.87
N ILE A 42 12.04 -5.45 -3.92
CA ILE A 42 10.77 -5.13 -4.53
C ILE A 42 10.40 -6.22 -5.55
N ASP A 43 11.41 -6.98 -5.99
CA ASP A 43 11.23 -8.04 -6.98
C ASP A 43 10.27 -9.08 -6.49
N SER A 44 10.39 -9.42 -5.22
CA SER A 44 9.56 -10.42 -4.57
C SER A 44 8.06 -10.06 -4.67
N ALA A 45 7.77 -8.77 -4.60
CA ALA A 45 6.42 -8.28 -4.67
C ALA A 45 5.94 -8.31 -6.11
N LEU A 46 6.75 -7.74 -6.99
CA LEU A 46 6.44 -7.63 -8.40
C LEU A 46 6.21 -9.01 -9.01
N ASP A 47 7.04 -9.95 -8.62
CA ASP A 47 6.95 -11.34 -9.07
C ASP A 47 5.61 -11.97 -8.71
N ARG A 48 5.20 -11.81 -7.46
CA ARG A 48 3.99 -12.43 -6.96
C ARG A 48 2.70 -11.77 -7.44
N GLY A 49 2.80 -10.64 -8.10
CA GLY A 49 1.61 -10.06 -8.68
C GLY A 49 1.34 -8.64 -8.26
N VAL A 50 2.31 -8.00 -7.64
CA VAL A 50 2.17 -6.60 -7.31
C VAL A 50 2.53 -5.79 -8.56
N ILE A 51 1.62 -4.97 -9.01
CA ILE A 51 1.82 -4.19 -10.21
C ILE A 51 2.17 -2.75 -9.85
N VAL A 52 2.87 -2.10 -10.73
CA VAL A 52 3.30 -0.73 -10.50
C VAL A 52 2.35 0.18 -11.24
N ARG A 53 1.82 1.18 -10.57
CA ARG A 53 0.94 2.09 -11.24
C ARG A 53 1.30 3.51 -10.88
N ALA A 54 1.22 4.38 -11.84
CA ALA A 54 1.47 5.78 -11.64
C ALA A 54 0.17 6.47 -11.27
N PHE A 55 0.28 7.59 -10.62
CA PHE A 55 -0.87 8.36 -10.23
C PHE A 55 -1.34 9.17 -11.44
N SER A 56 -2.55 8.90 -11.90
CA SER A 56 -3.06 9.50 -13.11
C SER A 56 -3.86 10.79 -12.84
N HIS A 57 -4.37 10.88 -11.64
CA HIS A 57 -5.17 12.00 -11.18
C HIS A 57 -4.22 13.16 -10.78
N LYS A 58 -4.77 14.34 -10.55
CA LYS A 58 -3.95 15.49 -10.16
C LYS A 58 -3.61 15.45 -8.67
N PRO A 59 -2.33 15.63 -8.31
CA PRO A 59 -1.87 15.55 -6.91
C PRO A 59 -2.21 16.78 -6.06
N PRO A 60 -2.91 16.55 -4.94
CA PRO A 60 -3.18 17.58 -3.93
C PRO A 60 -1.94 17.91 -3.08
N LYS A 61 -2.05 18.91 -2.27
CA LYS A 61 -0.94 19.39 -1.45
C LYS A 61 -0.81 18.62 -0.15
N VAL A 62 0.41 18.28 0.20
CA VAL A 62 0.74 17.62 1.45
C VAL A 62 2.00 18.26 2.02
N GLY A 63 2.07 18.36 3.32
CA GLY A 63 3.24 18.93 3.94
C GLY A 63 3.93 17.96 4.85
N ASN A 64 3.16 17.38 5.74
CA ASN A 64 3.64 16.41 6.73
C ASN A 64 4.22 15.17 6.06
N LEU A 65 3.53 14.67 5.08
CA LEU A 65 3.91 13.45 4.45
C LEU A 65 4.73 13.69 3.21
N PRO A 66 5.74 12.84 2.97
CA PRO A 66 6.51 12.87 1.74
C PRO A 66 5.61 12.52 0.55
N GLN A 67 5.99 12.97 -0.62
CA GLN A 67 5.24 12.71 -1.82
C GLN A 67 5.16 11.23 -2.11
N TYR A 68 6.21 10.47 -1.76
CA TYR A 68 6.18 9.02 -1.98
C TYR A 68 5.06 8.32 -1.18
N GLU A 69 4.85 8.74 0.07
CA GLU A 69 3.76 8.19 0.88
C GLU A 69 2.43 8.66 0.28
N SER A 70 2.40 9.93 -0.09
CA SER A 70 1.23 10.57 -0.61
C SER A 70 0.81 10.01 -1.99
N GLU A 71 1.79 9.54 -2.78
CA GLU A 71 1.49 8.94 -4.06
C GLU A 71 0.73 7.65 -3.82
N ALA A 72 1.14 6.90 -2.81
CA ALA A 72 0.47 5.67 -2.44
C ALA A 72 -0.96 5.97 -2.02
N ILE A 73 -1.09 6.98 -1.16
CA ILE A 73 -2.40 7.45 -0.69
C ILE A 73 -3.29 7.81 -1.88
N MET A 74 -2.76 8.61 -2.76
CA MET A 74 -3.51 9.08 -3.88
C MET A 74 -3.82 8.05 -4.95
N VAL A 75 -2.94 7.09 -5.15
CA VAL A 75 -3.27 6.00 -6.08
C VAL A 75 -4.42 5.17 -5.47
N ALA A 76 -4.39 5.04 -4.15
CA ALA A 76 -5.44 4.35 -3.44
C ALA A 76 -6.73 5.15 -3.48
N PHE A 77 -6.61 6.46 -3.47
CA PHE A 77 -7.76 7.35 -3.57
C PHE A 77 -8.36 7.27 -4.97
N GLU A 78 -7.50 7.39 -5.97
CA GLU A 78 -7.90 7.36 -7.37
C GLU A 78 -8.62 6.07 -7.74
N LEU A 79 -8.10 4.95 -7.30
CA LEU A 79 -8.69 3.65 -7.61
C LEU A 79 -9.79 3.31 -6.63
N ASN A 80 -9.78 4.00 -5.49
CA ASN A 80 -10.62 3.70 -4.33
C ASN A 80 -10.29 2.30 -3.86
N ALA A 81 -9.09 2.21 -3.38
CA ALA A 81 -8.50 0.97 -3.02
C ALA A 81 -8.25 0.90 -1.54
N LEU A 82 -7.74 -0.21 -1.12
CA LEU A 82 -7.42 -0.45 0.25
C LEU A 82 -5.98 0.01 0.40
N LEU A 83 -5.72 0.96 1.28
CA LEU A 83 -4.37 1.45 1.43
C LEU A 83 -3.71 0.77 2.60
N ILE A 84 -2.55 0.23 2.33
CA ILE A 84 -1.81 -0.46 3.33
C ILE A 84 -0.55 0.33 3.65
N ALA A 85 -0.45 0.78 4.87
CA ALA A 85 0.66 1.59 5.31
C ALA A 85 1.04 1.21 6.73
N GLU A 86 2.28 1.41 7.08
CA GLU A 86 2.77 1.07 8.41
C GLU A 86 2.86 2.28 9.31
N ASP A 87 2.86 3.46 8.73
CA ASP A 87 2.95 4.69 9.50
C ASP A 87 1.57 5.23 9.79
N LYS A 88 1.31 5.49 11.05
CA LYS A 88 0.01 5.89 11.52
C LYS A 88 -0.40 7.29 11.05
N ASP A 89 0.54 8.16 10.74
CA ASP A 89 0.18 9.51 10.31
C ASP A 89 -0.20 9.48 8.85
N VAL A 90 0.49 8.62 8.10
CA VAL A 90 0.14 8.36 6.70
C VAL A 90 -1.28 7.81 6.65
N ILE A 91 -1.53 6.80 7.49
CA ILE A 91 -2.83 6.16 7.62
C ILE A 91 -3.90 7.19 7.98
N ASN A 92 -3.60 8.01 8.97
CA ASN A 92 -4.53 9.03 9.43
C ASN A 92 -4.86 10.04 8.35
N LYS A 93 -3.82 10.57 7.72
CA LYS A 93 -3.96 11.61 6.69
C LYS A 93 -4.81 11.07 5.53
N ALA A 94 -4.52 9.84 5.13
CA ALA A 94 -5.23 9.18 4.07
C ALA A 94 -6.69 8.96 4.44
N LYS A 95 -6.92 8.58 5.67
CA LYS A 95 -8.24 8.28 6.13
C LYS A 95 -9.10 9.54 6.24
N GLU A 96 -8.46 10.67 6.55
CA GLU A 96 -9.13 11.98 6.57
C GLU A 96 -9.63 12.32 5.18
N LEU A 97 -8.86 11.90 4.18
CA LEU A 97 -9.15 12.17 2.79
C LEU A 97 -10.19 11.20 2.25
N GLY A 98 -10.49 10.17 3.02
CA GLY A 98 -11.50 9.23 2.61
C GLY A 98 -10.93 7.92 2.13
N VAL A 99 -9.67 7.71 2.36
CA VAL A 99 -9.03 6.48 1.96
C VAL A 99 -8.95 5.55 3.15
N ASN A 100 -9.42 4.34 2.99
CA ASN A 100 -9.34 3.38 4.07
C ASN A 100 -7.94 2.80 4.14
N ALA A 101 -7.14 3.45 4.91
CA ALA A 101 -5.79 3.04 5.16
C ALA A 101 -5.74 2.33 6.47
N ILE A 102 -5.03 1.24 6.51
CA ILE A 102 -4.87 0.48 7.73
C ILE A 102 -3.45 -0.05 7.87
N PRO A 103 -2.98 -0.29 9.10
CA PRO A 103 -1.69 -0.91 9.36
C PRO A 103 -1.64 -2.35 8.80
N ILE A 104 -0.46 -2.83 8.51
CA ILE A 104 -0.26 -4.15 7.93
C ILE A 104 -0.86 -5.29 8.73
N GLU A 105 -0.69 -5.25 10.01
CA GLU A 105 -1.20 -6.33 10.83
C GLU A 105 -2.72 -6.28 10.95
N GLU A 106 -3.30 -5.12 10.66
CA GLU A 106 -4.75 -4.98 10.65
C GLU A 106 -5.27 -5.58 9.34
N LEU A 107 -4.47 -5.45 8.28
CA LEU A 107 -4.77 -6.06 6.99
C LEU A 107 -4.70 -7.58 7.15
N LEU A 108 -3.70 -8.03 7.90
CA LEU A 108 -3.57 -9.45 8.21
C LEU A 108 -4.81 -9.91 8.97
N ALA A 109 -5.21 -9.11 9.95
CA ALA A 109 -6.39 -9.39 10.78
C ALA A 109 -7.69 -9.40 9.97
N SER A 110 -7.68 -8.76 8.81
CA SER A 110 -8.85 -8.69 7.93
C SER A 110 -9.06 -10.05 7.20
N SER A 111 -8.11 -10.93 7.35
CA SER A 111 -8.20 -12.26 6.81
C SER A 111 -8.04 -13.26 7.96
N LEU A 112 -7.20 -12.90 8.90
CA LEU A 112 -6.86 -13.73 10.02
C LEU A 112 -7.04 -12.94 11.31
N GLU A 113 -8.19 -13.06 11.93
CA GLU A 113 -8.38 -12.39 13.21
C GLU A 113 -7.64 -13.18 14.26
N HIS A 114 -7.59 -14.48 14.06
CA HIS A 114 -6.71 -15.33 14.81
C HIS A 114 -5.52 -15.57 13.91
N HIS A 115 -4.37 -15.21 14.39
CA HIS A 115 -3.13 -15.19 13.61
C HIS A 115 -2.64 -16.60 13.27
N HIS A 116 -3.26 -17.20 12.25
CA HIS A 116 -2.95 -18.55 11.81
C HIS A 116 -1.66 -18.57 10.98
N HIS A 117 -1.51 -17.59 10.09
CA HIS A 117 -0.26 -17.47 9.34
C HIS A 117 0.78 -16.89 10.27
N HIS A 118 1.83 -17.62 10.50
CA HIS A 118 2.84 -17.19 11.44
C HIS A 118 4.04 -16.68 10.70
N HIS A 119 4.48 -15.51 11.05
CA HIS A 119 5.65 -14.91 10.47
C HIS A 119 6.20 -13.90 11.44
N MET A 1 -10.48 -6.21 -5.31
CA MET A 1 -10.31 -4.84 -4.84
C MET A 1 -8.83 -4.54 -4.90
N PHE A 2 -8.47 -3.31 -5.14
CA PHE A 2 -7.09 -2.94 -5.22
C PHE A 2 -6.58 -2.61 -3.83
N ALA A 3 -5.33 -2.88 -3.59
CA ALA A 3 -4.69 -2.57 -2.34
C ALA A 3 -3.38 -1.90 -2.64
N VAL A 4 -3.30 -0.63 -2.36
CA VAL A 4 -2.13 0.14 -2.66
C VAL A 4 -1.21 0.14 -1.46
N ILE A 5 0.04 -0.12 -1.72
CA ILE A 5 1.04 -0.21 -0.71
C ILE A 5 1.76 1.13 -0.55
N SER A 6 1.87 1.59 0.66
CA SER A 6 2.64 2.76 0.94
C SER A 6 4.09 2.35 1.23
N PRO A 7 5.08 3.22 0.97
CA PRO A 7 6.52 2.93 1.21
C PRO A 7 6.85 2.54 2.68
N SER A 8 5.90 2.77 3.57
CA SER A 8 6.05 2.44 4.97
C SER A 8 5.76 0.97 5.23
N ALA A 9 5.25 0.27 4.23
CA ALA A 9 4.81 -1.10 4.38
C ALA A 9 5.82 -2.09 3.80
N PHE A 10 7.00 -1.61 3.49
CA PHE A 10 8.01 -2.48 2.91
C PHE A 10 8.63 -3.38 3.96
N GLY A 11 9.10 -4.52 3.51
CA GLY A 11 9.66 -5.54 4.38
C GLY A 11 8.57 -6.49 4.87
N LYS A 12 7.40 -5.95 5.12
CA LYS A 12 6.22 -6.71 5.43
C LYS A 12 5.42 -6.92 4.17
N LEU A 13 5.95 -6.34 3.12
CA LEU A 13 5.42 -6.40 1.78
C LEU A 13 5.21 -7.85 1.33
N LYS A 14 6.13 -8.70 1.73
CA LYS A 14 6.08 -10.12 1.39
C LYS A 14 4.99 -10.81 2.22
N GLU A 15 4.91 -10.45 3.49
CA GLU A 15 3.97 -11.06 4.41
C GLU A 15 2.53 -10.74 4.05
N ILE A 16 2.21 -9.47 3.85
CA ILE A 16 0.82 -9.06 3.50
C ILE A 16 0.37 -9.72 2.20
N LEU A 17 1.29 -9.78 1.25
CA LEU A 17 1.03 -10.32 -0.05
C LEU A 17 0.77 -11.82 0.02
N GLY A 18 1.61 -12.55 0.72
CA GLY A 18 1.49 -13.99 0.77
C GLY A 18 0.47 -14.49 1.79
N SER A 19 0.33 -13.78 2.89
CA SER A 19 -0.55 -14.19 3.97
C SER A 19 -2.02 -13.93 3.62
N ASN A 20 -2.30 -12.74 3.10
CA ASN A 20 -3.68 -12.43 2.81
C ASN A 20 -4.03 -12.78 1.39
N LYS A 21 -3.16 -12.38 0.42
CA LYS A 21 -3.47 -12.53 -1.02
C LYS A 21 -4.77 -11.75 -1.23
N ASN A 22 -5.67 -12.26 -2.08
CA ASN A 22 -7.08 -11.77 -2.15
C ASN A 22 -7.25 -10.33 -2.72
N TYR A 23 -6.21 -9.59 -2.80
CA TYR A 23 -6.28 -8.24 -3.30
C TYR A 23 -5.34 -8.05 -4.46
N LYS A 24 -5.62 -7.08 -5.27
CA LYS A 24 -4.72 -6.71 -6.32
C LYS A 24 -3.84 -5.62 -5.75
N PHE A 25 -2.68 -6.02 -5.32
CA PHE A 25 -1.76 -5.10 -4.69
C PHE A 25 -1.10 -4.22 -5.71
N VAL A 26 -1.11 -2.94 -5.45
CA VAL A 26 -0.57 -1.95 -6.33
C VAL A 26 0.48 -1.13 -5.59
N ILE A 27 1.59 -0.92 -6.23
CA ILE A 27 2.62 -0.10 -5.69
C ILE A 27 2.82 1.09 -6.64
N THR A 28 3.26 2.18 -6.12
CA THR A 28 3.43 3.38 -6.89
C THR A 28 4.83 3.48 -7.50
N THR A 29 5.00 4.44 -8.38
CA THR A 29 6.28 4.69 -8.99
C THR A 29 7.32 5.19 -7.98
N LEU A 30 6.89 6.00 -7.04
CA LEU A 30 7.79 6.44 -5.98
C LEU A 30 7.98 5.34 -4.96
N GLY A 31 7.04 4.40 -4.94
CA GLY A 31 7.14 3.26 -4.07
C GLY A 31 8.23 2.31 -4.54
N VAL A 32 8.19 1.95 -5.82
CA VAL A 32 9.19 1.04 -6.38
C VAL A 32 10.59 1.66 -6.34
N SER A 33 10.69 2.95 -6.61
CA SER A 33 11.97 3.62 -6.61
C SER A 33 12.53 3.75 -5.20
N PHE A 34 11.64 3.95 -4.21
CA PHE A 34 12.07 4.02 -2.82
C PHE A 34 12.61 2.67 -2.40
N ALA A 35 11.99 1.62 -2.88
CA ALA A 35 12.44 0.27 -2.60
C ALA A 35 13.79 0.01 -3.28
N ILE A 36 13.90 0.40 -4.54
CA ILE A 36 15.14 0.23 -5.31
C ILE A 36 16.34 0.94 -4.64
N LYS A 37 16.17 2.21 -4.28
CA LYS A 37 17.26 2.98 -3.67
C LYS A 37 17.62 2.48 -2.27
N SER A 38 16.67 1.89 -1.59
CA SER A 38 16.90 1.39 -0.25
C SER A 38 17.35 -0.07 -0.28
N GLY A 39 17.33 -0.67 -1.47
CA GLY A 39 17.74 -2.05 -1.63
C GLY A 39 16.75 -3.02 -1.05
N ILE A 40 15.50 -2.74 -1.24
CA ILE A 40 14.42 -3.57 -0.73
C ILE A 40 13.89 -4.46 -1.84
N ASP A 41 13.45 -5.66 -1.49
CA ASP A 41 12.90 -6.61 -2.45
C ASP A 41 11.52 -6.17 -2.92
N ILE A 42 11.51 -5.35 -3.92
CA ILE A 42 10.27 -4.95 -4.55
C ILE A 42 9.99 -5.93 -5.69
N ASP A 43 11.07 -6.52 -6.15
CA ASP A 43 11.08 -7.49 -7.23
C ASP A 43 10.28 -8.73 -6.87
N SER A 44 10.42 -9.17 -5.64
CA SER A 44 9.73 -10.36 -5.18
C SER A 44 8.22 -10.07 -5.03
N ALA A 45 7.90 -8.81 -4.78
CA ALA A 45 6.52 -8.41 -4.63
C ALA A 45 5.86 -8.37 -6.01
N LEU A 46 6.55 -7.75 -6.95
CA LEU A 46 6.08 -7.65 -8.33
C LEU A 46 5.87 -9.05 -8.88
N ASP A 47 6.84 -9.92 -8.59
CA ASP A 47 6.83 -11.32 -8.99
C ASP A 47 5.55 -12.03 -8.54
N ARG A 48 5.19 -11.84 -7.29
CA ARG A 48 4.06 -12.56 -6.71
C ARG A 48 2.72 -11.88 -6.99
N GLY A 49 2.73 -10.79 -7.73
CA GLY A 49 1.47 -10.23 -8.18
C GLY A 49 1.22 -8.78 -7.83
N VAL A 50 2.20 -8.09 -7.28
CA VAL A 50 2.03 -6.68 -7.03
C VAL A 50 2.30 -5.91 -8.32
N ILE A 51 1.38 -5.06 -8.70
CA ILE A 51 1.52 -4.28 -9.92
C ILE A 51 1.93 -2.87 -9.58
N VAL A 52 2.49 -2.18 -10.53
CA VAL A 52 2.95 -0.82 -10.31
C VAL A 52 2.13 0.14 -11.17
N ARG A 53 1.74 1.27 -10.60
CA ARG A 53 1.03 2.28 -11.36
C ARG A 53 1.52 3.65 -10.94
N ALA A 54 1.67 4.53 -11.90
CA ALA A 54 2.01 5.89 -11.63
C ALA A 54 0.74 6.69 -11.44
N PHE A 55 0.81 7.74 -10.67
CA PHE A 55 -0.31 8.58 -10.48
C PHE A 55 -0.36 9.56 -11.63
N SER A 56 -1.33 9.36 -12.50
CA SER A 56 -1.47 10.13 -13.73
C SER A 56 -1.67 11.64 -13.43
N HIS A 57 -2.35 11.93 -12.33
CA HIS A 57 -2.62 13.30 -11.95
C HIS A 57 -1.37 13.85 -11.29
N LYS A 58 -1.21 15.12 -11.33
CA LYS A 58 -0.09 15.75 -10.67
C LYS A 58 -0.58 16.24 -9.30
N PRO A 59 -0.10 15.61 -8.24
CA PRO A 59 -0.54 15.90 -6.88
C PRO A 59 0.11 17.16 -6.31
N PRO A 60 -0.52 17.80 -5.32
CA PRO A 60 0.07 18.94 -4.65
C PRO A 60 1.05 18.50 -3.57
N LYS A 61 1.77 19.45 -3.02
CA LYS A 61 2.68 19.16 -1.93
C LYS A 61 1.90 19.14 -0.64
N VAL A 62 1.98 18.04 0.04
CA VAL A 62 1.27 17.84 1.27
C VAL A 62 2.05 18.47 2.41
N GLY A 63 1.40 19.33 3.15
CA GLY A 63 2.01 20.00 4.26
C GLY A 63 2.03 19.13 5.49
N ASN A 64 2.74 18.02 5.39
CA ASN A 64 2.94 17.06 6.47
C ASN A 64 3.78 15.92 5.94
N LEU A 65 3.30 15.31 4.88
CA LEU A 65 3.94 14.15 4.30
C LEU A 65 4.61 14.50 2.98
N PRO A 66 5.80 13.91 2.73
CA PRO A 66 6.49 14.03 1.46
C PRO A 66 5.71 13.35 0.31
N GLN A 67 6.15 13.58 -0.90
CA GLN A 67 5.44 13.12 -2.09
C GLN A 67 5.39 11.59 -2.23
N TYR A 68 6.34 10.85 -1.66
CA TYR A 68 6.35 9.41 -1.89
C TYR A 68 5.24 8.63 -1.19
N GLU A 69 4.98 8.94 0.06
CA GLU A 69 3.92 8.23 0.76
C GLU A 69 2.60 8.79 0.31
N SER A 70 2.60 10.06 0.00
CA SER A 70 1.42 10.73 -0.48
C SER A 70 1.02 10.21 -1.87
N GLU A 71 2.00 9.72 -2.66
CA GLU A 71 1.70 9.16 -3.97
C GLU A 71 0.89 7.89 -3.79
N ALA A 72 1.27 7.11 -2.78
CA ALA A 72 0.54 5.89 -2.44
C ALA A 72 -0.90 6.23 -2.07
N ILE A 73 -1.05 7.24 -1.21
CA ILE A 73 -2.37 7.74 -0.81
C ILE A 73 -3.18 8.19 -2.04
N MET A 74 -2.55 8.93 -2.92
CA MET A 74 -3.20 9.46 -4.12
C MET A 74 -3.66 8.35 -5.06
N VAL A 75 -2.84 7.33 -5.25
CA VAL A 75 -3.22 6.22 -6.11
C VAL A 75 -4.33 5.40 -5.45
N ALA A 76 -4.28 5.28 -4.13
CA ALA A 76 -5.33 4.60 -3.39
C ALA A 76 -6.64 5.36 -3.52
N PHE A 77 -6.54 6.67 -3.51
CA PHE A 77 -7.69 7.55 -3.68
C PHE A 77 -8.26 7.39 -5.10
N GLU A 78 -7.38 7.31 -6.07
CA GLU A 78 -7.71 7.17 -7.48
C GLU A 78 -8.42 5.83 -7.75
N LEU A 79 -7.91 4.77 -7.15
CA LEU A 79 -8.46 3.43 -7.35
C LEU A 79 -9.58 3.14 -6.40
N ASN A 80 -9.74 4.02 -5.41
CA ASN A 80 -10.73 3.85 -4.31
C ASN A 80 -10.36 2.54 -3.60
N ALA A 81 -9.08 2.37 -3.48
CA ALA A 81 -8.49 1.14 -3.04
C ALA A 81 -8.30 1.09 -1.55
N LEU A 82 -7.80 -0.02 -1.12
CA LEU A 82 -7.46 -0.27 0.24
C LEU A 82 -6.02 0.19 0.37
N LEU A 83 -5.72 1.05 1.29
CA LEU A 83 -4.37 1.51 1.44
C LEU A 83 -3.70 0.82 2.62
N ILE A 84 -2.61 0.16 2.35
CA ILE A 84 -1.87 -0.50 3.38
C ILE A 84 -0.68 0.36 3.74
N ALA A 85 -0.67 0.87 4.93
CA ALA A 85 0.36 1.75 5.38
C ALA A 85 0.72 1.43 6.81
N GLU A 86 1.87 1.85 7.22
CA GLU A 86 2.32 1.61 8.57
C GLU A 86 2.45 2.87 9.36
N ASP A 87 2.73 3.95 8.69
CA ASP A 87 2.96 5.19 9.39
C ASP A 87 1.69 5.87 9.82
N LYS A 88 1.75 6.38 11.03
CA LYS A 88 0.70 7.11 11.72
C LYS A 88 0.07 8.15 10.81
N ASP A 89 0.91 9.03 10.27
CA ASP A 89 0.48 10.15 9.50
C ASP A 89 0.00 9.75 8.14
N VAL A 90 0.66 8.77 7.55
CA VAL A 90 0.27 8.27 6.24
C VAL A 90 -1.15 7.69 6.30
N ILE A 91 -1.39 6.81 7.27
CA ILE A 91 -2.72 6.21 7.46
C ILE A 91 -3.74 7.30 7.75
N ASN A 92 -3.37 8.22 8.62
CA ASN A 92 -4.27 9.29 9.06
C ASN A 92 -4.64 10.22 7.92
N LYS A 93 -3.68 10.55 7.06
CA LYS A 93 -3.92 11.50 5.98
C LYS A 93 -4.88 10.89 4.96
N ALA A 94 -4.70 9.62 4.70
CA ALA A 94 -5.59 8.91 3.81
C ALA A 94 -6.97 8.82 4.42
N LYS A 95 -7.01 8.63 5.74
CA LYS A 95 -8.25 8.54 6.49
C LYS A 95 -8.96 9.90 6.45
N GLU A 96 -8.18 10.98 6.46
CA GLU A 96 -8.69 12.36 6.32
C GLU A 96 -9.47 12.51 5.02
N LEU A 97 -8.93 11.91 3.97
CA LEU A 97 -9.53 11.99 2.64
C LEU A 97 -10.68 11.00 2.48
N GLY A 98 -10.82 10.10 3.42
CA GLY A 98 -11.88 9.12 3.38
C GLY A 98 -11.45 7.84 2.70
N VAL A 99 -10.16 7.65 2.57
CA VAL A 99 -9.62 6.45 1.97
C VAL A 99 -9.42 5.44 3.08
N ASN A 100 -9.73 4.19 2.82
CA ASN A 100 -9.58 3.17 3.83
C ASN A 100 -8.14 2.69 3.90
N ALA A 101 -7.40 3.35 4.73
CA ALA A 101 -6.03 3.02 4.99
C ALA A 101 -5.96 2.32 6.33
N ILE A 102 -5.29 1.21 6.36
CA ILE A 102 -5.16 0.43 7.56
C ILE A 102 -3.72 -0.02 7.78
N PRO A 103 -3.33 -0.29 9.04
CA PRO A 103 -2.00 -0.81 9.37
C PRO A 103 -1.85 -2.27 8.90
N ILE A 104 -0.62 -2.70 8.78
CA ILE A 104 -0.30 -4.05 8.29
C ILE A 104 -0.91 -5.15 9.15
N GLU A 105 -0.84 -5.03 10.46
CA GLU A 105 -1.39 -6.04 11.34
C GLU A 105 -2.90 -6.17 11.21
N GLU A 106 -3.56 -5.10 10.77
CA GLU A 106 -5.00 -5.08 10.57
C GLU A 106 -5.29 -5.96 9.34
N LEU A 107 -4.49 -5.75 8.30
CA LEU A 107 -4.59 -6.48 7.05
C LEU A 107 -4.29 -7.97 7.31
N LEU A 108 -3.24 -8.22 8.10
CA LEU A 108 -2.83 -9.59 8.46
C LEU A 108 -3.94 -10.30 9.23
N ALA A 109 -4.60 -9.58 10.12
CA ALA A 109 -5.69 -10.13 10.92
C ALA A 109 -6.91 -10.41 10.06
N SER A 110 -6.99 -9.75 8.93
CA SER A 110 -8.10 -9.88 8.03
C SER A 110 -7.86 -10.96 6.97
N SER A 111 -6.84 -11.77 7.17
CA SER A 111 -6.59 -12.86 6.28
C SER A 111 -7.53 -14.01 6.65
N LEU A 112 -8.67 -14.00 6.02
CA LEU A 112 -9.71 -14.96 6.25
C LEU A 112 -10.61 -15.01 5.05
N GLU A 113 -11.38 -16.06 4.94
CA GLU A 113 -12.27 -16.22 3.82
C GLU A 113 -13.66 -15.59 4.08
N HIS A 114 -13.97 -15.38 5.37
CA HIS A 114 -15.16 -14.63 5.83
C HIS A 114 -16.49 -15.43 5.67
N HIS A 115 -16.41 -16.71 5.40
CA HIS A 115 -17.62 -17.48 5.21
C HIS A 115 -17.81 -18.58 6.24
N HIS A 116 -16.70 -19.23 6.62
CA HIS A 116 -16.67 -20.38 7.57
C HIS A 116 -17.30 -21.59 6.93
N HIS A 117 -18.58 -21.49 6.70
CA HIS A 117 -19.39 -22.51 6.12
C HIS A 117 -20.53 -21.79 5.44
N HIS A 118 -20.87 -22.15 4.26
CA HIS A 118 -22.01 -21.54 3.63
C HIS A 118 -23.22 -22.35 4.04
N HIS A 119 -22.98 -23.62 4.19
CA HIS A 119 -23.94 -24.55 4.69
C HIS A 119 -23.18 -25.44 5.66
N MET A 1 -10.69 -6.15 -5.27
CA MET A 1 -10.45 -4.79 -4.79
C MET A 1 -8.95 -4.57 -4.72
N PHE A 2 -8.53 -3.34 -4.95
CA PHE A 2 -7.12 -3.02 -4.94
C PHE A 2 -6.64 -2.68 -3.54
N ALA A 3 -5.38 -2.87 -3.30
CA ALA A 3 -4.75 -2.52 -2.06
C ALA A 3 -3.44 -1.85 -2.39
N VAL A 4 -3.35 -0.59 -2.13
CA VAL A 4 -2.18 0.16 -2.47
C VAL A 4 -1.23 0.17 -1.29
N ILE A 5 -0.02 -0.15 -1.56
CA ILE A 5 0.99 -0.24 -0.57
C ILE A 5 1.75 1.08 -0.51
N SER A 6 1.87 1.63 0.67
CA SER A 6 2.65 2.82 0.85
C SER A 6 4.06 2.40 1.27
N PRO A 7 5.09 3.22 0.99
CA PRO A 7 6.51 2.91 1.31
C PRO A 7 6.76 2.54 2.78
N SER A 8 5.85 2.93 3.67
CA SER A 8 5.94 2.59 5.07
C SER A 8 5.83 1.07 5.27
N ALA A 9 5.11 0.41 4.37
CA ALA A 9 4.82 -1.01 4.50
C ALA A 9 5.90 -1.89 3.87
N PHE A 10 7.01 -1.31 3.51
CA PHE A 10 8.09 -2.07 2.91
C PHE A 10 8.80 -2.93 3.95
N GLY A 11 9.29 -4.07 3.50
CA GLY A 11 9.95 -5.05 4.35
C GLY A 11 8.94 -5.99 4.98
N LYS A 12 7.79 -5.44 5.29
CA LYS A 12 6.63 -6.17 5.78
C LYS A 12 5.80 -6.58 4.56
N LEU A 13 6.25 -6.06 3.45
CA LEU A 13 5.72 -6.21 2.11
C LEU A 13 5.38 -7.69 1.78
N LYS A 14 6.22 -8.61 2.23
CA LYS A 14 6.02 -10.00 1.93
C LYS A 14 4.89 -10.61 2.74
N GLU A 15 4.66 -10.07 3.94
CA GLU A 15 3.68 -10.64 4.85
C GLU A 15 2.28 -10.40 4.35
N ILE A 16 2.00 -9.16 4.00
CA ILE A 16 0.68 -8.80 3.50
C ILE A 16 0.37 -9.49 2.18
N LEU A 17 1.38 -9.60 1.37
CA LEU A 17 1.25 -10.16 0.06
C LEU A 17 1.11 -11.69 0.13
N GLY A 18 1.99 -12.33 0.88
CA GLY A 18 2.02 -13.77 0.93
C GLY A 18 1.01 -14.39 1.89
N SER A 19 0.72 -13.71 2.97
CA SER A 19 -0.21 -14.27 3.93
C SER A 19 -1.67 -13.96 3.59
N ASN A 20 -1.91 -12.83 2.95
CA ASN A 20 -3.28 -12.46 2.67
C ASN A 20 -3.65 -12.70 1.21
N LYS A 21 -2.92 -12.06 0.26
CA LYS A 21 -3.37 -12.03 -1.15
C LYS A 21 -4.76 -11.40 -1.15
N ASN A 22 -5.71 -11.97 -1.93
CA ASN A 22 -7.16 -11.58 -1.89
C ASN A 22 -7.43 -10.16 -2.47
N TYR A 23 -6.39 -9.40 -2.63
CA TYR A 23 -6.47 -8.06 -3.14
C TYR A 23 -5.47 -7.90 -4.24
N LYS A 24 -5.68 -6.92 -5.06
CA LYS A 24 -4.75 -6.62 -6.10
C LYS A 24 -3.85 -5.51 -5.57
N PHE A 25 -2.67 -5.89 -5.18
CA PHE A 25 -1.73 -4.97 -4.57
C PHE A 25 -1.10 -4.05 -5.61
N VAL A 26 -1.09 -2.79 -5.29
CA VAL A 26 -0.57 -1.77 -6.17
C VAL A 26 0.52 -0.98 -5.46
N ILE A 27 1.57 -0.66 -6.18
CA ILE A 27 2.65 0.15 -5.67
C ILE A 27 2.88 1.30 -6.68
N THR A 28 3.39 2.40 -6.21
CA THR A 28 3.61 3.54 -7.05
C THR A 28 5.07 3.65 -7.51
N THR A 29 5.34 4.63 -8.36
CA THR A 29 6.66 4.89 -8.88
C THR A 29 7.63 5.36 -7.80
N LEU A 30 7.16 6.20 -6.90
CA LEU A 30 8.00 6.66 -5.81
C LEU A 30 8.20 5.54 -4.79
N GLY A 31 7.30 4.57 -4.84
CA GLY A 31 7.40 3.40 -4.01
C GLY A 31 8.48 2.48 -4.55
N VAL A 32 8.37 2.10 -5.81
CA VAL A 32 9.34 1.18 -6.42
C VAL A 32 10.76 1.73 -6.40
N SER A 33 10.90 3.03 -6.63
CA SER A 33 12.21 3.65 -6.65
C SER A 33 12.86 3.64 -5.27
N PHE A 34 12.03 3.81 -4.24
CA PHE A 34 12.49 3.77 -2.86
C PHE A 34 12.89 2.34 -2.53
N ALA A 35 12.12 1.39 -3.01
CA ALA A 35 12.36 -0.01 -2.81
C ALA A 35 13.66 -0.48 -3.50
N ILE A 36 13.93 0.09 -4.66
CA ILE A 36 15.16 -0.23 -5.41
C ILE A 36 16.39 0.25 -4.65
N LYS A 37 16.41 1.52 -4.25
CA LYS A 37 17.58 2.09 -3.57
C LYS A 37 17.80 1.47 -2.18
N SER A 38 16.73 1.02 -1.56
CA SER A 38 16.82 0.47 -0.23
C SER A 38 17.07 -1.04 -0.25
N GLY A 39 17.17 -1.62 -1.45
CA GLY A 39 17.44 -3.05 -1.59
C GLY A 39 16.38 -3.92 -0.96
N ILE A 40 15.15 -3.51 -1.11
CA ILE A 40 14.03 -4.24 -0.55
C ILE A 40 13.49 -5.15 -1.64
N ASP A 41 12.96 -6.30 -1.27
CA ASP A 41 12.45 -7.29 -2.23
C ASP A 41 11.18 -6.79 -2.87
N ILE A 42 11.34 -5.99 -3.86
CA ILE A 42 10.23 -5.43 -4.56
C ILE A 42 10.04 -6.17 -5.87
N ASP A 43 11.10 -6.81 -6.36
CA ASP A 43 10.99 -7.66 -7.54
C ASP A 43 10.13 -8.84 -7.20
N SER A 44 10.30 -9.31 -5.97
CA SER A 44 9.51 -10.38 -5.43
C SER A 44 8.04 -9.93 -5.28
N ALA A 45 7.84 -8.65 -4.98
CA ALA A 45 6.51 -8.10 -4.82
C ALA A 45 5.81 -8.07 -6.17
N LEU A 46 6.49 -7.49 -7.16
CA LEU A 46 5.97 -7.43 -8.54
C LEU A 46 5.63 -8.82 -9.03
N ASP A 47 6.55 -9.75 -8.80
CA ASP A 47 6.38 -11.15 -9.21
C ASP A 47 5.18 -11.81 -8.55
N ARG A 48 5.00 -11.57 -7.26
CA ARG A 48 3.90 -12.17 -6.52
C ARG A 48 2.55 -11.47 -6.76
N GLY A 49 2.51 -10.44 -7.58
CA GLY A 49 1.23 -9.87 -7.96
C GLY A 49 1.07 -8.38 -7.71
N VAL A 50 2.10 -7.73 -7.23
CA VAL A 50 2.00 -6.29 -7.00
C VAL A 50 2.24 -5.54 -8.31
N ILE A 51 1.33 -4.66 -8.66
CA ILE A 51 1.44 -3.89 -9.89
C ILE A 51 1.88 -2.47 -9.61
N VAL A 52 2.66 -1.91 -10.49
CA VAL A 52 3.13 -0.55 -10.32
C VAL A 52 2.26 0.41 -11.14
N ARG A 53 1.65 1.36 -10.47
CA ARG A 53 0.80 2.33 -11.13
C ARG A 53 1.30 3.73 -10.84
N ALA A 54 1.52 4.46 -11.89
CA ALA A 54 2.00 5.80 -11.80
C ALA A 54 0.97 6.75 -12.37
N PHE A 55 0.82 7.89 -11.76
CA PHE A 55 -0.09 8.90 -12.25
C PHE A 55 0.54 9.60 -13.45
N SER A 56 -0.28 10.04 -14.39
CA SER A 56 0.23 10.71 -15.56
C SER A 56 0.68 12.13 -15.17
N HIS A 57 -0.13 12.76 -14.33
CA HIS A 57 0.19 14.07 -13.77
C HIS A 57 -0.59 14.29 -12.49
N LYS A 58 0.06 14.12 -11.39
CA LYS A 58 -0.57 14.35 -10.13
C LYS A 58 0.35 15.11 -9.21
N PRO A 59 0.16 16.42 -9.06
CA PRO A 59 0.89 17.20 -8.07
C PRO A 59 0.59 16.64 -6.68
N PRO A 60 1.64 16.29 -5.92
CA PRO A 60 1.49 15.62 -4.62
C PRO A 60 0.73 16.47 -3.60
N LYS A 61 -0.15 15.82 -2.87
CA LYS A 61 -0.87 16.48 -1.84
C LYS A 61 -0.11 16.21 -0.55
N VAL A 62 0.52 17.24 -0.01
CA VAL A 62 1.39 17.08 1.13
C VAL A 62 1.06 18.05 2.24
N GLY A 63 1.50 17.69 3.40
CA GLY A 63 1.34 18.47 4.59
C GLY A 63 2.03 17.75 5.70
N ASN A 64 3.33 18.03 5.87
CA ASN A 64 4.23 17.37 6.86
C ASN A 64 4.71 16.01 6.34
N LEU A 65 3.98 15.46 5.42
CA LEU A 65 4.26 14.15 4.87
C LEU A 65 4.91 14.25 3.50
N PRO A 66 5.80 13.31 3.17
CA PRO A 66 6.58 13.32 1.92
C PRO A 66 5.81 12.83 0.68
N GLN A 67 6.32 13.18 -0.49
CA GLN A 67 5.68 12.89 -1.77
C GLN A 67 5.46 11.40 -2.01
N TYR A 68 6.35 10.56 -1.51
CA TYR A 68 6.19 9.13 -1.71
C TYR A 68 4.90 8.56 -1.10
N GLU A 69 4.44 9.13 0.02
CA GLU A 69 3.18 8.65 0.57
C GLU A 69 2.03 9.25 -0.19
N SER A 70 2.21 10.50 -0.59
CA SER A 70 1.25 11.24 -1.36
C SER A 70 0.86 10.49 -2.62
N GLU A 71 1.86 10.07 -3.39
CA GLU A 71 1.63 9.37 -4.64
C GLU A 71 0.87 8.06 -4.41
N ALA A 72 1.28 7.31 -3.38
CA ALA A 72 0.63 6.06 -3.03
C ALA A 72 -0.84 6.29 -2.68
N ILE A 73 -1.07 7.23 -1.80
CA ILE A 73 -2.40 7.59 -1.36
C ILE A 73 -3.26 8.18 -2.50
N MET A 74 -2.64 8.91 -3.44
CA MET A 74 -3.40 9.48 -4.56
C MET A 74 -3.89 8.40 -5.51
N VAL A 75 -3.06 7.39 -5.72
CA VAL A 75 -3.43 6.24 -6.55
C VAL A 75 -4.52 5.42 -5.83
N ALA A 76 -4.37 5.31 -4.52
CA ALA A 76 -5.37 4.63 -3.68
C ALA A 76 -6.68 5.39 -3.72
N PHE A 77 -6.57 6.69 -3.85
CA PHE A 77 -7.71 7.57 -3.89
C PHE A 77 -8.47 7.42 -5.22
N GLU A 78 -7.75 7.35 -6.33
CA GLU A 78 -8.40 7.27 -7.65
C GLU A 78 -9.11 5.92 -7.86
N LEU A 79 -8.57 4.89 -7.26
CA LEU A 79 -9.14 3.55 -7.38
C LEU A 79 -10.12 3.28 -6.25
N ASN A 80 -10.04 4.12 -5.23
CA ASN A 80 -10.78 3.98 -3.97
C ASN A 80 -10.47 2.61 -3.41
N ALA A 81 -9.23 2.44 -3.13
CA ALA A 81 -8.69 1.18 -2.73
C ALA A 81 -8.36 1.20 -1.25
N LEU A 82 -7.82 0.11 -0.77
CA LEU A 82 -7.36 0.04 0.58
C LEU A 82 -5.93 0.49 0.60
N LEU A 83 -5.52 1.09 1.66
CA LEU A 83 -4.16 1.51 1.74
C LEU A 83 -3.49 0.78 2.88
N ILE A 84 -2.33 0.28 2.63
CA ILE A 84 -1.57 -0.42 3.63
C ILE A 84 -0.36 0.41 3.99
N ALA A 85 -0.28 0.83 5.23
CA ALA A 85 0.82 1.65 5.69
C ALA A 85 1.11 1.35 7.15
N GLU A 86 2.32 1.59 7.57
CA GLU A 86 2.71 1.36 8.94
C GLU A 86 2.56 2.63 9.77
N ASP A 87 2.87 3.76 9.17
CA ASP A 87 2.88 5.03 9.88
C ASP A 87 1.49 5.58 10.12
N LYS A 88 1.23 5.97 11.36
CA LYS A 88 -0.07 6.44 11.79
C LYS A 88 -0.48 7.74 11.08
N ASP A 89 0.45 8.63 10.78
CA ASP A 89 0.11 9.91 10.15
C ASP A 89 -0.19 9.70 8.68
N VAL A 90 0.55 8.80 8.05
CA VAL A 90 0.26 8.40 6.66
C VAL A 90 -1.15 7.76 6.59
N ILE A 91 -1.43 6.87 7.55
CA ILE A 91 -2.76 6.24 7.66
C ILE A 91 -3.84 7.32 7.88
N ASN A 92 -3.53 8.25 8.77
CA ASN A 92 -4.41 9.38 9.09
C ASN A 92 -4.73 10.20 7.85
N LYS A 93 -3.70 10.61 7.17
CA LYS A 93 -3.80 11.44 5.98
C LYS A 93 -4.69 10.77 4.93
N ALA A 94 -4.50 9.48 4.75
CA ALA A 94 -5.27 8.71 3.79
C ALA A 94 -6.74 8.63 4.17
N LYS A 95 -7.03 8.33 5.43
CA LYS A 95 -8.42 8.17 5.85
C LYS A 95 -9.17 9.48 5.86
N GLU A 96 -8.46 10.58 6.07
CA GLU A 96 -9.08 11.89 6.03
C GLU A 96 -9.47 12.25 4.61
N LEU A 97 -8.80 11.64 3.66
CA LEU A 97 -9.13 11.83 2.26
C LEU A 97 -10.23 10.86 1.84
N GLY A 98 -10.44 9.84 2.61
CA GLY A 98 -11.49 8.89 2.32
C GLY A 98 -10.97 7.54 1.87
N VAL A 99 -9.70 7.32 2.02
CA VAL A 99 -9.11 6.04 1.68
C VAL A 99 -8.97 5.22 2.95
N ASN A 100 -9.40 3.99 2.94
CA ASN A 100 -9.28 3.16 4.11
C ASN A 100 -7.86 2.66 4.25
N ALA A 101 -7.09 3.36 5.04
CA ALA A 101 -5.74 2.96 5.31
C ALA A 101 -5.72 2.21 6.62
N ILE A 102 -5.10 1.08 6.61
CA ILE A 102 -5.01 0.25 7.78
C ILE A 102 -3.59 -0.25 7.99
N PRO A 103 -3.21 -0.55 9.25
CA PRO A 103 -1.91 -1.12 9.55
C PRO A 103 -1.77 -2.53 8.99
N ILE A 104 -0.56 -2.97 8.93
CA ILE A 104 -0.22 -4.25 8.35
C ILE A 104 -0.78 -5.41 9.15
N GLU A 105 -0.68 -5.34 10.45
CA GLU A 105 -1.18 -6.41 11.29
C GLU A 105 -2.70 -6.52 11.23
N GLU A 106 -3.35 -5.41 10.90
CA GLU A 106 -4.79 -5.37 10.69
C GLU A 106 -5.15 -6.07 9.39
N LEU A 107 -4.35 -5.82 8.36
CA LEU A 107 -4.52 -6.44 7.06
C LEU A 107 -4.29 -7.96 7.21
N LEU A 108 -3.32 -8.32 8.02
CA LEU A 108 -3.01 -9.72 8.30
C LEU A 108 -4.18 -10.38 9.04
N ALA A 109 -4.69 -9.68 10.04
CA ALA A 109 -5.78 -10.15 10.91
C ALA A 109 -7.05 -10.45 10.14
N SER A 110 -7.29 -9.70 9.08
CA SER A 110 -8.45 -9.89 8.25
C SER A 110 -8.47 -11.28 7.57
N SER A 111 -7.31 -11.84 7.36
CA SER A 111 -7.22 -13.17 6.84
C SER A 111 -6.88 -14.17 7.92
N LEU A 112 -7.90 -14.82 8.40
CA LEU A 112 -7.80 -15.83 9.44
C LEU A 112 -8.47 -17.09 8.94
N GLU A 113 -9.59 -16.87 8.28
CA GLU A 113 -10.33 -17.89 7.58
C GLU A 113 -9.50 -18.35 6.39
N HIS A 114 -8.68 -17.43 5.88
CA HIS A 114 -7.67 -17.75 4.92
C HIS A 114 -6.47 -18.29 5.67
N HIS A 115 -6.62 -19.50 6.13
CA HIS A 115 -5.63 -20.20 6.91
C HIS A 115 -5.01 -21.23 5.99
N HIS A 116 -3.74 -21.61 6.22
CA HIS A 116 -3.03 -22.57 5.37
C HIS A 116 -2.90 -21.93 3.98
N HIS A 117 -2.42 -20.70 4.00
CA HIS A 117 -2.38 -19.86 2.83
C HIS A 117 -1.04 -20.00 2.11
N HIS A 118 -0.02 -19.39 2.66
CA HIS A 118 1.31 -19.41 2.04
C HIS A 118 2.03 -20.66 2.51
N HIS A 119 1.67 -21.09 3.67
CA HIS A 119 2.07 -22.36 4.24
C HIS A 119 0.92 -22.80 5.07
N MET A 1 -10.74 -5.83 -5.54
CA MET A 1 -10.40 -4.51 -4.98
C MET A 1 -8.88 -4.38 -4.95
N PHE A 2 -8.41 -3.18 -5.13
CA PHE A 2 -6.98 -2.93 -5.12
C PHE A 2 -6.50 -2.63 -3.71
N ALA A 3 -5.25 -2.90 -3.46
CA ALA A 3 -4.63 -2.57 -2.20
C ALA A 3 -3.29 -1.93 -2.47
N VAL A 4 -3.19 -0.68 -2.19
CA VAL A 4 -2.01 0.09 -2.50
C VAL A 4 -1.09 0.05 -1.30
N ILE A 5 0.13 -0.29 -1.55
CA ILE A 5 1.12 -0.38 -0.52
C ILE A 5 1.85 0.94 -0.44
N SER A 6 1.92 1.49 0.73
CA SER A 6 2.61 2.70 0.94
C SER A 6 4.05 2.36 1.35
N PRO A 7 5.04 3.10 0.82
CA PRO A 7 6.49 2.92 1.11
C PRO A 7 6.88 2.58 2.58
N SER A 8 6.14 3.06 3.56
CA SER A 8 6.42 2.76 4.95
C SER A 8 6.22 1.25 5.28
N ALA A 9 5.41 0.59 4.47
CA ALA A 9 5.03 -0.80 4.66
C ALA A 9 6.02 -1.77 3.99
N PHE A 10 7.14 -1.24 3.55
CA PHE A 10 8.14 -2.05 2.87
C PHE A 10 8.83 -3.03 3.82
N GLY A 11 9.31 -4.14 3.25
CA GLY A 11 9.98 -5.18 4.03
C GLY A 11 9.00 -6.21 4.55
N LYS A 12 7.82 -5.74 4.87
CA LYS A 12 6.76 -6.60 5.36
C LYS A 12 5.79 -6.89 4.21
N LEU A 13 6.20 -6.46 3.02
CA LEU A 13 5.48 -6.66 1.75
C LEU A 13 5.14 -8.13 1.55
N LYS A 14 6.13 -8.94 1.73
CA LYS A 14 6.03 -10.35 1.49
C LYS A 14 5.14 -11.06 2.51
N GLU A 15 4.95 -10.43 3.66
CA GLU A 15 4.08 -10.97 4.68
C GLU A 15 2.64 -10.80 4.25
N ILE A 16 2.25 -9.56 3.95
CA ILE A 16 0.87 -9.24 3.54
C ILE A 16 0.46 -9.97 2.26
N LEU A 17 1.39 -10.02 1.30
CA LEU A 17 1.20 -10.70 0.03
C LEU A 17 0.82 -12.17 0.23
N GLY A 18 1.60 -12.87 1.02
CA GLY A 18 1.40 -14.28 1.22
C GLY A 18 0.32 -14.61 2.21
N SER A 19 0.17 -13.80 3.22
CA SER A 19 -0.81 -14.08 4.25
C SER A 19 -2.23 -13.88 3.75
N ASN A 20 -2.45 -12.86 2.94
CA ASN A 20 -3.81 -12.57 2.54
C ASN A 20 -4.14 -13.04 1.15
N LYS A 21 -3.38 -12.53 0.14
CA LYS A 21 -3.72 -12.71 -1.28
C LYS A 21 -5.08 -12.03 -1.55
N ASN A 22 -5.67 -12.28 -2.71
CA ASN A 22 -7.05 -11.82 -3.06
C ASN A 22 -7.20 -10.33 -3.31
N TYR A 23 -6.22 -9.55 -2.96
CA TYR A 23 -6.24 -8.15 -3.26
C TYR A 23 -5.25 -7.91 -4.35
N LYS A 24 -5.54 -7.02 -5.23
CA LYS A 24 -4.60 -6.71 -6.25
C LYS A 24 -3.73 -5.62 -5.68
N PHE A 25 -2.55 -6.00 -5.28
CA PHE A 25 -1.67 -5.10 -4.62
C PHE A 25 -1.08 -4.13 -5.61
N VAL A 26 -1.00 -2.91 -5.22
CA VAL A 26 -0.55 -1.83 -6.07
C VAL A 26 0.60 -1.09 -5.40
N ILE A 27 1.61 -0.81 -6.15
CA ILE A 27 2.70 -0.02 -5.68
C ILE A 27 2.87 1.15 -6.65
N THR A 28 3.40 2.24 -6.20
CA THR A 28 3.55 3.40 -7.01
C THR A 28 4.92 3.47 -7.66
N THR A 29 5.08 4.42 -8.55
CA THR A 29 6.34 4.66 -9.22
C THR A 29 7.39 5.14 -8.23
N LEU A 30 7.00 6.04 -7.36
CA LEU A 30 7.89 6.51 -6.31
C LEU A 30 8.12 5.42 -5.28
N GLY A 31 7.16 4.51 -5.16
CA GLY A 31 7.28 3.38 -4.28
C GLY A 31 8.36 2.42 -4.75
N VAL A 32 8.29 2.01 -6.01
CA VAL A 32 9.30 1.10 -6.56
C VAL A 32 10.68 1.74 -6.53
N SER A 33 10.73 3.04 -6.77
CA SER A 33 11.97 3.79 -6.75
C SER A 33 12.53 3.85 -5.32
N PHE A 34 11.63 4.01 -4.34
CA PHE A 34 12.01 4.06 -2.94
C PHE A 34 12.60 2.73 -2.51
N ALA A 35 12.02 1.65 -3.01
CA ALA A 35 12.51 0.32 -2.72
C ALA A 35 13.93 0.16 -3.26
N ILE A 36 14.12 0.51 -4.53
CA ILE A 36 15.42 0.39 -5.21
C ILE A 36 16.52 1.15 -4.45
N LYS A 37 16.25 2.41 -4.14
CA LYS A 37 17.25 3.27 -3.48
C LYS A 37 17.50 2.86 -2.03
N SER A 38 16.57 2.17 -1.43
CA SER A 38 16.74 1.72 -0.07
C SER A 38 17.29 0.28 -0.02
N GLY A 39 17.43 -0.35 -1.18
CA GLY A 39 17.95 -1.70 -1.23
C GLY A 39 16.92 -2.73 -0.83
N ILE A 40 15.68 -2.42 -1.09
CA ILE A 40 14.56 -3.27 -0.75
C ILE A 40 14.09 -3.99 -2.00
N ASP A 41 13.87 -5.28 -1.88
CA ASP A 41 13.47 -6.09 -3.00
C ASP A 41 11.99 -5.89 -3.33
N ILE A 42 11.76 -5.23 -4.44
CA ILE A 42 10.42 -4.91 -4.87
C ILE A 42 9.94 -5.92 -5.92
N ASP A 43 10.89 -6.57 -6.59
CA ASP A 43 10.55 -7.54 -7.65
C ASP A 43 9.88 -8.76 -7.05
N SER A 44 10.20 -9.03 -5.80
CA SER A 44 9.61 -10.14 -5.09
C SER A 44 8.14 -9.82 -4.81
N ALA A 45 7.85 -8.54 -4.63
CA ALA A 45 6.51 -8.10 -4.40
C ALA A 45 5.73 -8.18 -5.71
N LEU A 46 6.33 -7.65 -6.77
CA LEU A 46 5.75 -7.66 -8.11
C LEU A 46 5.38 -9.08 -8.52
N ASP A 47 6.27 -10.01 -8.24
CA ASP A 47 6.08 -11.43 -8.55
C ASP A 47 4.89 -12.02 -7.81
N ARG A 48 4.62 -11.56 -6.60
CA ARG A 48 3.53 -12.12 -5.83
C ARG A 48 2.18 -11.47 -6.17
N GLY A 49 2.21 -10.46 -7.01
CA GLY A 49 0.96 -9.90 -7.50
C GLY A 49 0.82 -8.41 -7.28
N VAL A 50 1.92 -7.74 -7.03
CA VAL A 50 1.88 -6.30 -6.86
C VAL A 50 2.07 -5.64 -8.22
N ILE A 51 1.13 -4.79 -8.60
CA ILE A 51 1.19 -4.08 -9.86
C ILE A 51 1.70 -2.67 -9.62
N VAL A 52 2.17 -2.02 -10.64
CA VAL A 52 2.68 -0.67 -10.52
C VAL A 52 1.67 0.29 -11.13
N ARG A 53 1.29 1.29 -10.38
CA ARG A 53 0.34 2.28 -10.84
C ARG A 53 0.87 3.66 -10.52
N ALA A 54 0.96 4.46 -11.53
CA ALA A 54 1.34 5.84 -11.39
C ALA A 54 0.10 6.68 -11.33
N PHE A 55 0.14 7.68 -10.52
CA PHE A 55 -0.95 8.61 -10.40
C PHE A 55 -0.84 9.57 -11.59
N SER A 56 -1.75 9.44 -12.54
CA SER A 56 -1.72 10.23 -13.78
C SER A 56 -1.94 11.72 -13.50
N HIS A 57 -2.61 12.01 -12.40
CA HIS A 57 -2.81 13.37 -11.97
C HIS A 57 -1.56 13.87 -11.28
N LYS A 58 -1.45 15.15 -11.08
CA LYS A 58 -0.31 15.68 -10.40
C LYS A 58 -0.61 15.80 -8.92
N PRO A 59 0.14 15.08 -8.09
CA PRO A 59 -0.06 15.05 -6.66
C PRO A 59 0.39 16.35 -5.97
N PRO A 60 -0.37 16.81 -4.98
CA PRO A 60 0.00 17.98 -4.22
C PRO A 60 1.20 17.69 -3.31
N LYS A 61 1.94 18.71 -2.99
CA LYS A 61 3.08 18.56 -2.15
C LYS A 61 2.64 18.66 -0.71
N VAL A 62 2.88 17.61 0.03
CA VAL A 62 2.53 17.58 1.42
C VAL A 62 3.68 18.09 2.28
N GLY A 63 3.38 18.52 3.48
CA GLY A 63 4.36 19.14 4.33
C GLY A 63 5.24 18.17 5.08
N ASN A 64 4.67 17.49 6.03
CA ASN A 64 5.43 16.57 6.87
C ASN A 64 5.63 15.20 6.22
N LEU A 65 4.66 14.77 5.45
CA LEU A 65 4.77 13.49 4.77
C LEU A 65 5.65 13.62 3.54
N PRO A 66 6.29 12.54 3.13
CA PRO A 66 7.08 12.53 1.92
C PRO A 66 6.20 12.31 0.68
N GLN A 67 6.64 12.83 -0.45
CA GLN A 67 5.90 12.74 -1.70
C GLN A 67 5.75 11.30 -2.17
N TYR A 68 6.72 10.44 -1.84
CA TYR A 68 6.61 9.04 -2.22
C TYR A 68 5.40 8.35 -1.57
N GLU A 69 5.05 8.75 -0.36
CA GLU A 69 3.88 8.18 0.27
C GLU A 69 2.64 8.97 -0.09
N SER A 70 2.82 10.24 -0.42
CA SER A 70 1.73 11.07 -0.90
C SER A 70 1.21 10.45 -2.23
N GLU A 71 2.16 9.99 -3.05
CA GLU A 71 1.89 9.29 -4.32
C GLU A 71 1.01 8.06 -4.02
N ALA A 72 1.41 7.29 -3.00
CA ALA A 72 0.67 6.10 -2.58
C ALA A 72 -0.76 6.45 -2.15
N ILE A 73 -0.88 7.48 -1.32
CA ILE A 73 -2.18 7.96 -0.88
C ILE A 73 -3.03 8.40 -2.06
N MET A 74 -2.42 9.13 -2.98
CA MET A 74 -3.10 9.63 -4.17
C MET A 74 -3.57 8.50 -5.07
N VAL A 75 -2.76 7.47 -5.24
CA VAL A 75 -3.17 6.32 -6.04
C VAL A 75 -4.30 5.56 -5.35
N ALA A 76 -4.20 5.41 -4.04
CA ALA A 76 -5.23 4.76 -3.25
C ALA A 76 -6.52 5.57 -3.30
N PHE A 77 -6.39 6.86 -3.44
CA PHE A 77 -7.52 7.79 -3.56
C PHE A 77 -8.11 7.71 -4.98
N GLU A 78 -7.23 7.66 -5.97
CA GLU A 78 -7.59 7.58 -7.38
C GLU A 78 -8.42 6.32 -7.66
N LEU A 79 -7.95 5.19 -7.16
CA LEU A 79 -8.61 3.91 -7.38
C LEU A 79 -9.66 3.63 -6.31
N ASN A 80 -9.56 4.33 -5.20
CA ASN A 80 -10.37 4.10 -3.99
C ASN A 80 -10.13 2.69 -3.55
N ALA A 81 -8.95 2.50 -3.09
CA ALA A 81 -8.46 1.19 -2.73
C ALA A 81 -8.07 1.17 -1.27
N LEU A 82 -7.56 0.04 -0.83
CA LEU A 82 -7.06 -0.06 0.52
C LEU A 82 -5.67 0.47 0.54
N LEU A 83 -5.33 1.23 1.52
CA LEU A 83 -3.97 1.69 1.62
C LEU A 83 -3.29 0.98 2.77
N ILE A 84 -2.30 0.21 2.45
CA ILE A 84 -1.55 -0.50 3.44
C ILE A 84 -0.34 0.33 3.78
N ALA A 85 -0.31 0.87 4.96
CA ALA A 85 0.75 1.73 5.37
C ALA A 85 1.18 1.41 6.77
N GLU A 86 2.43 1.58 7.06
CA GLU A 86 2.94 1.34 8.39
C GLU A 86 3.08 2.63 9.15
N ASP A 87 3.18 3.72 8.43
CA ASP A 87 3.27 5.02 9.07
C ASP A 87 1.86 5.50 9.37
N LYS A 88 1.61 5.82 10.63
CA LYS A 88 0.25 6.14 11.07
C LYS A 88 -0.25 7.51 10.63
N ASP A 89 0.64 8.37 10.21
CA ASP A 89 0.19 9.69 9.77
C ASP A 89 -0.31 9.56 8.35
N VAL A 90 0.37 8.70 7.59
CA VAL A 90 -0.04 8.36 6.22
C VAL A 90 -1.43 7.74 6.27
N ILE A 91 -1.61 6.84 7.23
CA ILE A 91 -2.88 6.17 7.47
C ILE A 91 -3.97 7.22 7.77
N ASN A 92 -3.70 8.09 8.72
CA ASN A 92 -4.64 9.13 9.14
C ASN A 92 -5.01 10.03 7.96
N LYS A 93 -3.98 10.46 7.22
CA LYS A 93 -4.11 11.37 6.09
C LYS A 93 -5.05 10.77 5.02
N ALA A 94 -4.80 9.53 4.67
CA ALA A 94 -5.58 8.85 3.66
C ALA A 94 -7.00 8.59 4.14
N LYS A 95 -7.12 8.30 5.42
CA LYS A 95 -8.41 8.04 6.02
C LYS A 95 -9.29 9.31 5.98
N GLU A 96 -8.64 10.47 6.13
CA GLU A 96 -9.32 11.78 6.03
C GLU A 96 -9.93 11.94 4.65
N LEU A 97 -9.23 11.41 3.66
CA LEU A 97 -9.63 11.54 2.27
C LEU A 97 -10.68 10.49 1.87
N GLY A 98 -11.06 9.63 2.79
CA GLY A 98 -12.08 8.64 2.49
C GLY A 98 -11.49 7.33 2.01
N VAL A 99 -10.20 7.19 2.16
CA VAL A 99 -9.52 5.98 1.76
C VAL A 99 -9.36 5.12 3.01
N ASN A 100 -9.50 3.83 2.87
CA ASN A 100 -9.30 2.98 4.02
C ASN A 100 -7.85 2.59 4.10
N ALA A 101 -7.14 3.30 4.92
CA ALA A 101 -5.77 3.03 5.15
C ALA A 101 -5.65 2.29 6.44
N ILE A 102 -4.92 1.22 6.42
CA ILE A 102 -4.75 0.38 7.57
C ILE A 102 -3.30 -0.10 7.68
N PRO A 103 -2.82 -0.37 8.90
CA PRO A 103 -1.51 -0.94 9.12
C PRO A 103 -1.46 -2.41 8.69
N ILE A 104 -0.27 -2.95 8.57
CA ILE A 104 -0.06 -4.31 8.13
C ILE A 104 -0.75 -5.36 9.02
N GLU A 105 -0.71 -5.17 10.32
CA GLU A 105 -1.34 -6.12 11.24
C GLU A 105 -2.86 -6.20 11.04
N GLU A 106 -3.45 -5.15 10.48
CA GLU A 106 -4.87 -5.14 10.21
C GLU A 106 -5.14 -5.94 8.96
N LEU A 107 -4.23 -5.86 8.01
CA LEU A 107 -4.34 -6.60 6.77
C LEU A 107 -4.13 -8.09 7.08
N LEU A 108 -3.23 -8.38 8.01
CA LEU A 108 -2.98 -9.75 8.46
C LEU A 108 -4.23 -10.30 9.15
N ALA A 109 -4.88 -9.46 9.94
CA ALA A 109 -6.10 -9.83 10.65
C ALA A 109 -7.28 -9.95 9.68
N SER A 110 -7.15 -9.37 8.52
CA SER A 110 -8.20 -9.41 7.53
C SER A 110 -7.83 -10.37 6.40
N SER A 111 -6.85 -11.23 6.65
CA SER A 111 -6.42 -12.19 5.66
C SER A 111 -7.49 -13.22 5.38
N LEU A 112 -7.47 -13.72 4.14
CA LEU A 112 -8.44 -14.66 3.63
C LEU A 112 -9.75 -13.95 3.33
N GLU A 113 -9.66 -13.08 2.33
CA GLU A 113 -10.79 -12.30 1.79
C GLU A 113 -11.97 -13.21 1.38
N HIS A 114 -11.65 -14.45 1.00
CA HIS A 114 -12.62 -15.46 0.55
C HIS A 114 -13.14 -15.14 -0.85
N HIS A 115 -12.54 -15.76 -1.82
CA HIS A 115 -12.97 -15.67 -3.18
C HIS A 115 -12.98 -17.03 -3.80
N HIS A 116 -14.14 -17.52 -4.10
CA HIS A 116 -14.23 -18.76 -4.82
C HIS A 116 -14.08 -18.48 -6.29
N HIS A 117 -12.85 -18.30 -6.68
CA HIS A 117 -12.46 -17.94 -8.00
C HIS A 117 -11.41 -18.97 -8.39
N HIS A 118 -11.38 -19.40 -9.64
CA HIS A 118 -10.45 -20.48 -10.05
C HIS A 118 -9.00 -20.05 -9.93
N HIS A 119 -8.75 -18.79 -10.16
CA HIS A 119 -7.46 -18.20 -9.99
C HIS A 119 -7.66 -16.71 -9.98
N MET A 1 -10.33 -5.75 -5.96
CA MET A 1 -10.12 -4.48 -5.26
C MET A 1 -8.64 -4.19 -5.22
N PHE A 2 -8.28 -2.94 -5.36
CA PHE A 2 -6.88 -2.57 -5.32
C PHE A 2 -6.44 -2.31 -3.89
N ALA A 3 -5.23 -2.66 -3.60
CA ALA A 3 -4.61 -2.41 -2.32
C ALA A 3 -3.27 -1.75 -2.57
N VAL A 4 -3.17 -0.49 -2.25
CA VAL A 4 -1.96 0.26 -2.53
C VAL A 4 -1.06 0.19 -1.30
N ILE A 5 0.19 -0.08 -1.55
CA ILE A 5 1.17 -0.22 -0.51
C ILE A 5 2.04 1.03 -0.46
N SER A 6 2.07 1.66 0.69
CA SER A 6 2.90 2.81 0.90
C SER A 6 4.33 2.35 1.26
N PRO A 7 5.37 3.14 0.89
CA PRO A 7 6.78 2.81 1.17
C PRO A 7 7.12 2.58 2.67
N SER A 8 6.23 3.00 3.56
CA SER A 8 6.39 2.74 4.97
C SER A 8 6.13 1.25 5.29
N ALA A 9 5.43 0.57 4.40
CA ALA A 9 5.05 -0.82 4.59
C ALA A 9 6.03 -1.78 3.90
N PHE A 10 7.17 -1.26 3.49
CA PHE A 10 8.16 -2.06 2.76
C PHE A 10 8.81 -3.16 3.58
N GLY A 11 9.14 -4.24 2.88
CA GLY A 11 9.77 -5.40 3.46
C GLY A 11 8.75 -6.40 3.96
N LYS A 12 7.65 -5.90 4.46
CA LYS A 12 6.60 -6.72 5.01
C LYS A 12 5.58 -7.10 3.94
N LEU A 13 5.81 -6.62 2.71
CA LEU A 13 4.94 -6.91 1.55
C LEU A 13 4.76 -8.40 1.35
N LYS A 14 5.81 -9.11 1.62
CA LYS A 14 5.88 -10.54 1.40
C LYS A 14 4.83 -11.26 2.26
N GLU A 15 4.65 -10.78 3.48
CA GLU A 15 3.75 -11.41 4.42
C GLU A 15 2.29 -11.04 4.15
N ILE A 16 2.04 -9.78 3.77
CA ILE A 16 0.67 -9.33 3.49
C ILE A 16 0.11 -10.02 2.24
N LEU A 17 1.00 -10.25 1.27
CA LEU A 17 0.67 -10.96 0.04
C LEU A 17 0.11 -12.34 0.35
N GLY A 18 0.88 -13.12 1.09
CA GLY A 18 0.53 -14.50 1.34
C GLY A 18 -0.57 -14.70 2.34
N SER A 19 -0.66 -13.85 3.32
CA SER A 19 -1.63 -14.03 4.37
C SER A 19 -3.04 -13.66 3.92
N ASN A 20 -3.18 -12.58 3.18
CA ASN A 20 -4.52 -12.11 2.87
C ASN A 20 -4.94 -12.52 1.47
N LYS A 21 -4.10 -12.19 0.47
CA LYS A 21 -4.38 -12.48 -0.96
C LYS A 21 -5.69 -11.84 -1.47
N ASN A 22 -5.98 -12.09 -2.74
CA ASN A 22 -7.22 -11.68 -3.44
C ASN A 22 -7.25 -10.16 -3.75
N TYR A 23 -6.37 -9.41 -3.13
CA TYR A 23 -6.28 -7.99 -3.42
C TYR A 23 -5.32 -7.77 -4.53
N LYS A 24 -5.57 -6.76 -5.29
CA LYS A 24 -4.66 -6.38 -6.31
C LYS A 24 -3.74 -5.35 -5.70
N PHE A 25 -2.59 -5.79 -5.31
CA PHE A 25 -1.64 -4.95 -4.64
C PHE A 25 -0.99 -4.03 -5.65
N VAL A 26 -1.05 -2.77 -5.38
CA VAL A 26 -0.53 -1.74 -6.24
C VAL A 26 0.54 -0.97 -5.50
N ILE A 27 1.61 -0.71 -6.16
CA ILE A 27 2.68 0.03 -5.58
C ILE A 27 3.02 1.16 -6.59
N THR A 28 3.37 2.32 -6.10
CA THR A 28 3.63 3.46 -6.95
C THR A 28 5.04 3.43 -7.56
N THR A 29 5.28 4.32 -8.50
CA THR A 29 6.56 4.46 -9.16
C THR A 29 7.62 4.99 -8.18
N LEU A 30 7.19 5.89 -7.29
CA LEU A 30 8.10 6.41 -6.28
C LEU A 30 8.44 5.31 -5.30
N GLY A 31 7.50 4.40 -5.10
CA GLY A 31 7.72 3.28 -4.22
C GLY A 31 8.78 2.33 -4.76
N VAL A 32 8.65 1.90 -6.02
CA VAL A 32 9.62 0.97 -6.61
C VAL A 32 11.02 1.57 -6.65
N SER A 33 11.11 2.84 -6.99
CA SER A 33 12.39 3.50 -7.09
C SER A 33 13.01 3.67 -5.69
N PHE A 34 12.15 4.01 -4.71
CA PHE A 34 12.57 4.13 -3.32
C PHE A 34 13.14 2.81 -2.85
N ALA A 35 12.48 1.72 -3.22
CA ALA A 35 12.93 0.40 -2.88
C ALA A 35 14.28 0.13 -3.53
N ILE A 36 14.35 0.34 -4.84
CA ILE A 36 15.58 0.12 -5.62
C ILE A 36 16.78 0.89 -5.03
N LYS A 37 16.61 2.18 -4.79
CA LYS A 37 17.71 3.03 -4.28
C LYS A 37 18.11 2.65 -2.85
N SER A 38 17.21 2.03 -2.13
CA SER A 38 17.49 1.62 -0.78
C SER A 38 17.96 0.15 -0.72
N GLY A 39 17.95 -0.52 -1.87
CA GLY A 39 18.36 -1.91 -1.93
C GLY A 39 17.30 -2.83 -1.35
N ILE A 40 16.06 -2.47 -1.53
CA ILE A 40 14.95 -3.24 -1.02
C ILE A 40 14.38 -4.11 -2.13
N ASP A 41 14.09 -5.34 -1.79
CA ASP A 41 13.50 -6.29 -2.71
C ASP A 41 12.04 -5.96 -2.98
N ILE A 42 11.81 -5.23 -4.03
CA ILE A 42 10.47 -4.88 -4.45
C ILE A 42 10.08 -5.78 -5.62
N ASP A 43 11.10 -6.32 -6.26
CA ASP A 43 10.95 -7.12 -7.46
C ASP A 43 10.16 -8.40 -7.21
N SER A 44 10.43 -9.05 -6.10
CA SER A 44 9.74 -10.28 -5.76
C SER A 44 8.28 -10.00 -5.38
N ALA A 45 8.02 -8.79 -4.92
CA ALA A 45 6.66 -8.40 -4.58
C ALA A 45 5.87 -8.24 -5.88
N LEU A 46 6.48 -7.53 -6.83
CA LEU A 46 5.92 -7.33 -8.16
C LEU A 46 5.62 -8.69 -8.80
N ASP A 47 6.56 -9.60 -8.58
CA ASP A 47 6.49 -10.97 -9.07
C ASP A 47 5.28 -11.71 -8.51
N ARG A 48 4.95 -11.48 -7.24
CA ARG A 48 3.85 -12.18 -6.62
C ARG A 48 2.51 -11.52 -6.90
N GLY A 49 2.55 -10.43 -7.63
CA GLY A 49 1.31 -9.85 -8.06
C GLY A 49 1.14 -8.40 -7.70
N VAL A 50 2.15 -7.81 -7.09
CA VAL A 50 2.10 -6.39 -6.83
C VAL A 50 2.38 -5.65 -8.13
N ILE A 51 1.45 -4.86 -8.56
CA ILE A 51 1.60 -4.15 -9.78
C ILE A 51 2.08 -2.75 -9.51
N VAL A 52 2.95 -2.29 -10.33
CA VAL A 52 3.44 -0.95 -10.21
C VAL A 52 2.57 -0.04 -11.06
N ARG A 53 1.95 0.90 -10.43
CA ARG A 53 1.10 1.82 -11.13
C ARG A 53 1.12 3.17 -10.46
N ALA A 54 1.16 4.18 -11.25
CA ALA A 54 1.12 5.51 -10.77
C ALA A 54 0.12 6.26 -11.58
N PHE A 55 -0.46 7.24 -10.98
CA PHE A 55 -1.40 8.11 -11.66
C PHE A 55 -0.63 9.14 -12.46
N SER A 56 -1.27 9.79 -13.43
CA SER A 56 -0.57 10.75 -14.27
C SER A 56 0.14 11.78 -13.37
N HIS A 57 -0.65 12.45 -12.49
CA HIS A 57 -0.16 13.23 -11.34
C HIS A 57 -1.17 14.28 -10.93
N LYS A 58 -1.38 14.39 -9.65
CA LYS A 58 -2.14 15.44 -9.05
C LYS A 58 -1.31 15.88 -7.87
N PRO A 59 -1.29 17.17 -7.52
CA PRO A 59 -0.48 17.64 -6.40
C PRO A 59 -1.01 17.10 -5.07
N PRO A 60 -0.17 16.41 -4.29
CA PRO A 60 -0.58 15.84 -3.03
C PRO A 60 -0.60 16.88 -1.91
N LYS A 61 -1.68 16.93 -1.19
CA LYS A 61 -1.80 17.82 -0.08
C LYS A 61 -1.48 17.06 1.19
N VAL A 62 -0.35 17.37 1.78
CA VAL A 62 0.15 16.74 2.99
C VAL A 62 1.00 17.72 3.73
N GLY A 63 1.23 17.45 4.99
CA GLY A 63 2.06 18.32 5.77
C GLY A 63 3.23 17.59 6.38
N ASN A 64 2.94 16.53 7.11
CA ASN A 64 3.97 15.80 7.83
C ASN A 64 4.44 14.57 7.04
N LEU A 65 3.88 14.39 5.87
CA LEU A 65 4.14 13.22 5.06
C LEU A 65 5.07 13.51 3.89
N PRO A 66 6.01 12.58 3.59
CA PRO A 66 6.87 12.66 2.41
C PRO A 66 6.03 12.39 1.15
N GLN A 67 6.52 12.83 0.00
CA GLN A 67 5.77 12.71 -1.26
C GLN A 67 5.53 11.25 -1.62
N TYR A 68 6.52 10.39 -1.42
CA TYR A 68 6.36 8.98 -1.77
C TYR A 68 5.17 8.29 -1.04
N GLU A 69 4.96 8.65 0.23
CA GLU A 69 3.81 8.10 0.98
C GLU A 69 2.53 8.72 0.43
N SER A 70 2.63 9.99 0.13
CA SER A 70 1.51 10.78 -0.33
C SER A 70 1.04 10.31 -1.71
N GLU A 71 1.99 9.98 -2.58
CA GLU A 71 1.71 9.53 -3.92
C GLU A 71 0.90 8.23 -3.85
N ALA A 72 1.26 7.39 -2.88
CA ALA A 72 0.56 6.14 -2.63
C ALA A 72 -0.88 6.43 -2.22
N ILE A 73 -1.02 7.40 -1.30
CA ILE A 73 -2.35 7.86 -0.85
C ILE A 73 -3.15 8.37 -2.05
N MET A 74 -2.50 9.17 -2.89
CA MET A 74 -3.13 9.77 -4.05
C MET A 74 -3.64 8.71 -5.02
N VAL A 75 -2.84 7.71 -5.30
CA VAL A 75 -3.25 6.61 -6.18
C VAL A 75 -4.38 5.80 -5.54
N ALA A 76 -4.27 5.59 -4.23
CA ALA A 76 -5.31 4.91 -3.48
C ALA A 76 -6.61 5.70 -3.48
N PHE A 77 -6.49 7.02 -3.55
CA PHE A 77 -7.63 7.94 -3.60
C PHE A 77 -8.28 7.92 -5.00
N GLU A 78 -7.49 7.60 -6.01
CA GLU A 78 -7.98 7.48 -7.36
C GLU A 78 -8.73 6.18 -7.55
N LEU A 79 -8.17 5.12 -7.01
CA LEU A 79 -8.73 3.78 -7.20
C LEU A 79 -9.70 3.40 -6.10
N ASN A 80 -9.76 4.24 -5.06
CA ASN A 80 -10.56 3.98 -3.84
C ASN A 80 -10.12 2.63 -3.29
N ALA A 81 -8.87 2.57 -3.03
CA ALA A 81 -8.20 1.34 -2.71
C ALA A 81 -8.03 1.15 -1.21
N LEU A 82 -7.52 0.00 -0.87
CA LEU A 82 -7.18 -0.35 0.47
C LEU A 82 -5.76 0.14 0.62
N LEU A 83 -5.49 1.00 1.55
CA LEU A 83 -4.15 1.49 1.69
C LEU A 83 -3.46 0.79 2.84
N ILE A 84 -2.38 0.16 2.53
CA ILE A 84 -1.59 -0.53 3.51
C ILE A 84 -0.40 0.35 3.83
N ALA A 85 -0.37 0.90 5.00
CA ALA A 85 0.67 1.81 5.40
C ALA A 85 1.01 1.61 6.84
N GLU A 86 2.25 1.82 7.17
CA GLU A 86 2.70 1.68 8.54
C GLU A 86 2.73 3.01 9.25
N ASP A 87 2.87 4.07 8.51
CA ASP A 87 2.94 5.38 9.12
C ASP A 87 1.55 5.85 9.51
N LYS A 88 1.43 6.30 10.74
CA LYS A 88 0.15 6.68 11.31
C LYS A 88 -0.47 7.92 10.68
N ASP A 89 0.35 8.88 10.27
CA ASP A 89 -0.21 10.11 9.70
C ASP A 89 -0.69 9.83 8.29
N VAL A 90 0.00 8.87 7.63
CA VAL A 90 -0.41 8.38 6.30
C VAL A 90 -1.80 7.76 6.39
N ILE A 91 -1.96 6.87 7.38
CA ILE A 91 -3.24 6.19 7.64
C ILE A 91 -4.33 7.23 7.91
N ASN A 92 -4.01 8.19 8.75
CA ASN A 92 -4.93 9.27 9.10
C ASN A 92 -5.36 10.05 7.86
N LYS A 93 -4.37 10.53 7.13
CA LYS A 93 -4.58 11.39 5.99
C LYS A 93 -5.42 10.68 4.92
N ALA A 94 -5.07 9.44 4.65
CA ALA A 94 -5.78 8.67 3.66
C ALA A 94 -7.23 8.46 4.05
N LYS A 95 -7.45 8.20 5.34
CA LYS A 95 -8.78 7.95 5.84
C LYS A 95 -9.63 9.22 5.79
N GLU A 96 -8.99 10.39 5.89
CA GLU A 96 -9.70 11.67 5.77
C GLU A 96 -10.26 11.80 4.36
N LEU A 97 -9.54 11.25 3.41
CA LEU A 97 -9.92 11.31 2.01
C LEU A 97 -10.93 10.22 1.67
N GLY A 98 -11.23 9.37 2.63
CA GLY A 98 -12.20 8.32 2.42
C GLY A 98 -11.55 7.00 2.07
N VAL A 99 -10.25 6.99 2.01
CA VAL A 99 -9.50 5.81 1.66
C VAL A 99 -9.37 4.93 2.91
N ASN A 100 -9.59 3.66 2.76
CA ASN A 100 -9.50 2.76 3.88
C ASN A 100 -8.06 2.35 4.10
N ALA A 101 -7.41 3.04 4.98
CA ALA A 101 -6.03 2.79 5.30
C ALA A 101 -5.89 2.13 6.65
N ILE A 102 -5.09 1.09 6.70
CA ILE A 102 -4.84 0.34 7.91
C ILE A 102 -3.37 -0.09 7.97
N PRO A 103 -2.83 -0.36 9.18
CA PRO A 103 -1.47 -0.86 9.32
C PRO A 103 -1.36 -2.32 8.89
N ILE A 104 -0.14 -2.75 8.65
CA ILE A 104 0.14 -4.10 8.17
C ILE A 104 -0.42 -5.18 9.08
N GLU A 105 -0.25 -5.04 10.38
CA GLU A 105 -0.70 -6.07 11.28
C GLU A 105 -2.23 -6.14 11.40
N GLU A 106 -2.90 -5.08 10.97
CA GLU A 106 -4.34 -5.13 10.92
C GLU A 106 -4.77 -5.77 9.63
N LEU A 107 -3.95 -5.66 8.60
CA LEU A 107 -4.18 -6.35 7.34
C LEU A 107 -3.97 -7.84 7.61
N LEU A 108 -2.98 -8.14 8.44
CA LEU A 108 -2.66 -9.51 8.84
C LEU A 108 -3.70 -10.05 9.85
N ALA A 109 -4.49 -9.17 10.41
CA ALA A 109 -5.56 -9.59 11.30
C ALA A 109 -6.83 -9.81 10.49
N SER A 110 -7.01 -8.98 9.48
CA SER A 110 -8.16 -9.02 8.63
C SER A 110 -7.92 -9.94 7.42
N SER A 111 -6.83 -10.69 7.47
CA SER A 111 -6.54 -11.65 6.44
C SER A 111 -7.34 -12.91 6.69
N LEU A 112 -7.69 -13.07 7.97
CA LEU A 112 -8.54 -14.12 8.46
C LEU A 112 -8.02 -15.52 8.19
N GLU A 113 -7.13 -15.97 9.07
CA GLU A 113 -6.65 -17.34 9.01
C GLU A 113 -7.71 -18.27 9.61
N HIS A 114 -8.50 -17.70 10.48
CA HIS A 114 -9.75 -18.27 10.90
C HIS A 114 -10.75 -17.64 9.98
N HIS A 115 -11.26 -18.41 9.03
CA HIS A 115 -12.13 -17.90 7.97
C HIS A 115 -13.38 -17.23 8.58
N HIS A 116 -13.37 -15.89 8.57
CA HIS A 116 -14.39 -15.04 9.19
C HIS A 116 -14.37 -15.17 10.71
N HIS A 117 -14.11 -14.05 11.36
CA HIS A 117 -14.01 -14.02 12.81
C HIS A 117 -15.38 -14.33 13.40
N HIS A 118 -16.43 -13.85 12.70
CA HIS A 118 -17.85 -14.13 12.98
C HIS A 118 -18.37 -13.46 14.26
N HIS A 119 -17.64 -13.57 15.31
CA HIS A 119 -18.03 -13.04 16.57
C HIS A 119 -16.80 -12.54 17.29
N MET A 1 -10.48 -6.12 -5.98
CA MET A 1 -10.28 -4.84 -5.32
C MET A 1 -8.79 -4.59 -5.20
N PHE A 2 -8.39 -3.35 -5.32
CA PHE A 2 -6.99 -3.00 -5.24
C PHE A 2 -6.58 -2.75 -3.79
N ALA A 3 -5.31 -2.91 -3.54
CA ALA A 3 -4.70 -2.62 -2.27
C ALA A 3 -3.38 -1.94 -2.54
N VAL A 4 -3.29 -0.68 -2.24
CA VAL A 4 -2.13 0.10 -2.54
C VAL A 4 -1.19 0.09 -1.34
N ILE A 5 0.03 -0.24 -1.58
CA ILE A 5 1.02 -0.32 -0.55
C ILE A 5 1.79 1.00 -0.51
N SER A 6 1.86 1.59 0.65
CA SER A 6 2.57 2.81 0.83
C SER A 6 4.01 2.44 1.25
N PRO A 7 5.04 3.23 0.83
CA PRO A 7 6.46 2.95 1.11
C PRO A 7 6.80 2.69 2.59
N SER A 8 6.02 3.25 3.48
CA SER A 8 6.20 3.00 4.89
C SER A 8 6.03 1.50 5.25
N ALA A 9 5.13 0.82 4.55
CA ALA A 9 4.80 -0.59 4.83
C ALA A 9 5.77 -1.58 4.16
N PHE A 10 6.88 -1.08 3.66
CA PHE A 10 7.89 -1.92 3.03
C PHE A 10 8.59 -2.84 4.01
N GLY A 11 9.29 -3.81 3.46
CA GLY A 11 10.05 -4.78 4.24
C GLY A 11 9.19 -5.95 4.69
N LYS A 12 7.94 -5.66 5.00
CA LYS A 12 6.96 -6.66 5.40
C LYS A 12 5.91 -6.75 4.32
N LEU A 13 6.27 -6.17 3.20
CA LEU A 13 5.47 -6.12 2.01
C LEU A 13 5.26 -7.56 1.51
N LYS A 14 6.28 -8.37 1.70
CA LYS A 14 6.27 -9.74 1.29
C LYS A 14 5.26 -10.54 2.13
N GLU A 15 5.21 -10.23 3.42
CA GLU A 15 4.28 -10.87 4.35
C GLU A 15 2.84 -10.54 4.01
N ILE A 16 2.52 -9.25 3.84
CA ILE A 16 1.15 -8.85 3.53
C ILE A 16 0.68 -9.46 2.21
N LEU A 17 1.56 -9.51 1.24
CA LEU A 17 1.28 -10.09 -0.06
C LEU A 17 1.02 -11.60 0.06
N GLY A 18 1.91 -12.29 0.75
CA GLY A 18 1.82 -13.73 0.85
C GLY A 18 0.76 -14.23 1.82
N SER A 19 0.53 -13.52 2.88
CA SER A 19 -0.39 -13.97 3.89
C SER A 19 -1.83 -13.58 3.56
N ASN A 20 -2.01 -12.41 2.99
CA ASN A 20 -3.36 -11.92 2.77
C ASN A 20 -3.95 -12.43 1.48
N LYS A 21 -3.22 -12.20 0.36
CA LYS A 21 -3.66 -12.60 -1.00
C LYS A 21 -5.02 -11.95 -1.37
N ASN A 22 -5.56 -12.33 -2.52
CA ASN A 22 -6.94 -11.99 -2.98
C ASN A 22 -7.13 -10.50 -3.38
N TYR A 23 -6.19 -9.66 -3.04
CA TYR A 23 -6.24 -8.27 -3.45
C TYR A 23 -5.28 -8.03 -4.57
N LYS A 24 -5.57 -7.02 -5.35
CA LYS A 24 -4.65 -6.62 -6.36
C LYS A 24 -3.76 -5.55 -5.75
N PHE A 25 -2.61 -5.97 -5.32
CA PHE A 25 -1.68 -5.09 -4.67
C PHE A 25 -1.01 -4.17 -5.67
N VAL A 26 -1.05 -2.90 -5.37
CA VAL A 26 -0.53 -1.87 -6.21
C VAL A 26 0.57 -1.14 -5.47
N ILE A 27 1.63 -0.84 -6.16
CA ILE A 27 2.72 -0.10 -5.62
C ILE A 27 2.98 1.09 -6.55
N THR A 28 3.50 2.16 -6.02
CA THR A 28 3.75 3.33 -6.80
C THR A 28 5.16 3.31 -7.42
N THR A 29 5.42 4.24 -8.34
CA THR A 29 6.71 4.35 -8.98
C THR A 29 7.76 4.80 -7.97
N LEU A 30 7.36 5.75 -7.14
CA LEU A 30 8.19 6.24 -6.07
C LEU A 30 8.42 5.10 -5.07
N GLY A 31 7.40 4.28 -4.91
CA GLY A 31 7.49 3.11 -4.05
C GLY A 31 8.56 2.15 -4.53
N VAL A 32 8.44 1.67 -5.76
CA VAL A 32 9.41 0.71 -6.29
C VAL A 32 10.82 1.27 -6.31
N SER A 33 10.97 2.55 -6.64
CA SER A 33 12.27 3.17 -6.71
C SER A 33 12.90 3.26 -5.31
N PHE A 34 12.08 3.49 -4.30
CA PHE A 34 12.54 3.57 -2.93
C PHE A 34 12.98 2.19 -2.45
N ALA A 35 12.22 1.19 -2.85
CA ALA A 35 12.50 -0.18 -2.51
C ALA A 35 13.79 -0.68 -3.17
N ILE A 36 13.98 -0.34 -4.44
CA ILE A 36 15.18 -0.75 -5.20
C ILE A 36 16.46 -0.28 -4.51
N LYS A 37 16.56 1.03 -4.32
CA LYS A 37 17.78 1.63 -3.75
C LYS A 37 18.06 1.22 -2.32
N SER A 38 17.05 0.81 -1.60
CA SER A 38 17.25 0.44 -0.23
C SER A 38 17.46 -1.09 -0.08
N GLY A 39 17.29 -1.83 -1.17
CA GLY A 39 17.47 -3.27 -1.12
C GLY A 39 16.30 -3.97 -0.46
N ILE A 40 15.14 -3.42 -0.69
CA ILE A 40 13.92 -3.95 -0.12
C ILE A 40 13.29 -4.94 -1.09
N ASP A 41 12.71 -6.00 -0.55
CA ASP A 41 12.01 -7.04 -1.31
C ASP A 41 10.87 -6.47 -2.12
N ILE A 42 11.14 -6.16 -3.36
CA ILE A 42 10.13 -5.62 -4.24
C ILE A 42 10.04 -6.46 -5.52
N ASP A 43 11.14 -7.08 -5.90
CA ASP A 43 11.20 -7.91 -7.11
C ASP A 43 10.28 -9.10 -6.97
N SER A 44 10.28 -9.65 -5.76
CA SER A 44 9.44 -10.78 -5.42
C SER A 44 7.95 -10.36 -5.42
N ALA A 45 7.70 -9.10 -5.09
CA ALA A 45 6.35 -8.58 -5.06
C ALA A 45 5.81 -8.48 -6.48
N LEU A 46 6.60 -7.87 -7.35
CA LEU A 46 6.25 -7.72 -8.77
C LEU A 46 6.12 -9.10 -9.41
N ASP A 47 6.99 -10.00 -9.00
CA ASP A 47 6.99 -11.41 -9.42
C ASP A 47 5.63 -12.08 -9.22
N ARG A 48 5.05 -11.85 -8.05
CA ARG A 48 3.78 -12.47 -7.71
C ARG A 48 2.59 -11.71 -8.28
N GLY A 49 2.81 -10.54 -8.82
CA GLY A 49 1.74 -9.84 -9.49
C GLY A 49 1.40 -8.50 -8.90
N VAL A 50 2.28 -7.91 -8.13
CA VAL A 50 2.05 -6.56 -7.65
C VAL A 50 2.24 -5.60 -8.83
N ILE A 51 1.31 -4.70 -9.01
CA ILE A 51 1.35 -3.81 -10.15
C ILE A 51 1.82 -2.43 -9.75
N VAL A 52 2.53 -1.79 -10.63
CA VAL A 52 3.04 -0.47 -10.39
C VAL A 52 2.09 0.55 -10.99
N ARG A 53 1.74 1.57 -10.23
CA ARG A 53 0.91 2.63 -10.72
C ARG A 53 1.20 3.90 -9.94
N ALA A 54 1.25 4.98 -10.65
CA ALA A 54 1.48 6.28 -10.10
C ALA A 54 0.84 7.28 -11.02
N PHE A 55 0.55 8.43 -10.50
CA PHE A 55 -0.09 9.45 -11.29
C PHE A 55 0.82 10.08 -12.29
N SER A 56 0.23 10.47 -13.40
CA SER A 56 0.90 11.24 -14.39
C SER A 56 1.02 12.67 -13.85
N HIS A 57 -0.04 13.12 -13.17
CA HIS A 57 -0.06 14.44 -12.52
C HIS A 57 -1.23 14.59 -11.54
N LYS A 58 -0.95 14.42 -10.28
CA LYS A 58 -1.92 14.71 -9.26
C LYS A 58 -1.18 15.43 -8.15
N PRO A 59 -1.42 16.71 -7.92
CA PRO A 59 -0.76 17.39 -6.85
C PRO A 59 -1.51 17.17 -5.51
N PRO A 60 -0.83 16.61 -4.51
CA PRO A 60 -1.37 16.46 -3.17
C PRO A 60 -1.00 17.66 -2.32
N LYS A 61 -1.95 18.23 -1.63
CA LYS A 61 -1.60 19.33 -0.78
C LYS A 61 -1.11 18.78 0.52
N VAL A 62 0.17 18.88 0.73
CA VAL A 62 0.82 18.36 1.90
C VAL A 62 1.97 19.25 2.28
N GLY A 63 2.21 19.30 3.54
CA GLY A 63 3.33 19.98 4.12
C GLY A 63 3.67 19.27 5.37
N ASN A 64 3.55 17.96 5.30
CA ASN A 64 3.69 17.08 6.43
C ASN A 64 4.04 15.67 5.95
N LEU A 65 3.21 15.13 5.09
CA LEU A 65 3.42 13.80 4.60
C LEU A 65 4.41 13.81 3.46
N PRO A 66 5.30 12.80 3.36
CA PRO A 66 6.23 12.68 2.25
C PRO A 66 5.47 12.45 0.96
N GLN A 67 6.00 12.95 -0.14
CA GLN A 67 5.36 12.82 -1.43
C GLN A 67 5.25 11.35 -1.84
N TYR A 68 6.22 10.52 -1.49
CA TYR A 68 6.14 9.10 -1.84
C TYR A 68 4.96 8.40 -1.15
N GLU A 69 4.67 8.78 0.09
CA GLU A 69 3.50 8.24 0.80
C GLU A 69 2.24 8.83 0.16
N SER A 70 2.31 10.12 -0.17
CA SER A 70 1.20 10.84 -0.78
C SER A 70 0.79 10.24 -2.14
N GLU A 71 1.78 9.81 -2.92
CA GLU A 71 1.55 9.15 -4.21
C GLU A 71 0.70 7.91 -3.99
N ALA A 72 1.06 7.14 -2.96
CA ALA A 72 0.31 5.94 -2.61
C ALA A 72 -1.11 6.29 -2.19
N ILE A 73 -1.26 7.35 -1.39
CA ILE A 73 -2.57 7.84 -0.95
C ILE A 73 -3.42 8.21 -2.16
N MET A 74 -2.83 8.95 -3.08
CA MET A 74 -3.53 9.43 -4.27
C MET A 74 -4.00 8.27 -5.15
N VAL A 75 -3.14 7.30 -5.37
CA VAL A 75 -3.50 6.12 -6.16
C VAL A 75 -4.63 5.33 -5.48
N ALA A 76 -4.55 5.21 -4.16
CA ALA A 76 -5.56 4.50 -3.39
C ALA A 76 -6.88 5.26 -3.38
N PHE A 77 -6.80 6.58 -3.43
CA PHE A 77 -7.95 7.44 -3.46
C PHE A 77 -8.64 7.38 -4.82
N GLU A 78 -7.84 7.31 -5.86
CA GLU A 78 -8.32 7.28 -7.22
C GLU A 78 -9.03 5.94 -7.50
N LEU A 79 -8.36 4.86 -7.16
CA LEU A 79 -8.87 3.53 -7.44
C LEU A 79 -9.90 3.09 -6.42
N ASN A 80 -9.94 3.80 -5.32
CA ASN A 80 -10.76 3.44 -4.16
C ASN A 80 -10.31 2.10 -3.66
N ALA A 81 -9.12 2.11 -3.20
CA ALA A 81 -8.44 0.93 -2.79
C ALA A 81 -8.09 1.02 -1.34
N LEU A 82 -7.62 -0.08 -0.80
CA LEU A 82 -7.19 -0.10 0.56
C LEU A 82 -5.78 0.38 0.61
N LEU A 83 -5.49 1.26 1.50
CA LEU A 83 -4.15 1.75 1.61
C LEU A 83 -3.44 1.09 2.75
N ILE A 84 -2.42 0.36 2.44
CA ILE A 84 -1.64 -0.32 3.44
C ILE A 84 -0.44 0.57 3.72
N ALA A 85 -0.42 1.14 4.89
CA ALA A 85 0.64 2.04 5.26
C ALA A 85 1.10 1.70 6.64
N GLU A 86 2.32 2.04 6.95
CA GLU A 86 2.83 1.73 8.26
C GLU A 86 2.80 3.01 9.08
N ASP A 87 2.96 4.13 8.42
CA ASP A 87 3.00 5.39 9.10
C ASP A 87 1.60 5.83 9.49
N LYS A 88 1.40 6.04 10.76
CA LYS A 88 0.08 6.32 11.30
C LYS A 88 -0.46 7.66 10.90
N ASP A 89 0.40 8.61 10.61
CA ASP A 89 -0.09 9.93 10.24
C ASP A 89 -0.49 9.93 8.77
N VAL A 90 0.19 9.10 7.99
CA VAL A 90 -0.19 8.86 6.59
C VAL A 90 -1.58 8.22 6.57
N ILE A 91 -1.74 7.18 7.40
CA ILE A 91 -3.01 6.47 7.58
C ILE A 91 -4.12 7.45 8.01
N ASN A 92 -3.74 8.31 8.95
CA ASN A 92 -4.59 9.35 9.53
C ASN A 92 -5.18 10.26 8.45
N LYS A 93 -4.30 10.84 7.66
CA LYS A 93 -4.67 11.82 6.65
C LYS A 93 -5.45 11.14 5.52
N ALA A 94 -5.02 9.95 5.12
CA ALA A 94 -5.65 9.21 4.03
C ALA A 94 -7.12 8.94 4.31
N LYS A 95 -7.44 8.56 5.54
CA LYS A 95 -8.82 8.26 5.86
C LYS A 95 -9.65 9.52 6.03
N GLU A 96 -8.99 10.65 6.24
CA GLU A 96 -9.69 11.93 6.25
C GLU A 96 -10.21 12.25 4.86
N LEU A 97 -9.53 11.73 3.86
CA LEU A 97 -9.90 11.92 2.47
C LEU A 97 -10.94 10.88 2.04
N GLY A 98 -11.04 9.82 2.80
CA GLY A 98 -11.99 8.76 2.48
C GLY A 98 -11.32 7.50 1.99
N VAL A 99 -10.03 7.40 2.18
CA VAL A 99 -9.31 6.20 1.80
C VAL A 99 -9.21 5.31 3.01
N ASN A 100 -9.60 4.07 2.89
CA ASN A 100 -9.46 3.16 4.00
C ASN A 100 -8.01 2.73 4.12
N ALA A 101 -7.29 3.49 4.89
CA ALA A 101 -5.92 3.23 5.15
C ALA A 101 -5.78 2.49 6.44
N ILE A 102 -5.06 1.41 6.39
CA ILE A 102 -4.87 0.58 7.52
C ILE A 102 -3.40 0.17 7.66
N PRO A 103 -2.94 -0.05 8.91
CA PRO A 103 -1.59 -0.52 9.17
C PRO A 103 -1.40 -1.96 8.73
N ILE A 104 -0.15 -2.38 8.69
CA ILE A 104 0.25 -3.73 8.27
C ILE A 104 -0.49 -4.80 9.08
N GLU A 105 -0.47 -4.66 10.40
CA GLU A 105 -1.10 -5.62 11.29
C GLU A 105 -2.60 -5.79 11.01
N GLU A 106 -3.27 -4.70 10.64
CA GLU A 106 -4.70 -4.77 10.36
C GLU A 106 -4.96 -5.55 9.09
N LEU A 107 -4.09 -5.36 8.12
CA LEU A 107 -4.17 -6.08 6.86
C LEU A 107 -3.92 -7.57 7.14
N LEU A 108 -2.91 -7.85 7.95
CA LEU A 108 -2.58 -9.21 8.36
C LEU A 108 -3.76 -9.85 9.07
N ALA A 109 -4.38 -9.09 9.96
CA ALA A 109 -5.54 -9.54 10.72
C ALA A 109 -6.74 -9.85 9.81
N SER A 110 -6.79 -9.19 8.67
CA SER A 110 -7.88 -9.34 7.73
C SER A 110 -7.52 -10.40 6.66
N SER A 111 -6.71 -11.36 7.04
CA SER A 111 -6.32 -12.42 6.14
C SER A 111 -7.04 -13.70 6.54
N LEU A 112 -8.13 -14.02 5.82
CA LEU A 112 -8.95 -15.22 6.04
C LEU A 112 -9.62 -15.16 7.40
N GLU A 113 -9.86 -13.93 7.87
CA GLU A 113 -10.45 -13.61 9.18
C GLU A 113 -11.78 -14.35 9.38
N HIS A 114 -12.61 -14.29 8.38
CA HIS A 114 -13.88 -14.96 8.36
C HIS A 114 -14.16 -15.42 6.95
N HIS A 115 -13.58 -14.72 5.97
CA HIS A 115 -13.77 -15.08 4.59
C HIS A 115 -12.91 -16.23 4.18
N HIS A 116 -13.23 -17.35 4.77
CA HIS A 116 -12.59 -18.61 4.55
C HIS A 116 -13.51 -19.70 5.12
N HIS A 117 -14.77 -19.33 5.36
CA HIS A 117 -15.75 -20.27 5.90
C HIS A 117 -16.59 -20.81 4.76
N HIS A 118 -17.51 -20.00 4.27
CA HIS A 118 -18.27 -20.37 3.09
C HIS A 118 -17.49 -19.79 1.93
N HIS A 119 -16.96 -18.63 2.22
CA HIS A 119 -16.05 -17.83 1.47
C HIS A 119 -16.14 -16.53 2.19
N MET A 1 -10.91 -5.87 -5.61
CA MET A 1 -10.55 -4.60 -4.99
C MET A 1 -9.04 -4.47 -4.95
N PHE A 2 -8.56 -3.27 -5.16
CA PHE A 2 -7.13 -3.02 -5.17
C PHE A 2 -6.64 -2.72 -3.74
N ALA A 3 -5.37 -2.87 -3.55
CA ALA A 3 -4.71 -2.55 -2.30
C ALA A 3 -3.42 -1.84 -2.64
N VAL A 4 -3.32 -0.60 -2.26
CA VAL A 4 -2.16 0.20 -2.61
C VAL A 4 -1.19 0.24 -1.45
N ILE A 5 0.04 -0.02 -1.74
CA ILE A 5 1.08 -0.11 -0.74
C ILE A 5 1.85 1.21 -0.65
N SER A 6 2.01 1.71 0.56
CA SER A 6 2.81 2.89 0.80
C SER A 6 4.23 2.44 1.20
N PRO A 7 5.28 3.24 0.86
CA PRO A 7 6.69 2.91 1.19
C PRO A 7 6.95 2.55 2.66
N SER A 8 6.14 3.05 3.57
CA SER A 8 6.25 2.72 4.98
C SER A 8 5.96 1.21 5.24
N ALA A 9 5.20 0.60 4.35
CA ALA A 9 4.79 -0.79 4.48
C ALA A 9 5.79 -1.75 3.82
N PHE A 10 6.90 -1.21 3.36
CA PHE A 10 7.91 -2.01 2.69
C PHE A 10 8.62 -2.98 3.62
N GLY A 11 9.12 -4.06 3.03
CA GLY A 11 9.83 -5.10 3.74
C GLY A 11 8.89 -6.14 4.29
N LYS A 12 7.73 -5.69 4.70
CA LYS A 12 6.73 -6.55 5.28
C LYS A 12 5.70 -6.93 4.23
N LEU A 13 6.06 -6.61 2.99
CA LEU A 13 5.26 -6.92 1.79
C LEU A 13 5.04 -8.41 1.70
N LYS A 14 6.06 -9.12 2.10
CA LYS A 14 6.12 -10.57 2.06
C LYS A 14 4.99 -11.17 2.89
N GLU A 15 4.71 -10.55 4.02
CA GLU A 15 3.68 -11.03 4.90
C GLU A 15 2.31 -10.76 4.31
N ILE A 16 1.99 -9.49 4.06
CA ILE A 16 0.66 -9.10 3.55
C ILE A 16 0.29 -9.79 2.24
N LEU A 17 1.22 -9.83 1.31
CA LEU A 17 1.00 -10.40 0.00
C LEU A 17 0.79 -11.90 0.08
N GLY A 18 1.59 -12.58 0.89
CA GLY A 18 1.50 -14.02 0.97
C GLY A 18 0.38 -14.52 1.84
N SER A 19 0.06 -13.77 2.87
CA SER A 19 -0.97 -14.18 3.82
C SER A 19 -2.36 -13.95 3.26
N ASN A 20 -2.58 -12.80 2.69
CA ASN A 20 -3.89 -12.45 2.25
C ASN A 20 -4.09 -12.81 0.79
N LYS A 21 -3.24 -12.24 -0.09
CA LYS A 21 -3.48 -12.29 -1.54
C LYS A 21 -4.86 -11.64 -1.72
N ASN A 22 -5.65 -12.09 -2.70
CA ASN A 22 -7.08 -11.67 -2.79
C ASN A 22 -7.33 -10.17 -3.15
N TYR A 23 -6.33 -9.36 -3.07
CA TYR A 23 -6.41 -7.98 -3.48
C TYR A 23 -5.45 -7.78 -4.59
N LYS A 24 -5.67 -6.78 -5.38
CA LYS A 24 -4.72 -6.47 -6.39
C LYS A 24 -3.76 -5.49 -5.78
N PHE A 25 -2.60 -5.98 -5.42
CA PHE A 25 -1.60 -5.17 -4.76
C PHE A 25 -0.93 -4.25 -5.77
N VAL A 26 -1.06 -2.99 -5.48
CA VAL A 26 -0.58 -1.94 -6.32
C VAL A 26 0.49 -1.15 -5.59
N ILE A 27 1.57 -0.89 -6.25
CA ILE A 27 2.61 -0.08 -5.70
C ILE A 27 2.86 1.09 -6.65
N THR A 28 3.35 2.17 -6.13
CA THR A 28 3.54 3.37 -6.89
C THR A 28 4.93 3.44 -7.53
N THR A 29 5.10 4.42 -8.41
CA THR A 29 6.36 4.68 -9.07
C THR A 29 7.42 5.18 -8.09
N LEU A 30 7.02 6.02 -7.15
CA LEU A 30 7.93 6.48 -6.14
C LEU A 30 8.20 5.35 -5.17
N GLY A 31 7.20 4.48 -5.01
CA GLY A 31 7.34 3.32 -4.16
C GLY A 31 8.44 2.40 -4.66
N VAL A 32 8.34 1.98 -5.91
CA VAL A 32 9.38 1.09 -6.47
C VAL A 32 10.76 1.75 -6.47
N SER A 33 10.80 3.04 -6.76
CA SER A 33 12.04 3.77 -6.78
C SER A 33 12.66 3.82 -5.38
N PHE A 34 11.83 4.00 -4.36
CA PHE A 34 12.30 4.06 -2.99
C PHE A 34 12.83 2.69 -2.58
N ALA A 35 12.14 1.65 -3.03
CA ALA A 35 12.54 0.28 -2.75
C ALA A 35 13.89 -0.06 -3.38
N ILE A 36 14.07 0.33 -4.65
CA ILE A 36 15.32 0.09 -5.39
C ILE A 36 16.53 0.66 -4.66
N LYS A 37 16.50 1.96 -4.36
CA LYS A 37 17.63 2.62 -3.72
C LYS A 37 17.87 2.16 -2.29
N SER A 38 16.84 1.76 -1.62
CA SER A 38 16.98 1.32 -0.25
C SER A 38 17.32 -0.19 -0.16
N GLY A 39 17.41 -0.84 -1.33
CA GLY A 39 17.76 -2.25 -1.39
C GLY A 39 16.70 -3.12 -0.76
N ILE A 40 15.48 -2.76 -1.00
CA ILE A 40 14.32 -3.45 -0.46
C ILE A 40 13.86 -4.53 -1.44
N ASP A 41 13.31 -5.62 -0.92
CA ASP A 41 12.82 -6.71 -1.75
C ASP A 41 11.55 -6.30 -2.48
N ILE A 42 11.74 -5.76 -3.65
CA ILE A 42 10.64 -5.32 -4.47
C ILE A 42 10.38 -6.30 -5.61
N ASP A 43 11.43 -6.94 -6.09
CA ASP A 43 11.33 -7.88 -7.22
C ASP A 43 10.41 -9.02 -6.85
N SER A 44 10.51 -9.47 -5.61
CA SER A 44 9.72 -10.57 -5.12
C SER A 44 8.24 -10.21 -5.06
N ALA A 45 7.95 -8.94 -4.83
CA ALA A 45 6.58 -8.49 -4.76
C ALA A 45 6.00 -8.44 -6.17
N LEU A 46 6.76 -7.82 -7.07
CA LEU A 46 6.36 -7.69 -8.47
C LEU A 46 6.18 -9.07 -9.11
N ASP A 47 7.11 -9.94 -8.78
CA ASP A 47 7.15 -11.32 -9.31
C ASP A 47 5.99 -12.17 -8.78
N ARG A 48 5.43 -11.76 -7.67
CA ARG A 48 4.29 -12.44 -7.12
C ARG A 48 2.97 -11.84 -7.59
N GLY A 49 3.04 -10.71 -8.27
CA GLY A 49 1.85 -10.15 -8.84
C GLY A 49 1.55 -8.73 -8.43
N VAL A 50 2.45 -8.08 -7.71
CA VAL A 50 2.25 -6.68 -7.38
C VAL A 50 2.52 -5.83 -8.63
N ILE A 51 1.59 -4.95 -8.95
CA ILE A 51 1.70 -4.15 -10.14
C ILE A 51 2.09 -2.71 -9.80
N VAL A 52 2.74 -2.06 -10.73
CA VAL A 52 3.19 -0.70 -10.55
C VAL A 52 2.21 0.27 -11.20
N ARG A 53 1.70 1.18 -10.45
CA ARG A 53 0.78 2.16 -10.95
C ARG A 53 1.34 3.54 -10.70
N ALA A 54 1.45 4.29 -11.74
CA ALA A 54 1.78 5.67 -11.64
C ALA A 54 0.48 6.41 -11.62
N PHE A 55 0.42 7.48 -10.90
CA PHE A 55 -0.78 8.26 -10.81
C PHE A 55 -0.99 8.96 -12.14
N SER A 56 -1.98 8.49 -12.88
CA SER A 56 -2.25 8.95 -14.23
C SER A 56 -3.01 10.28 -14.25
N HIS A 57 -3.13 10.90 -13.11
CA HIS A 57 -3.80 12.17 -12.97
C HIS A 57 -2.81 13.08 -12.29
N LYS A 58 -2.97 14.37 -12.43
CA LYS A 58 -2.03 15.36 -11.89
C LYS A 58 -1.94 15.24 -10.35
N PRO A 59 -0.77 14.83 -9.83
CA PRO A 59 -0.55 14.68 -8.40
C PRO A 59 -0.55 16.03 -7.69
N PRO A 60 -1.39 16.20 -6.67
CA PRO A 60 -1.39 17.39 -5.86
C PRO A 60 -0.29 17.32 -4.80
N LYS A 61 -0.07 18.39 -4.10
CA LYS A 61 0.94 18.38 -3.09
C LYS A 61 0.33 18.10 -1.74
N VAL A 62 1.09 17.44 -0.92
CA VAL A 62 0.74 17.20 0.44
C VAL A 62 1.90 17.71 1.26
N GLY A 63 1.65 18.68 2.08
CA GLY A 63 2.72 19.33 2.80
C GLY A 63 3.07 18.67 4.10
N ASN A 64 2.24 17.76 4.57
CA ASN A 64 2.54 17.10 5.84
C ASN A 64 3.27 15.78 5.62
N LEU A 65 2.97 15.10 4.54
CA LEU A 65 3.58 13.82 4.24
C LEU A 65 4.54 13.93 3.08
N PRO A 66 5.56 13.06 3.01
CA PRO A 66 6.47 13.00 1.87
C PRO A 66 5.68 12.57 0.62
N GLN A 67 6.15 12.97 -0.54
CA GLN A 67 5.41 12.72 -1.76
C GLN A 67 5.29 11.24 -2.07
N TYR A 68 6.29 10.45 -1.71
CA TYR A 68 6.23 9.00 -1.94
C TYR A 68 5.05 8.34 -1.21
N GLU A 69 4.77 8.75 0.03
CA GLU A 69 3.63 8.23 0.78
C GLU A 69 2.35 8.79 0.16
N SER A 70 2.41 10.06 -0.19
CA SER A 70 1.29 10.79 -0.75
C SER A 70 0.84 10.21 -2.11
N GLU A 71 1.80 9.79 -2.94
CA GLU A 71 1.51 9.19 -4.23
C GLU A 71 0.71 7.91 -4.02
N ALA A 72 1.10 7.14 -3.01
CA ALA A 72 0.39 5.92 -2.66
C ALA A 72 -1.04 6.23 -2.24
N ILE A 73 -1.20 7.25 -1.38
CA ILE A 73 -2.52 7.68 -0.93
C ILE A 73 -3.39 8.09 -2.13
N MET A 74 -2.80 8.84 -3.06
CA MET A 74 -3.51 9.32 -4.23
C MET A 74 -3.96 8.19 -5.15
N VAL A 75 -3.12 7.19 -5.32
CA VAL A 75 -3.49 6.04 -6.13
C VAL A 75 -4.62 5.25 -5.45
N ALA A 76 -4.53 5.15 -4.13
CA ALA A 76 -5.56 4.47 -3.34
C ALA A 76 -6.88 5.23 -3.41
N PHE A 77 -6.79 6.54 -3.52
CA PHE A 77 -7.95 7.41 -3.64
C PHE A 77 -8.56 7.29 -5.04
N GLU A 78 -7.71 7.13 -6.03
CA GLU A 78 -8.11 7.04 -7.43
C GLU A 78 -8.87 5.72 -7.65
N LEU A 79 -8.31 4.64 -7.15
CA LEU A 79 -8.88 3.31 -7.33
C LEU A 79 -9.97 3.01 -6.32
N ASN A 80 -9.98 3.79 -5.24
CA ASN A 80 -10.84 3.55 -4.07
C ASN A 80 -10.47 2.20 -3.52
N ALA A 81 -9.29 2.18 -3.00
CA ALA A 81 -8.67 0.98 -2.58
C ALA A 81 -8.22 1.07 -1.14
N LEU A 82 -7.71 -0.01 -0.63
CA LEU A 82 -7.20 -0.02 0.71
C LEU A 82 -5.80 0.45 0.68
N LEU A 83 -5.45 1.31 1.58
CA LEU A 83 -4.11 1.77 1.62
C LEU A 83 -3.38 1.07 2.74
N ILE A 84 -2.32 0.42 2.40
CA ILE A 84 -1.52 -0.27 3.37
C ILE A 84 -0.31 0.59 3.70
N ALA A 85 -0.26 1.06 4.93
CA ALA A 85 0.81 1.92 5.38
C ALA A 85 1.12 1.61 6.82
N GLU A 86 2.29 1.96 7.27
CA GLU A 86 2.69 1.68 8.66
C GLU A 86 2.72 2.92 9.54
N ASP A 87 2.89 4.07 8.94
CA ASP A 87 2.99 5.30 9.74
C ASP A 87 1.63 5.90 10.04
N LYS A 88 1.46 6.32 11.30
CA LYS A 88 0.18 6.85 11.80
C LYS A 88 -0.26 8.08 11.04
N ASP A 89 0.69 8.95 10.66
CA ASP A 89 0.34 10.23 10.04
C ASP A 89 -0.14 9.99 8.62
N VAL A 90 0.44 8.98 7.98
CA VAL A 90 0.03 8.57 6.63
C VAL A 90 -1.37 7.96 6.69
N ILE A 91 -1.53 6.98 7.57
CA ILE A 91 -2.77 6.25 7.75
C ILE A 91 -3.91 7.20 8.11
N ASN A 92 -3.64 8.13 9.00
CA ASN A 92 -4.65 9.05 9.44
C ASN A 92 -4.99 10.03 8.32
N LYS A 93 -3.97 10.51 7.62
CA LYS A 93 -4.15 11.51 6.59
C LYS A 93 -4.96 10.93 5.44
N ALA A 94 -4.68 9.69 5.11
CA ALA A 94 -5.41 8.99 4.08
C ALA A 94 -6.87 8.86 4.47
N LYS A 95 -7.12 8.54 5.73
CA LYS A 95 -8.47 8.41 6.23
C LYS A 95 -9.21 9.76 6.33
N GLU A 96 -8.44 10.86 6.39
CA GLU A 96 -9.05 12.20 6.34
C GLU A 96 -9.51 12.46 4.93
N LEU A 97 -8.80 11.89 3.97
CA LEU A 97 -9.13 12.04 2.57
C LEU A 97 -10.24 11.06 2.18
N GLY A 98 -10.48 10.10 3.05
CA GLY A 98 -11.55 9.16 2.84
C GLY A 98 -11.07 7.81 2.37
N VAL A 99 -9.78 7.64 2.29
CA VAL A 99 -9.19 6.40 1.87
C VAL A 99 -9.09 5.49 3.08
N ASN A 100 -9.48 4.25 2.94
CA ASN A 100 -9.38 3.34 4.06
C ASN A 100 -7.95 2.85 4.18
N ALA A 101 -7.21 3.53 4.99
CA ALA A 101 -5.84 3.21 5.23
C ALA A 101 -5.74 2.34 6.47
N ILE A 102 -5.04 1.27 6.34
CA ILE A 102 -4.87 0.34 7.40
C ILE A 102 -3.42 -0.06 7.58
N PRO A 103 -2.95 -0.17 8.84
CA PRO A 103 -1.64 -0.70 9.13
C PRO A 103 -1.51 -2.14 8.65
N ILE A 104 -0.30 -2.61 8.48
CA ILE A 104 -0.03 -3.97 8.01
C ILE A 104 -0.70 -5.04 8.88
N GLU A 105 -0.66 -4.82 10.18
CA GLU A 105 -1.23 -5.75 11.14
C GLU A 105 -2.75 -5.87 10.94
N GLU A 106 -3.38 -4.80 10.46
CA GLU A 106 -4.81 -4.80 10.24
C GLU A 106 -5.15 -5.58 8.98
N LEU A 107 -4.27 -5.53 8.00
CA LEU A 107 -4.45 -6.30 6.77
C LEU A 107 -4.31 -7.77 7.13
N LEU A 108 -3.32 -8.07 7.95
CA LEU A 108 -3.06 -9.42 8.43
C LEU A 108 -4.24 -9.91 9.27
N ALA A 109 -4.76 -9.03 10.12
CA ALA A 109 -5.91 -9.34 10.95
C ALA A 109 -7.13 -9.67 10.09
N SER A 110 -7.27 -8.94 8.99
CA SER A 110 -8.35 -9.15 8.06
C SER A 110 -8.22 -10.52 7.39
N SER A 111 -7.03 -10.85 6.93
CA SER A 111 -6.77 -12.14 6.33
C SER A 111 -5.30 -12.52 6.44
N LEU A 112 -4.98 -13.34 7.41
CA LEU A 112 -3.64 -13.85 7.57
C LEU A 112 -3.50 -15.22 6.95
N GLU A 113 -4.60 -15.94 6.90
CA GLU A 113 -4.66 -17.17 6.17
C GLU A 113 -5.47 -16.96 4.91
N HIS A 114 -6.44 -16.01 5.00
CA HIS A 114 -7.44 -15.72 3.94
C HIS A 114 -8.46 -16.84 3.85
N HIS A 115 -7.99 -18.04 3.91
CA HIS A 115 -8.77 -19.22 4.03
C HIS A 115 -7.98 -20.20 4.83
N HIS A 116 -8.52 -20.65 5.94
CA HIS A 116 -7.89 -21.66 6.76
C HIS A 116 -7.88 -22.98 6.00
N HIS A 117 -8.81 -23.09 5.03
CA HIS A 117 -8.87 -24.17 4.03
C HIS A 117 -9.36 -25.51 4.65
N HIS A 118 -8.67 -26.00 5.65
CA HIS A 118 -9.10 -27.16 6.42
C HIS A 118 -8.44 -27.17 7.79
N HIS A 119 -7.11 -27.12 7.78
CA HIS A 119 -6.23 -27.07 8.95
C HIS A 119 -4.82 -27.35 8.49
N MET A 1 -10.58 -5.89 -5.20
CA MET A 1 -10.34 -4.54 -4.70
C MET A 1 -8.85 -4.29 -4.74
N PHE A 2 -8.47 -3.08 -5.04
CA PHE A 2 -7.07 -2.75 -5.14
C PHE A 2 -6.56 -2.38 -3.78
N ALA A 3 -5.33 -2.70 -3.51
CA ALA A 3 -4.68 -2.38 -2.28
C ALA A 3 -3.35 -1.77 -2.59
N VAL A 4 -3.20 -0.52 -2.27
CA VAL A 4 -1.99 0.19 -2.57
C VAL A 4 -1.07 0.11 -1.37
N ILE A 5 0.18 -0.17 -1.64
CA ILE A 5 1.17 -0.33 -0.61
C ILE A 5 1.94 0.98 -0.40
N SER A 6 2.02 1.39 0.83
CA SER A 6 2.78 2.56 1.24
C SER A 6 4.27 2.20 1.40
N PRO A 7 5.20 3.12 1.05
CA PRO A 7 6.64 2.92 1.24
C PRO A 7 7.01 2.64 2.71
N SER A 8 6.19 3.15 3.63
CA SER A 8 6.38 2.90 5.05
C SER A 8 6.18 1.40 5.36
N ALA A 9 5.31 0.78 4.59
CA ALA A 9 4.89 -0.60 4.80
C ALA A 9 5.88 -1.61 4.18
N PHE A 10 6.93 -1.12 3.56
CA PHE A 10 7.92 -1.99 2.94
C PHE A 10 8.63 -2.88 3.95
N GLY A 11 9.09 -4.01 3.47
CA GLY A 11 9.78 -4.99 4.30
C GLY A 11 8.79 -5.94 4.94
N LYS A 12 7.63 -5.42 5.29
CA LYS A 12 6.53 -6.20 5.80
C LYS A 12 5.56 -6.47 4.68
N LEU A 13 5.97 -6.01 3.52
CA LEU A 13 5.28 -6.16 2.27
C LEU A 13 5.23 -7.67 1.95
N LYS A 14 6.30 -8.37 2.33
CA LYS A 14 6.42 -9.81 2.14
C LYS A 14 5.33 -10.54 2.91
N GLU A 15 4.96 -9.99 4.06
CA GLU A 15 3.98 -10.58 4.93
C GLU A 15 2.59 -10.45 4.30
N ILE A 16 2.15 -9.21 4.13
CA ILE A 16 0.79 -8.92 3.60
C ILE A 16 0.48 -9.63 2.28
N LEU A 17 1.48 -9.67 1.40
CA LEU A 17 1.35 -10.26 0.09
C LEU A 17 1.03 -11.75 0.18
N GLY A 18 1.86 -12.47 0.89
CA GLY A 18 1.73 -13.91 0.92
C GLY A 18 0.83 -14.42 2.03
N SER A 19 0.77 -13.71 3.13
CA SER A 19 0.02 -14.16 4.27
C SER A 19 -1.47 -13.89 4.08
N ASN A 20 -1.80 -12.86 3.34
CA ASN A 20 -3.20 -12.59 3.12
C ASN A 20 -3.55 -12.77 1.67
N LYS A 21 -2.82 -12.05 0.79
CA LYS A 21 -3.15 -11.99 -0.62
C LYS A 21 -4.61 -11.44 -0.72
N ASN A 22 -5.43 -11.99 -1.64
CA ASN A 22 -6.89 -11.68 -1.76
C ASN A 22 -7.21 -10.24 -2.27
N TYR A 23 -6.22 -9.40 -2.28
CA TYR A 23 -6.34 -8.06 -2.81
C TYR A 23 -5.46 -7.91 -4.03
N LYS A 24 -5.72 -6.92 -4.83
CA LYS A 24 -4.87 -6.62 -5.95
C LYS A 24 -3.87 -5.59 -5.47
N PHE A 25 -2.68 -6.02 -5.20
CA PHE A 25 -1.65 -5.17 -4.66
C PHE A 25 -1.08 -4.26 -5.71
N VAL A 26 -1.15 -2.98 -5.43
CA VAL A 26 -0.69 -1.95 -6.30
C VAL A 26 0.43 -1.17 -5.61
N ILE A 27 1.48 -0.90 -6.32
CA ILE A 27 2.58 -0.14 -5.80
C ILE A 27 2.78 1.09 -6.69
N THR A 28 3.24 2.17 -6.11
CA THR A 28 3.42 3.40 -6.81
C THR A 28 4.77 3.48 -7.51
N THR A 29 4.90 4.48 -8.35
CA THR A 29 6.10 4.77 -9.09
C THR A 29 7.26 5.16 -8.15
N LEU A 30 6.94 5.94 -7.15
CA LEU A 30 7.92 6.31 -6.15
C LEU A 30 8.16 5.15 -5.22
N GLY A 31 7.12 4.34 -5.03
CA GLY A 31 7.20 3.16 -4.19
C GLY A 31 8.27 2.21 -4.66
N VAL A 32 8.20 1.81 -5.93
CA VAL A 32 9.20 0.90 -6.48
C VAL A 32 10.60 1.50 -6.42
N SER A 33 10.70 2.78 -6.74
CA SER A 33 11.99 3.47 -6.74
C SER A 33 12.61 3.52 -5.34
N PHE A 34 11.78 3.78 -4.35
CA PHE A 34 12.19 3.85 -2.96
C PHE A 34 12.71 2.48 -2.53
N ALA A 35 11.99 1.45 -2.92
CA ALA A 35 12.36 0.08 -2.61
C ALA A 35 13.64 -0.33 -3.34
N ILE A 36 13.78 0.11 -4.58
CA ILE A 36 14.96 -0.17 -5.39
C ILE A 36 16.22 0.38 -4.73
N LYS A 37 16.21 1.66 -4.37
CA LYS A 37 17.39 2.28 -3.81
C LYS A 37 17.68 1.83 -2.37
N SER A 38 16.71 1.20 -1.76
CA SER A 38 16.88 0.73 -0.41
C SER A 38 17.26 -0.77 -0.40
N GLY A 39 17.06 -1.45 -1.52
CA GLY A 39 17.39 -2.85 -1.59
C GLY A 39 16.33 -3.73 -0.95
N ILE A 40 15.08 -3.40 -1.18
CA ILE A 40 13.97 -4.13 -0.57
C ILE A 40 13.37 -5.11 -1.60
N ASP A 41 12.69 -6.16 -1.12
CA ASP A 41 11.97 -7.11 -1.98
C ASP A 41 10.79 -6.45 -2.67
N ILE A 42 11.06 -5.80 -3.76
CA ILE A 42 10.01 -5.20 -4.55
C ILE A 42 9.82 -6.02 -5.81
N ASP A 43 10.90 -6.60 -6.28
CA ASP A 43 10.91 -7.41 -7.49
C ASP A 43 10.19 -8.71 -7.21
N SER A 44 10.39 -9.22 -6.00
CA SER A 44 9.71 -10.40 -5.50
C SER A 44 8.20 -10.13 -5.38
N ALA A 45 7.86 -8.88 -5.13
CA ALA A 45 6.48 -8.48 -4.99
C ALA A 45 5.81 -8.40 -6.37
N LEU A 46 6.47 -7.71 -7.28
CA LEU A 46 6.00 -7.53 -8.66
C LEU A 46 5.82 -8.90 -9.31
N ASP A 47 6.77 -9.78 -9.03
CA ASP A 47 6.78 -11.19 -9.47
C ASP A 47 5.47 -11.87 -9.08
N ARG A 48 5.11 -11.72 -7.82
CA ARG A 48 3.97 -12.41 -7.23
C ARG A 48 2.64 -11.75 -7.52
N GLY A 49 2.65 -10.66 -8.22
CA GLY A 49 1.39 -10.08 -8.63
C GLY A 49 1.18 -8.66 -8.23
N VAL A 50 2.14 -8.05 -7.57
CA VAL A 50 2.02 -6.64 -7.27
C VAL A 50 2.19 -5.84 -8.56
N ILE A 51 1.26 -5.00 -8.86
CA ILE A 51 1.29 -4.22 -10.08
C ILE A 51 1.68 -2.79 -9.79
N VAL A 52 2.34 -2.18 -10.73
CA VAL A 52 2.77 -0.81 -10.57
C VAL A 52 1.74 0.10 -11.20
N ARG A 53 1.42 1.19 -10.56
CA ARG A 53 0.49 2.13 -11.12
C ARG A 53 0.81 3.54 -10.69
N ALA A 54 0.75 4.42 -11.65
CA ALA A 54 0.93 5.81 -11.42
C ALA A 54 -0.35 6.50 -11.84
N PHE A 55 -0.62 7.63 -11.27
CA PHE A 55 -1.79 8.38 -11.67
C PHE A 55 -1.47 9.22 -12.89
N SER A 56 -2.49 9.62 -13.64
CA SER A 56 -2.30 10.42 -14.84
C SER A 56 -1.57 11.72 -14.50
N HIS A 57 -2.15 12.52 -13.58
CA HIS A 57 -1.52 13.75 -13.09
C HIS A 57 -2.48 14.51 -12.20
N LYS A 58 -2.24 14.46 -10.94
CA LYS A 58 -2.95 15.25 -9.96
C LYS A 58 -1.93 15.81 -9.02
N PRO A 59 -2.19 16.96 -8.38
CA PRO A 59 -1.29 17.46 -7.36
C PRO A 59 -1.46 16.63 -6.09
N PRO A 60 -0.37 16.04 -5.57
CA PRO A 60 -0.45 15.28 -4.34
C PRO A 60 -0.67 16.24 -3.17
N LYS A 61 -1.66 15.96 -2.36
CA LYS A 61 -1.98 16.86 -1.29
C LYS A 61 -1.80 16.24 0.09
N VAL A 62 -0.79 16.72 0.78
CA VAL A 62 -0.48 16.37 2.16
C VAL A 62 0.20 17.58 2.80
N GLY A 63 0.23 17.63 4.09
CA GLY A 63 0.88 18.73 4.76
C GLY A 63 1.73 18.24 5.91
N ASN A 64 2.47 17.17 5.66
CA ASN A 64 3.31 16.53 6.68
C ASN A 64 4.08 15.36 6.10
N LEU A 65 3.40 14.56 5.31
CA LEU A 65 3.98 13.37 4.71
C LEU A 65 4.89 13.69 3.54
N PRO A 66 5.94 12.86 3.31
CA PRO A 66 6.81 13.00 2.15
C PRO A 66 6.06 12.60 0.86
N GLN A 67 6.59 13.04 -0.27
CA GLN A 67 6.00 12.82 -1.58
C GLN A 67 5.76 11.34 -1.89
N TYR A 68 6.70 10.47 -1.52
CA TYR A 68 6.54 9.03 -1.77
C TYR A 68 5.33 8.42 -1.04
N GLU A 69 5.07 8.89 0.18
CA GLU A 69 3.92 8.41 0.95
C GLU A 69 2.66 9.03 0.37
N SER A 70 2.79 10.28 -0.03
CA SER A 70 1.73 11.06 -0.61
C SER A 70 1.21 10.38 -1.90
N GLU A 71 2.14 9.94 -2.75
CA GLU A 71 1.78 9.27 -3.99
C GLU A 71 1.00 7.97 -3.71
N ALA A 72 1.40 7.26 -2.65
CA ALA A 72 0.71 6.03 -2.25
C ALA A 72 -0.74 6.34 -1.91
N ILE A 73 -0.94 7.43 -1.20
CA ILE A 73 -2.28 7.85 -0.83
C ILE A 73 -3.04 8.32 -2.08
N MET A 74 -2.37 9.10 -2.93
CA MET A 74 -3.01 9.64 -4.15
C MET A 74 -3.48 8.54 -5.10
N VAL A 75 -2.67 7.51 -5.28
CA VAL A 75 -3.07 6.40 -6.14
C VAL A 75 -4.22 5.62 -5.50
N ALA A 76 -4.15 5.42 -4.19
CA ALA A 76 -5.21 4.76 -3.46
C ALA A 76 -6.49 5.58 -3.52
N PHE A 77 -6.31 6.88 -3.54
CA PHE A 77 -7.38 7.85 -3.62
C PHE A 77 -8.06 7.79 -4.99
N GLU A 78 -7.27 7.69 -6.05
CA GLU A 78 -7.83 7.68 -7.40
C GLU A 78 -8.49 6.35 -7.73
N LEU A 79 -8.02 5.28 -7.10
CA LEU A 79 -8.59 3.94 -7.30
C LEU A 79 -9.73 3.67 -6.35
N ASN A 80 -9.78 4.45 -5.27
CA ASN A 80 -10.69 4.21 -4.13
C ASN A 80 -10.31 2.85 -3.56
N ALA A 81 -9.02 2.70 -3.37
CA ALA A 81 -8.43 1.45 -2.99
C ALA A 81 -8.23 1.34 -1.50
N LEU A 82 -7.74 0.20 -1.10
CA LEU A 82 -7.43 -0.09 0.27
C LEU A 82 -5.99 0.34 0.45
N LEU A 83 -5.70 1.13 1.43
CA LEU A 83 -4.32 1.55 1.61
C LEU A 83 -3.68 0.79 2.74
N ILE A 84 -2.65 0.07 2.42
CA ILE A 84 -1.92 -0.65 3.41
C ILE A 84 -0.76 0.24 3.81
N ALA A 85 -0.82 0.74 5.01
CA ALA A 85 0.16 1.66 5.47
C ALA A 85 0.77 1.19 6.76
N GLU A 86 1.77 1.89 7.20
CA GLU A 86 2.43 1.54 8.42
C GLU A 86 2.40 2.76 9.33
N ASP A 87 2.99 3.86 8.88
CA ASP A 87 3.01 5.09 9.65
C ASP A 87 1.60 5.63 9.85
N LYS A 88 1.36 6.06 11.06
CA LYS A 88 0.06 6.53 11.52
C LYS A 88 -0.48 7.70 10.72
N ASP A 89 0.39 8.59 10.27
CA ASP A 89 -0.07 9.80 9.59
C ASP A 89 -0.48 9.49 8.18
N VAL A 90 0.18 8.48 7.60
CA VAL A 90 -0.16 7.98 6.27
C VAL A 90 -1.58 7.41 6.34
N ILE A 91 -1.83 6.66 7.40
CA ILE A 91 -3.13 6.08 7.66
C ILE A 91 -4.17 7.19 7.87
N ASN A 92 -3.83 8.14 8.72
CA ASN A 92 -4.68 9.27 9.05
C ASN A 92 -5.06 10.12 7.84
N LYS A 93 -4.08 10.55 7.06
CA LYS A 93 -4.35 11.40 5.91
C LYS A 93 -5.17 10.70 4.86
N ALA A 94 -4.96 9.41 4.73
CA ALA A 94 -5.71 8.62 3.79
C ALA A 94 -7.17 8.57 4.19
N LYS A 95 -7.44 8.31 5.46
CA LYS A 95 -8.82 8.23 5.91
C LYS A 95 -9.49 9.59 5.98
N GLU A 96 -8.69 10.66 6.05
CA GLU A 96 -9.23 12.01 5.91
C GLU A 96 -9.80 12.18 4.52
N LEU A 97 -9.11 11.61 3.56
CA LEU A 97 -9.51 11.68 2.17
C LEU A 97 -10.54 10.62 1.82
N GLY A 98 -10.86 9.78 2.79
CA GLY A 98 -11.90 8.78 2.62
C GLY A 98 -11.36 7.46 2.15
N VAL A 99 -10.07 7.32 2.17
CA VAL A 99 -9.42 6.10 1.77
C VAL A 99 -9.24 5.24 3.00
N ASN A 100 -9.72 4.02 2.93
CA ASN A 100 -9.59 3.12 4.06
C ASN A 100 -8.18 2.61 4.18
N ALA A 101 -7.43 3.27 5.00
CA ALA A 101 -6.09 2.88 5.27
C ALA A 101 -6.05 2.13 6.57
N ILE A 102 -5.20 1.15 6.63
CA ILE A 102 -5.02 0.35 7.81
C ILE A 102 -3.55 0.02 7.99
N PRO A 103 -3.12 -0.20 9.24
CA PRO A 103 -1.79 -0.68 9.51
C PRO A 103 -1.65 -2.13 9.04
N ILE A 104 -0.44 -2.56 8.83
CA ILE A 104 -0.12 -3.87 8.27
C ILE A 104 -0.73 -5.02 9.05
N GLU A 105 -0.66 -4.94 10.36
CA GLU A 105 -1.20 -6.00 11.22
C GLU A 105 -2.72 -6.15 11.07
N GLU A 106 -3.40 -5.09 10.62
CA GLU A 106 -4.83 -5.16 10.39
C GLU A 106 -5.11 -5.89 9.09
N LEU A 107 -4.21 -5.74 8.14
CA LEU A 107 -4.34 -6.45 6.87
C LEU A 107 -4.06 -7.92 7.13
N LEU A 108 -3.09 -8.17 8.01
CA LEU A 108 -2.77 -9.52 8.45
C LEU A 108 -3.95 -10.11 9.22
N ALA A 109 -4.64 -9.27 9.98
CA ALA A 109 -5.82 -9.66 10.72
C ALA A 109 -7.03 -9.84 9.79
N SER A 110 -6.86 -9.43 8.55
CA SER A 110 -7.88 -9.60 7.54
C SER A 110 -7.62 -10.89 6.75
N SER A 111 -6.61 -11.61 7.18
CA SER A 111 -6.34 -12.92 6.66
C SER A 111 -7.18 -13.88 7.50
N LEU A 112 -7.34 -15.11 7.04
CA LEU A 112 -8.18 -16.11 7.70
C LEU A 112 -9.64 -15.64 7.69
N GLU A 113 -9.98 -14.84 6.69
CA GLU A 113 -11.31 -14.23 6.56
C GLU A 113 -12.47 -15.22 6.51
N HIS A 114 -12.28 -16.35 5.83
CA HIS A 114 -13.33 -17.39 5.78
C HIS A 114 -13.28 -18.25 7.05
N HIS A 115 -12.30 -17.95 7.88
CA HIS A 115 -12.05 -18.54 9.20
C HIS A 115 -11.99 -20.06 9.24
N HIS A 116 -13.08 -20.69 9.58
CA HIS A 116 -13.08 -22.13 9.77
C HIS A 116 -14.05 -22.79 8.82
N HIS A 117 -13.58 -23.78 8.11
CA HIS A 117 -14.37 -24.53 7.18
C HIS A 117 -13.86 -25.97 7.18
N HIS A 118 -14.66 -26.87 7.70
CA HIS A 118 -14.28 -28.27 7.77
C HIS A 118 -14.26 -28.92 6.39
N HIS A 119 -13.08 -29.27 5.95
CA HIS A 119 -12.88 -29.95 4.69
C HIS A 119 -11.62 -30.78 4.81
N MET A 1 -10.66 -5.77 -5.54
CA MET A 1 -10.32 -4.47 -4.97
C MET A 1 -8.81 -4.35 -4.97
N PHE A 2 -8.31 -3.17 -5.25
CA PHE A 2 -6.88 -2.96 -5.28
C PHE A 2 -6.40 -2.59 -3.89
N ALA A 3 -5.15 -2.85 -3.61
CA ALA A 3 -4.54 -2.49 -2.36
C ALA A 3 -3.23 -1.82 -2.64
N VAL A 4 -3.17 -0.55 -2.41
CA VAL A 4 -2.01 0.23 -2.69
C VAL A 4 -1.13 0.28 -1.45
N ILE A 5 0.10 -0.03 -1.63
CA ILE A 5 1.05 -0.07 -0.56
C ILE A 5 1.82 1.25 -0.50
N SER A 6 1.95 1.79 0.68
CA SER A 6 2.75 2.98 0.87
C SER A 6 4.17 2.55 1.22
N PRO A 7 5.20 3.32 0.81
CA PRO A 7 6.62 3.00 1.07
C PRO A 7 6.97 2.78 2.54
N SER A 8 6.16 3.31 3.46
CA SER A 8 6.37 3.08 4.87
C SER A 8 6.11 1.60 5.26
N ALA A 9 5.26 0.93 4.47
CA ALA A 9 4.83 -0.44 4.75
C ALA A 9 5.72 -1.47 4.04
N PHE A 10 6.89 -1.06 3.65
CA PHE A 10 7.82 -1.93 2.96
C PHE A 10 8.44 -2.99 3.86
N GLY A 11 9.10 -3.93 3.22
CA GLY A 11 9.80 -5.01 3.89
C GLY A 11 8.88 -6.17 4.20
N LYS A 12 7.64 -5.88 4.52
CA LYS A 12 6.67 -6.89 4.88
C LYS A 12 5.76 -7.19 3.70
N LEU A 13 6.27 -6.87 2.53
CA LEU A 13 5.55 -7.02 1.26
C LEU A 13 5.25 -8.49 0.95
N LYS A 14 6.08 -9.37 1.47
CA LYS A 14 5.95 -10.77 1.21
C LYS A 14 4.86 -11.32 2.10
N GLU A 15 4.91 -10.89 3.34
CA GLU A 15 4.05 -11.30 4.40
C GLU A 15 2.63 -10.87 4.14
N ILE A 16 2.45 -9.63 3.76
CA ILE A 16 1.11 -9.12 3.49
C ILE A 16 0.48 -9.83 2.30
N LEU A 17 1.32 -10.19 1.31
CA LEU A 17 0.82 -10.90 0.15
C LEU A 17 0.35 -12.30 0.58
N GLY A 18 1.25 -13.03 1.22
CA GLY A 18 1.01 -14.43 1.51
C GLY A 18 -0.01 -14.69 2.61
N SER A 19 -0.07 -13.82 3.59
CA SER A 19 -0.95 -14.04 4.72
C SER A 19 -2.37 -13.59 4.41
N ASN A 20 -2.50 -12.40 3.86
CA ASN A 20 -3.81 -11.86 3.60
C ASN A 20 -4.28 -12.23 2.22
N LYS A 21 -3.49 -11.83 1.21
CA LYS A 21 -3.79 -12.09 -0.20
C LYS A 21 -5.17 -11.45 -0.53
N ASN A 22 -5.80 -11.86 -1.63
CA ASN A 22 -7.20 -11.50 -1.95
C ASN A 22 -7.39 -10.06 -2.42
N TYR A 23 -6.34 -9.31 -2.48
CA TYR A 23 -6.39 -7.96 -3.02
C TYR A 23 -5.40 -7.88 -4.14
N LYS A 24 -5.64 -7.01 -5.08
CA LYS A 24 -4.66 -6.77 -6.09
C LYS A 24 -3.72 -5.72 -5.57
N PHE A 25 -2.56 -6.13 -5.16
CA PHE A 25 -1.60 -5.25 -4.56
C PHE A 25 -0.95 -4.37 -5.60
N VAL A 26 -0.92 -3.10 -5.32
CA VAL A 26 -0.42 -2.08 -6.20
C VAL A 26 0.61 -1.24 -5.47
N ILE A 27 1.66 -0.91 -6.14
CA ILE A 27 2.69 -0.07 -5.60
C ILE A 27 2.90 1.11 -6.56
N THR A 28 3.30 2.24 -6.05
CA THR A 28 3.49 3.41 -6.86
C THR A 28 4.87 3.40 -7.52
N THR A 29 5.01 4.22 -8.54
CA THR A 29 6.26 4.39 -9.25
C THR A 29 7.35 4.95 -8.30
N LEU A 30 6.94 5.80 -7.36
CA LEU A 30 7.86 6.33 -6.39
C LEU A 30 8.19 5.25 -5.37
N GLY A 31 7.23 4.39 -5.11
CA GLY A 31 7.40 3.29 -4.17
C GLY A 31 8.47 2.34 -4.63
N VAL A 32 8.38 1.89 -5.89
CA VAL A 32 9.37 0.96 -6.42
C VAL A 32 10.77 1.56 -6.41
N SER A 33 10.86 2.83 -6.75
CA SER A 33 12.13 3.52 -6.79
C SER A 33 12.76 3.61 -5.38
N PHE A 34 11.91 3.83 -4.37
CA PHE A 34 12.35 3.89 -2.98
C PHE A 34 12.86 2.52 -2.55
N ALA A 35 12.15 1.48 -2.95
CA ALA A 35 12.53 0.13 -2.63
C ALA A 35 13.85 -0.24 -3.32
N ILE A 36 14.01 0.19 -4.56
CA ILE A 36 15.24 -0.04 -5.32
C ILE A 36 16.46 0.60 -4.63
N LYS A 37 16.34 1.88 -4.28
CA LYS A 37 17.45 2.59 -3.66
C LYS A 37 17.81 2.01 -2.30
N SER A 38 16.83 1.57 -1.54
CA SER A 38 17.08 1.01 -0.24
C SER A 38 17.54 -0.46 -0.34
N GLY A 39 17.11 -1.13 -1.40
CA GLY A 39 17.44 -2.53 -1.56
C GLY A 39 16.44 -3.42 -0.86
N ILE A 40 15.21 -3.06 -0.97
CA ILE A 40 14.12 -3.80 -0.37
C ILE A 40 13.54 -4.72 -1.43
N ASP A 41 13.03 -5.88 -1.01
CA ASP A 41 12.44 -6.83 -1.93
C ASP A 41 11.18 -6.30 -2.58
N ILE A 42 11.36 -5.68 -3.69
CA ILE A 42 10.27 -5.19 -4.47
C ILE A 42 10.17 -6.04 -5.73
N ASP A 43 11.29 -6.58 -6.14
CA ASP A 43 11.38 -7.37 -7.36
C ASP A 43 10.54 -8.62 -7.28
N SER A 44 10.67 -9.35 -6.19
CA SER A 44 9.92 -10.55 -6.03
C SER A 44 8.47 -10.20 -5.75
N ALA A 45 8.22 -9.03 -5.16
CA ALA A 45 6.87 -8.58 -4.91
C ALA A 45 6.15 -8.36 -6.23
N LEU A 46 6.84 -7.71 -7.16
CA LEU A 46 6.32 -7.50 -8.51
C LEU A 46 6.04 -8.84 -9.17
N ASP A 47 6.99 -9.76 -9.02
CA ASP A 47 6.85 -11.13 -9.54
C ASP A 47 5.65 -11.86 -8.92
N ARG A 48 5.41 -11.63 -7.64
CA ARG A 48 4.31 -12.23 -6.92
C ARG A 48 2.95 -11.72 -7.42
N GLY A 49 2.94 -10.58 -8.08
CA GLY A 49 1.72 -10.05 -8.61
C GLY A 49 1.40 -8.64 -8.17
N VAL A 50 2.32 -8.03 -7.43
CA VAL A 50 2.16 -6.62 -7.04
C VAL A 50 2.48 -5.77 -8.26
N ILE A 51 1.53 -4.99 -8.71
CA ILE A 51 1.71 -4.19 -9.92
C ILE A 51 2.09 -2.76 -9.60
N VAL A 52 2.84 -2.16 -10.49
CA VAL A 52 3.27 -0.79 -10.33
C VAL A 52 2.26 0.10 -11.01
N ARG A 53 1.87 1.16 -10.38
CA ARG A 53 0.94 2.06 -10.98
C ARG A 53 1.44 3.47 -10.83
N ALA A 54 1.35 4.22 -11.89
CA ALA A 54 1.70 5.59 -11.89
C ALA A 54 0.45 6.39 -11.88
N PHE A 55 0.44 7.49 -11.19
CA PHE A 55 -0.72 8.33 -11.23
C PHE A 55 -0.71 8.97 -12.61
N SER A 56 -1.77 8.77 -13.37
CA SER A 56 -1.85 9.20 -14.75
C SER A 56 -1.76 10.72 -14.84
N HIS A 57 -2.40 11.39 -13.93
CA HIS A 57 -2.37 12.85 -13.88
C HIS A 57 -1.36 13.24 -12.80
N LYS A 58 -1.18 14.50 -12.57
CA LYS A 58 -0.37 14.92 -11.46
C LYS A 58 -1.27 15.54 -10.39
N PRO A 59 -1.52 14.82 -9.30
CA PRO A 59 -2.40 15.30 -8.24
C PRO A 59 -1.65 16.21 -7.27
N PRO A 60 -2.37 17.09 -6.54
CA PRO A 60 -1.76 17.94 -5.54
C PRO A 60 -1.14 17.07 -4.45
N LYS A 61 0.10 17.35 -4.11
CA LYS A 61 0.80 16.55 -3.15
C LYS A 61 0.39 16.95 -1.76
N VAL A 62 0.38 16.02 -0.86
CA VAL A 62 0.01 16.29 0.49
C VAL A 62 1.14 16.99 1.16
N GLY A 63 0.86 18.09 1.79
CA GLY A 63 1.85 18.77 2.55
C GLY A 63 2.05 18.04 3.84
N ASN A 64 3.17 18.28 4.50
CA ASN A 64 3.52 17.65 5.79
C ASN A 64 3.99 16.19 5.60
N LEU A 65 3.36 15.44 4.71
CA LEU A 65 3.75 14.06 4.48
C LEU A 65 4.76 13.98 3.34
N PRO A 66 5.59 12.92 3.28
CA PRO A 66 6.52 12.71 2.18
C PRO A 66 5.74 12.42 0.89
N GLN A 67 6.27 12.89 -0.22
CA GLN A 67 5.59 12.77 -1.49
C GLN A 67 5.36 11.31 -1.90
N TYR A 68 6.32 10.44 -1.65
CA TYR A 68 6.14 9.03 -2.00
C TYR A 68 5.00 8.36 -1.23
N GLU A 69 4.78 8.78 0.02
CA GLU A 69 3.66 8.27 0.81
C GLU A 69 2.38 8.89 0.27
N SER A 70 2.47 10.18 -0.05
CA SER A 70 1.36 10.96 -0.56
C SER A 70 0.85 10.40 -1.89
N GLU A 71 1.76 9.99 -2.75
CA GLU A 71 1.43 9.44 -4.05
C GLU A 71 0.65 8.15 -3.87
N ALA A 72 1.06 7.37 -2.86
CA ALA A 72 0.38 6.13 -2.54
C ALA A 72 -1.05 6.42 -2.10
N ILE A 73 -1.20 7.43 -1.24
CA ILE A 73 -2.52 7.89 -0.79
C ILE A 73 -3.36 8.32 -1.99
N MET A 74 -2.76 9.10 -2.88
CA MET A 74 -3.44 9.62 -4.06
C MET A 74 -3.90 8.50 -4.98
N VAL A 75 -3.02 7.57 -5.29
CA VAL A 75 -3.36 6.43 -6.15
C VAL A 75 -4.44 5.58 -5.49
N ALA A 76 -4.32 5.36 -4.19
CA ALA A 76 -5.30 4.59 -3.44
C ALA A 76 -6.65 5.27 -3.49
N PHE A 77 -6.65 6.57 -3.35
CA PHE A 77 -7.86 7.35 -3.40
C PHE A 77 -8.48 7.28 -4.79
N GLU A 78 -7.66 7.46 -5.82
CA GLU A 78 -8.10 7.46 -7.21
C GLU A 78 -8.74 6.10 -7.55
N LEU A 79 -8.11 5.03 -7.11
CA LEU A 79 -8.57 3.68 -7.41
C LEU A 79 -9.69 3.27 -6.47
N ASN A 80 -9.82 4.02 -5.37
CA ASN A 80 -10.80 3.74 -4.29
C ASN A 80 -10.39 2.40 -3.67
N ALA A 81 -9.10 2.28 -3.49
CA ALA A 81 -8.46 1.08 -3.08
C ALA A 81 -8.21 1.04 -1.58
N LEU A 82 -7.64 -0.05 -1.17
CA LEU A 82 -7.25 -0.29 0.20
C LEU A 82 -5.85 0.29 0.33
N LEU A 83 -5.56 1.02 1.36
CA LEU A 83 -4.24 1.56 1.51
C LEU A 83 -3.52 0.90 2.66
N ILE A 84 -2.39 0.33 2.35
CA ILE A 84 -1.57 -0.32 3.33
C ILE A 84 -0.42 0.60 3.63
N ALA A 85 -0.40 1.16 4.81
CA ALA A 85 0.63 2.09 5.19
C ALA A 85 1.05 1.81 6.61
N GLU A 86 2.26 2.19 6.95
CA GLU A 86 2.75 1.97 8.30
C GLU A 86 2.87 3.24 9.09
N ASP A 87 3.03 4.35 8.44
CA ASP A 87 3.13 5.59 9.17
C ASP A 87 1.76 6.03 9.66
N LYS A 88 1.72 6.32 10.95
CA LYS A 88 0.52 6.71 11.65
C LYS A 88 -0.25 7.84 10.95
N ASP A 89 0.46 8.90 10.62
CA ASP A 89 -0.19 10.08 10.06
C ASP A 89 -0.49 9.93 8.58
N VAL A 90 0.32 9.12 7.89
CA VAL A 90 0.03 8.77 6.48
C VAL A 90 -1.33 8.06 6.41
N ILE A 91 -1.52 7.09 7.30
CA ILE A 91 -2.79 6.37 7.42
C ILE A 91 -3.91 7.34 7.78
N ASN A 92 -3.60 8.22 8.73
CA ASN A 92 -4.57 9.17 9.24
C ASN A 92 -5.06 10.10 8.15
N LYS A 93 -4.12 10.65 7.37
CA LYS A 93 -4.43 11.61 6.33
C LYS A 93 -5.24 10.96 5.21
N ALA A 94 -4.92 9.72 4.91
CA ALA A 94 -5.66 8.98 3.90
C ALA A 94 -7.08 8.74 4.37
N LYS A 95 -7.21 8.48 5.65
CA LYS A 95 -8.50 8.23 6.25
C LYS A 95 -9.31 9.53 6.34
N GLU A 96 -8.61 10.67 6.41
CA GLU A 96 -9.21 12.00 6.36
C GLU A 96 -9.91 12.23 5.03
N LEU A 97 -9.31 11.71 3.97
CA LEU A 97 -9.84 11.84 2.62
C LEU A 97 -10.94 10.81 2.37
N GLY A 98 -10.94 9.78 3.18
CA GLY A 98 -11.95 8.75 3.05
C GLY A 98 -11.43 7.50 2.38
N VAL A 99 -10.15 7.24 2.50
CA VAL A 99 -9.55 6.03 1.97
C VAL A 99 -9.43 5.04 3.11
N ASN A 100 -9.68 3.78 2.86
CA ASN A 100 -9.53 2.78 3.90
C ASN A 100 -8.08 2.41 4.03
N ALA A 101 -7.41 3.12 4.89
CA ALA A 101 -6.02 2.92 5.15
C ALA A 101 -5.87 2.28 6.51
N ILE A 102 -5.10 1.24 6.56
CA ILE A 102 -4.85 0.50 7.78
C ILE A 102 -3.39 0.02 7.82
N PRO A 103 -2.84 -0.26 9.02
CA PRO A 103 -1.48 -0.80 9.16
C PRO A 103 -1.39 -2.27 8.74
N ILE A 104 -0.17 -2.75 8.59
CA ILE A 104 0.13 -4.11 8.13
C ILE A 104 -0.54 -5.20 8.99
N GLU A 105 -0.47 -5.08 10.31
CA GLU A 105 -1.07 -6.09 11.18
C GLU A 105 -2.58 -6.17 11.01
N GLU A 106 -3.20 -5.03 10.82
CA GLU A 106 -4.62 -4.98 10.60
C GLU A 106 -4.97 -5.50 9.22
N LEU A 107 -4.06 -5.29 8.28
CA LEU A 107 -4.19 -5.84 6.94
C LEU A 107 -4.21 -7.36 7.04
N LEU A 108 -3.36 -7.87 7.92
CA LEU A 108 -3.24 -9.31 8.17
C LEU A 108 -4.51 -9.86 8.85
N ALA A 109 -5.29 -8.97 9.45
CA ALA A 109 -6.51 -9.38 10.15
C ALA A 109 -7.78 -8.99 9.38
N SER A 110 -7.63 -8.42 8.20
CA SER A 110 -8.79 -8.00 7.41
C SER A 110 -9.03 -8.92 6.20
N SER A 111 -8.59 -10.16 6.33
CA SER A 111 -8.71 -11.14 5.26
C SER A 111 -10.15 -11.37 4.80
N LEU A 112 -10.33 -11.24 3.50
CA LEU A 112 -11.61 -11.47 2.85
C LEU A 112 -11.51 -12.74 2.02
N GLU A 113 -10.65 -13.63 2.48
CA GLU A 113 -10.36 -14.91 1.85
C GLU A 113 -11.63 -15.72 1.67
N HIS A 114 -12.32 -15.97 2.75
CA HIS A 114 -13.53 -16.76 2.66
C HIS A 114 -14.60 -16.09 3.51
N HIS A 115 -14.20 -15.67 4.71
CA HIS A 115 -15.01 -14.86 5.67
C HIS A 115 -16.19 -15.63 6.28
N HIS A 116 -16.83 -16.43 5.49
CA HIS A 116 -18.00 -17.17 5.91
C HIS A 116 -17.60 -18.37 6.76
N HIS A 117 -18.15 -18.44 7.96
CA HIS A 117 -17.94 -19.57 8.89
C HIS A 117 -18.79 -20.79 8.49
N HIS A 118 -19.63 -20.53 7.52
CA HIS A 118 -20.51 -21.47 6.83
C HIS A 118 -21.30 -20.57 5.91
N HIS A 119 -21.79 -19.53 6.53
CA HIS A 119 -22.31 -18.37 5.90
C HIS A 119 -22.06 -17.30 6.90
N MET A 1 -10.52 -5.89 -5.41
CA MET A 1 -10.27 -4.55 -4.89
C MET A 1 -8.78 -4.28 -4.96
N PHE A 2 -8.41 -3.05 -5.18
CA PHE A 2 -7.01 -2.70 -5.25
C PHE A 2 -6.50 -2.39 -3.85
N ALA A 3 -5.25 -2.66 -3.61
CA ALA A 3 -4.62 -2.36 -2.35
C ALA A 3 -3.29 -1.69 -2.63
N VAL A 4 -3.20 -0.43 -2.31
CA VAL A 4 -2.01 0.33 -2.58
C VAL A 4 -1.08 0.28 -1.38
N ILE A 5 0.15 -0.04 -1.64
CA ILE A 5 1.14 -0.16 -0.61
C ILE A 5 1.93 1.14 -0.49
N SER A 6 1.97 1.69 0.69
CA SER A 6 2.75 2.87 0.96
C SER A 6 4.16 2.47 1.42
N PRO A 7 5.20 3.20 0.98
CA PRO A 7 6.62 2.97 1.36
C PRO A 7 6.89 2.58 2.84
N SER A 8 6.11 3.06 3.78
CA SER A 8 6.28 2.67 5.19
C SER A 8 6.00 1.16 5.41
N ALA A 9 5.24 0.57 4.51
CA ALA A 9 4.85 -0.83 4.59
C ALA A 9 5.83 -1.73 3.83
N PHE A 10 6.96 -1.18 3.43
CA PHE A 10 7.94 -1.94 2.68
C PHE A 10 8.72 -2.88 3.55
N GLY A 11 9.32 -3.88 2.92
CA GLY A 11 10.08 -4.93 3.60
C GLY A 11 9.16 -5.99 4.19
N LYS A 12 8.01 -5.55 4.64
CA LYS A 12 6.99 -6.41 5.20
C LYS A 12 5.97 -6.75 4.12
N LEU A 13 6.34 -6.43 2.88
CA LEU A 13 5.55 -6.69 1.68
C LEU A 13 5.19 -8.16 1.60
N LYS A 14 6.13 -8.99 1.98
CA LYS A 14 5.99 -10.42 1.91
C LYS A 14 5.05 -10.95 2.99
N GLU A 15 4.86 -10.17 4.04
CA GLU A 15 3.91 -10.51 5.08
C GLU A 15 2.51 -10.29 4.56
N ILE A 16 2.23 -9.04 4.17
CA ILE A 16 0.89 -8.67 3.68
C ILE A 16 0.45 -9.48 2.47
N LEU A 17 1.33 -9.57 1.50
CA LEU A 17 1.06 -10.24 0.26
C LEU A 17 0.88 -11.74 0.49
N GLY A 18 1.78 -12.33 1.25
CA GLY A 18 1.75 -13.76 1.44
C GLY A 18 0.68 -14.23 2.40
N SER A 19 0.38 -13.44 3.40
CA SER A 19 -0.58 -13.86 4.40
C SER A 19 -2.03 -13.57 3.99
N ASN A 20 -2.24 -12.57 3.15
CA ASN A 20 -3.61 -12.19 2.80
C ASN A 20 -3.95 -12.56 1.37
N LYS A 21 -3.18 -12.01 0.41
CA LYS A 21 -3.49 -12.13 -1.03
C LYS A 21 -4.89 -11.53 -1.27
N ASN A 22 -5.56 -11.95 -2.33
CA ASN A 22 -6.99 -11.61 -2.65
C ASN A 22 -7.19 -10.14 -3.07
N TYR A 23 -6.22 -9.32 -2.83
CA TYR A 23 -6.26 -7.95 -3.24
C TYR A 23 -5.37 -7.75 -4.41
N LYS A 24 -5.66 -6.79 -5.21
CA LYS A 24 -4.80 -6.45 -6.28
C LYS A 24 -3.87 -5.39 -5.75
N PHE A 25 -2.71 -5.84 -5.35
CA PHE A 25 -1.74 -4.99 -4.72
C PHE A 25 -1.09 -4.09 -5.74
N VAL A 26 -1.15 -2.82 -5.46
CA VAL A 26 -0.64 -1.80 -6.31
C VAL A 26 0.41 -1.01 -5.55
N ILE A 27 1.49 -0.74 -6.18
CA ILE A 27 2.52 0.05 -5.60
C ILE A 27 2.78 1.22 -6.54
N THR A 28 3.27 2.31 -6.03
CA THR A 28 3.47 3.49 -6.83
C THR A 28 4.84 3.53 -7.49
N THR A 29 5.01 4.44 -8.41
CA THR A 29 6.25 4.67 -9.10
C THR A 29 7.34 5.13 -8.14
N LEU A 30 7.01 6.07 -7.26
CA LEU A 30 7.97 6.51 -6.28
C LEU A 30 8.19 5.42 -5.24
N GLY A 31 7.21 4.54 -5.13
CA GLY A 31 7.26 3.43 -4.23
C GLY A 31 8.30 2.41 -4.66
N VAL A 32 8.20 1.90 -5.90
CA VAL A 32 9.17 0.92 -6.40
C VAL A 32 10.58 1.48 -6.39
N SER A 33 10.69 2.76 -6.71
CA SER A 33 11.96 3.42 -6.71
C SER A 33 12.53 3.55 -5.29
N PHE A 34 11.65 3.75 -4.31
CA PHE A 34 12.06 3.86 -2.91
C PHE A 34 12.59 2.51 -2.44
N ALA A 35 11.92 1.45 -2.86
CA ALA A 35 12.35 0.10 -2.55
C ALA A 35 13.75 -0.13 -3.12
N ILE A 36 13.91 0.21 -4.40
CA ILE A 36 15.19 0.09 -5.11
C ILE A 36 16.32 0.83 -4.37
N LYS A 37 16.11 2.10 -4.04
CA LYS A 37 17.17 2.91 -3.43
C LYS A 37 17.49 2.52 -2.01
N SER A 38 16.66 1.70 -1.41
CA SER A 38 16.90 1.27 -0.07
C SER A 38 17.35 -0.20 -0.06
N GLY A 39 17.43 -0.80 -1.25
CA GLY A 39 17.84 -2.18 -1.36
C GLY A 39 16.77 -3.14 -0.86
N ILE A 40 15.55 -2.73 -0.97
CA ILE A 40 14.42 -3.51 -0.54
C ILE A 40 14.02 -4.42 -1.68
N ASP A 41 13.87 -5.68 -1.38
CA ASP A 41 13.52 -6.66 -2.38
C ASP A 41 12.08 -6.49 -2.84
N ILE A 42 11.94 -6.08 -4.07
CA ILE A 42 10.65 -5.74 -4.65
C ILE A 42 10.28 -6.67 -5.82
N ASP A 43 11.27 -7.38 -6.36
CA ASP A 43 11.04 -8.24 -7.55
C ASP A 43 10.02 -9.31 -7.25
N SER A 44 10.14 -9.93 -6.09
CA SER A 44 9.26 -10.98 -5.66
C SER A 44 7.81 -10.48 -5.52
N ALA A 45 7.65 -9.21 -5.15
CA ALA A 45 6.34 -8.65 -4.98
C ALA A 45 5.65 -8.56 -6.35
N LEU A 46 6.36 -7.97 -7.29
CA LEU A 46 5.88 -7.82 -8.65
C LEU A 46 5.62 -9.20 -9.26
N ASP A 47 6.58 -10.09 -9.02
CA ASP A 47 6.54 -11.50 -9.44
C ASP A 47 5.27 -12.21 -8.98
N ARG A 48 4.90 -11.98 -7.73
CA ARG A 48 3.70 -12.59 -7.15
C ARG A 48 2.42 -11.94 -7.61
N GLY A 49 2.50 -10.78 -8.22
CA GLY A 49 1.29 -10.15 -8.71
C GLY A 49 1.03 -8.74 -8.22
N VAL A 50 2.03 -8.11 -7.62
CA VAL A 50 1.89 -6.71 -7.26
C VAL A 50 2.18 -5.87 -8.51
N ILE A 51 1.34 -4.91 -8.78
CA ILE A 51 1.51 -4.08 -9.95
C ILE A 51 1.92 -2.68 -9.55
N VAL A 52 2.58 -2.00 -10.45
CA VAL A 52 2.99 -0.65 -10.20
C VAL A 52 2.15 0.31 -11.04
N ARG A 53 1.70 1.38 -10.45
CA ARG A 53 0.90 2.36 -11.15
C ARG A 53 1.55 3.73 -10.96
N ALA A 54 1.66 4.46 -12.05
CA ALA A 54 2.28 5.76 -12.02
C ALA A 54 1.24 6.85 -11.88
N PHE A 55 1.48 7.75 -10.96
CA PHE A 55 0.64 8.92 -10.80
C PHE A 55 1.24 9.99 -11.69
N SER A 56 0.43 10.74 -12.40
CA SER A 56 1.00 11.62 -13.38
C SER A 56 1.43 13.00 -12.84
N HIS A 57 0.51 13.77 -12.24
CA HIS A 57 0.87 15.08 -11.65
C HIS A 57 -0.34 15.81 -11.08
N LYS A 58 -0.49 15.73 -9.81
CA LYS A 58 -1.39 16.57 -9.04
C LYS A 58 -0.65 16.98 -7.80
N PRO A 59 -0.90 18.16 -7.24
CA PRO A 59 -0.31 18.50 -5.95
C PRO A 59 -0.99 17.66 -4.86
N PRO A 60 -0.23 16.89 -4.07
CA PRO A 60 -0.80 16.05 -3.04
C PRO A 60 -1.22 16.86 -1.83
N LYS A 61 -2.43 16.64 -1.38
CA LYS A 61 -2.89 17.30 -0.20
C LYS A 61 -2.53 16.46 0.99
N VAL A 62 -1.59 16.93 1.76
CA VAL A 62 -1.05 16.24 2.91
C VAL A 62 -0.60 17.27 3.93
N GLY A 63 -0.43 16.88 5.17
CA GLY A 63 0.10 17.80 6.15
C GLY A 63 1.59 17.95 5.93
N ASN A 64 2.33 16.96 6.37
CA ASN A 64 3.76 16.90 6.15
C ASN A 64 4.21 15.49 5.86
N LEU A 65 3.84 15.01 4.69
CA LEU A 65 4.15 13.67 4.26
C LEU A 65 5.22 13.67 3.18
N PRO A 66 6.05 12.62 3.14
CA PRO A 66 7.05 12.46 2.08
C PRO A 66 6.38 12.14 0.76
N GLN A 67 6.90 12.72 -0.32
CA GLN A 67 6.35 12.62 -1.69
C GLN A 67 5.98 11.19 -2.09
N TYR A 68 6.86 10.26 -1.78
CA TYR A 68 6.64 8.85 -2.12
C TYR A 68 5.38 8.24 -1.45
N GLU A 69 5.07 8.65 -0.24
CA GLU A 69 3.90 8.09 0.43
C GLU A 69 2.67 8.89 0.07
N SER A 70 2.86 10.15 -0.22
CA SER A 70 1.80 10.99 -0.70
C SER A 70 1.29 10.48 -2.05
N GLU A 71 2.21 10.02 -2.91
CA GLU A 71 1.83 9.43 -4.19
C GLU A 71 0.98 8.19 -3.95
N ALA A 72 1.37 7.39 -2.95
CA ALA A 72 0.64 6.19 -2.59
C ALA A 72 -0.80 6.52 -2.18
N ILE A 73 -0.96 7.51 -1.32
CA ILE A 73 -2.28 7.97 -0.89
C ILE A 73 -3.10 8.46 -2.09
N MET A 74 -2.47 9.26 -2.95
CA MET A 74 -3.16 9.83 -4.11
C MET A 74 -3.65 8.74 -5.06
N VAL A 75 -2.81 7.75 -5.34
CA VAL A 75 -3.20 6.65 -6.22
C VAL A 75 -4.31 5.80 -5.59
N ALA A 76 -4.22 5.61 -4.28
CA ALA A 76 -5.25 4.88 -3.54
C ALA A 76 -6.59 5.60 -3.62
N PHE A 77 -6.52 6.91 -3.63
CA PHE A 77 -7.71 7.74 -3.73
C PHE A 77 -8.31 7.63 -5.14
N GLU A 78 -7.44 7.59 -6.16
CA GLU A 78 -7.84 7.48 -7.56
C GLU A 78 -8.62 6.20 -7.80
N LEU A 79 -8.06 5.12 -7.34
CA LEU A 79 -8.63 3.80 -7.57
C LEU A 79 -9.73 3.49 -6.58
N ASN A 80 -9.76 4.26 -5.49
CA ASN A 80 -10.65 4.01 -4.35
C ASN A 80 -10.28 2.64 -3.79
N ALA A 81 -9.02 2.55 -3.48
CA ALA A 81 -8.40 1.32 -3.07
C ALA A 81 -8.23 1.25 -1.57
N LEU A 82 -7.72 0.15 -1.13
CA LEU A 82 -7.42 -0.08 0.25
C LEU A 82 -5.96 0.37 0.39
N LEU A 83 -5.63 1.11 1.41
CA LEU A 83 -4.26 1.58 1.53
C LEU A 83 -3.56 0.87 2.66
N ILE A 84 -2.41 0.34 2.37
CA ILE A 84 -1.62 -0.34 3.36
C ILE A 84 -0.43 0.55 3.69
N ALA A 85 -0.40 1.03 4.90
CA ALA A 85 0.65 1.93 5.33
C ALA A 85 0.97 1.66 6.78
N GLU A 86 2.21 1.83 7.14
CA GLU A 86 2.61 1.60 8.51
C GLU A 86 2.71 2.92 9.26
N ASP A 87 2.88 4.00 8.52
CA ASP A 87 3.01 5.31 9.15
C ASP A 87 1.67 5.85 9.56
N LYS A 88 1.55 6.16 10.83
CA LYS A 88 0.31 6.55 11.47
C LYS A 88 -0.32 7.80 10.83
N ASP A 89 0.51 8.77 10.44
CA ASP A 89 -0.03 10.01 9.87
C ASP A 89 -0.43 9.81 8.42
N VAL A 90 0.28 8.91 7.74
CA VAL A 90 -0.10 8.51 6.37
C VAL A 90 -1.47 7.84 6.42
N ILE A 91 -1.63 6.93 7.39
CA ILE A 91 -2.88 6.23 7.63
C ILE A 91 -3.99 7.24 7.92
N ASN A 92 -3.69 8.15 8.84
CA ASN A 92 -4.64 9.19 9.26
C ASN A 92 -5.15 10.02 8.10
N LYS A 93 -4.24 10.49 7.27
CA LYS A 93 -4.58 11.37 6.18
C LYS A 93 -5.47 10.63 5.16
N ALA A 94 -5.08 9.43 4.81
CA ALA A 94 -5.83 8.65 3.84
C ALA A 94 -7.21 8.32 4.37
N LYS A 95 -7.27 8.07 5.69
CA LYS A 95 -8.52 7.75 6.38
C LYS A 95 -9.52 8.91 6.16
N GLU A 96 -9.03 10.15 6.27
CA GLU A 96 -9.83 11.37 6.09
C GLU A 96 -10.44 11.43 4.70
N LEU A 97 -9.69 10.95 3.73
CA LEU A 97 -10.12 11.00 2.33
C LEU A 97 -11.17 9.93 2.01
N GLY A 98 -11.43 9.08 2.98
CA GLY A 98 -12.39 8.02 2.79
C GLY A 98 -11.74 6.76 2.33
N VAL A 99 -10.45 6.79 2.30
CA VAL A 99 -9.66 5.66 1.90
C VAL A 99 -9.33 4.90 3.15
N ASN A 100 -9.59 3.62 3.17
CA ASN A 100 -9.27 2.88 4.35
C ASN A 100 -7.82 2.50 4.34
N ALA A 101 -7.06 3.27 5.04
CA ALA A 101 -5.69 2.98 5.24
C ALA A 101 -5.55 2.19 6.50
N ILE A 102 -4.90 1.10 6.41
CA ILE A 102 -4.67 0.25 7.52
C ILE A 102 -3.22 -0.17 7.59
N PRO A 103 -2.69 -0.34 8.79
CA PRO A 103 -1.34 -0.85 8.98
C PRO A 103 -1.24 -2.32 8.62
N ILE A 104 -0.04 -2.82 8.52
CA ILE A 104 0.21 -4.19 8.10
C ILE A 104 -0.42 -5.21 9.04
N GLU A 105 -0.36 -4.95 10.32
CA GLU A 105 -0.92 -5.88 11.28
C GLU A 105 -2.46 -5.97 11.16
N GLU A 106 -3.11 -4.88 10.73
CA GLU A 106 -4.55 -4.93 10.47
C GLU A 106 -4.82 -5.68 9.17
N LEU A 107 -3.90 -5.57 8.22
CA LEU A 107 -4.01 -6.28 6.95
C LEU A 107 -3.86 -7.79 7.22
N LEU A 108 -3.01 -8.12 8.17
CA LEU A 108 -2.81 -9.51 8.59
C LEU A 108 -4.08 -10.05 9.23
N ALA A 109 -4.72 -9.23 10.03
CA ALA A 109 -5.98 -9.58 10.67
C ALA A 109 -7.11 -9.68 9.64
N SER A 110 -6.95 -8.95 8.55
CA SER A 110 -7.91 -8.94 7.45
C SER A 110 -7.95 -10.30 6.73
N SER A 111 -6.95 -11.12 6.98
CA SER A 111 -6.89 -12.42 6.41
C SER A 111 -6.94 -13.45 7.52
N LEU A 112 -8.13 -13.99 7.74
CA LEU A 112 -8.40 -15.04 8.71
C LEU A 112 -7.97 -14.68 10.14
N GLU A 113 -8.90 -14.07 10.87
CA GLU A 113 -8.70 -13.76 12.29
C GLU A 113 -8.87 -15.05 13.07
N HIS A 114 -9.53 -15.99 12.41
CA HIS A 114 -9.91 -17.29 12.90
C HIS A 114 -11.19 -17.14 13.69
N HIS A 115 -12.30 -17.21 12.95
CA HIS A 115 -13.68 -16.99 13.40
C HIS A 115 -14.13 -15.57 13.16
N HIS A 116 -13.95 -14.71 14.14
CA HIS A 116 -14.38 -13.33 14.05
C HIS A 116 -13.74 -12.63 15.23
N HIS A 117 -12.54 -12.11 14.99
CA HIS A 117 -11.62 -11.61 16.05
C HIS A 117 -11.15 -12.77 16.94
N HIS A 118 -10.00 -12.65 17.51
CA HIS A 118 -9.46 -13.75 18.26
C HIS A 118 -8.58 -13.25 19.37
N HIS A 119 -8.45 -14.03 20.41
CA HIS A 119 -7.55 -13.74 21.50
C HIS A 119 -6.64 -14.91 21.66
N MET A 1 -10.44 -5.59 -5.91
CA MET A 1 -10.14 -4.33 -5.25
C MET A 1 -8.64 -4.19 -5.17
N PHE A 2 -8.15 -2.99 -5.35
CA PHE A 2 -6.74 -2.74 -5.31
C PHE A 2 -6.33 -2.47 -3.87
N ALA A 3 -5.12 -2.81 -3.56
CA ALA A 3 -4.55 -2.53 -2.27
C ALA A 3 -3.24 -1.82 -2.49
N VAL A 4 -3.19 -0.56 -2.20
CA VAL A 4 -2.03 0.24 -2.49
C VAL A 4 -1.10 0.25 -1.29
N ILE A 5 0.12 -0.06 -1.54
CA ILE A 5 1.14 -0.15 -0.53
C ILE A 5 1.87 1.19 -0.41
N SER A 6 1.89 1.74 0.77
CA SER A 6 2.62 2.96 1.02
C SER A 6 4.07 2.60 1.38
N PRO A 7 5.05 3.46 1.05
CA PRO A 7 6.48 3.20 1.34
C PRO A 7 6.80 3.02 2.83
N SER A 8 5.92 3.47 3.70
CA SER A 8 6.06 3.23 5.12
C SER A 8 5.82 1.75 5.44
N ALA A 9 5.19 1.05 4.52
CA ALA A 9 4.85 -0.36 4.68
C ALA A 9 5.86 -1.25 3.94
N PHE A 10 6.97 -0.67 3.54
CA PHE A 10 7.98 -1.40 2.79
C PHE A 10 8.74 -2.40 3.64
N GLY A 11 9.25 -3.42 2.97
CA GLY A 11 9.96 -4.51 3.60
C GLY A 11 9.01 -5.60 4.03
N LYS A 12 7.82 -5.19 4.41
CA LYS A 12 6.82 -6.08 4.95
C LYS A 12 5.74 -6.40 3.91
N LEU A 13 6.01 -6.04 2.65
CA LEU A 13 5.09 -6.32 1.52
C LEU A 13 4.91 -7.83 1.41
N LYS A 14 5.97 -8.52 1.77
CA LYS A 14 6.04 -9.98 1.71
C LYS A 14 4.96 -10.62 2.58
N GLU A 15 4.72 -10.05 3.76
CA GLU A 15 3.70 -10.58 4.67
C GLU A 15 2.31 -10.39 4.11
N ILE A 16 1.95 -9.15 3.80
CA ILE A 16 0.59 -8.83 3.30
C ILE A 16 0.24 -9.59 2.03
N LEU A 17 1.23 -9.74 1.18
CA LEU A 17 1.05 -10.40 -0.08
C LEU A 17 0.91 -11.91 0.10
N GLY A 18 1.79 -12.50 0.89
CA GLY A 18 1.82 -13.94 1.02
C GLY A 18 0.81 -14.48 2.01
N SER A 19 0.50 -13.74 3.03
CA SER A 19 -0.41 -14.21 4.04
C SER A 19 -1.87 -13.92 3.71
N ASN A 20 -2.12 -12.95 2.87
CA ASN A 20 -3.50 -12.61 2.57
C ASN A 20 -3.85 -12.87 1.13
N LYS A 21 -3.09 -12.27 0.19
CA LYS A 21 -3.45 -12.30 -1.24
C LYS A 21 -4.81 -11.58 -1.35
N ASN A 22 -5.72 -12.05 -2.22
CA ASN A 22 -7.15 -11.56 -2.27
C ASN A 22 -7.34 -10.14 -2.81
N TYR A 23 -6.29 -9.39 -2.90
CA TYR A 23 -6.35 -8.03 -3.41
C TYR A 23 -5.32 -7.85 -4.48
N LYS A 24 -5.53 -6.91 -5.35
CA LYS A 24 -4.53 -6.59 -6.33
C LYS A 24 -3.65 -5.55 -5.69
N PHE A 25 -2.52 -5.96 -5.25
CA PHE A 25 -1.61 -5.08 -4.57
C PHE A 25 -0.94 -4.15 -5.55
N VAL A 26 -1.04 -2.90 -5.27
CA VAL A 26 -0.54 -1.86 -6.10
C VAL A 26 0.56 -1.13 -5.38
N ILE A 27 1.67 -1.03 -6.01
CA ILE A 27 2.79 -0.35 -5.49
C ILE A 27 3.00 0.87 -6.43
N THR A 28 3.43 1.97 -5.89
CA THR A 28 3.59 3.17 -6.66
C THR A 28 4.94 3.22 -7.39
N THR A 29 5.01 4.05 -8.41
CA THR A 29 6.23 4.25 -9.16
C THR A 29 7.34 4.80 -8.29
N LEU A 30 7.03 5.80 -7.46
CA LEU A 30 8.03 6.34 -6.57
C LEU A 30 8.45 5.29 -5.57
N GLY A 31 7.50 4.43 -5.22
CA GLY A 31 7.73 3.36 -4.31
C GLY A 31 8.75 2.36 -4.82
N VAL A 32 8.59 1.90 -6.08
CA VAL A 32 9.54 0.94 -6.64
C VAL A 32 10.94 1.52 -6.73
N SER A 33 11.04 2.78 -7.15
CA SER A 33 12.31 3.45 -7.27
C SER A 33 12.95 3.61 -5.87
N PHE A 34 12.12 3.85 -4.86
CA PHE A 34 12.57 3.97 -3.49
C PHE A 34 13.07 2.62 -3.00
N ALA A 35 12.33 1.57 -3.30
CA ALA A 35 12.69 0.22 -2.94
C ALA A 35 14.02 -0.19 -3.60
N ILE A 36 14.22 0.24 -4.82
CA ILE A 36 15.46 0.00 -5.54
C ILE A 36 16.64 0.71 -4.85
N LYS A 37 16.49 2.00 -4.61
CA LYS A 37 17.59 2.81 -4.04
C LYS A 37 17.92 2.43 -2.59
N SER A 38 16.94 2.02 -1.83
CA SER A 38 17.17 1.66 -0.45
C SER A 38 17.56 0.17 -0.29
N GLY A 39 17.40 -0.62 -1.34
CA GLY A 39 17.74 -2.03 -1.27
C GLY A 39 16.67 -2.84 -0.56
N ILE A 40 15.44 -2.51 -0.85
CA ILE A 40 14.30 -3.17 -0.26
C ILE A 40 13.81 -4.25 -1.22
N ASP A 41 13.38 -5.38 -0.68
CA ASP A 41 12.90 -6.49 -1.51
C ASP A 41 11.60 -6.10 -2.20
N ILE A 42 11.66 -5.97 -3.50
CA ILE A 42 10.52 -5.55 -4.28
C ILE A 42 10.20 -6.57 -5.40
N ASP A 43 11.20 -7.34 -5.85
CA ASP A 43 10.99 -8.26 -6.99
C ASP A 43 10.07 -9.39 -6.62
N SER A 44 10.16 -9.87 -5.38
CA SER A 44 9.31 -10.95 -4.93
C SER A 44 7.85 -10.49 -4.92
N ALA A 45 7.66 -9.26 -4.51
CA ALA A 45 6.36 -8.64 -4.47
C ALA A 45 5.77 -8.53 -5.89
N LEU A 46 6.55 -7.97 -6.80
CA LEU A 46 6.14 -7.79 -8.19
C LEU A 46 5.84 -9.14 -8.84
N ASP A 47 6.66 -10.11 -8.51
CA ASP A 47 6.52 -11.46 -9.02
C ASP A 47 5.27 -12.13 -8.50
N ARG A 48 4.94 -11.89 -7.24
CA ARG A 48 3.80 -12.54 -6.61
C ARG A 48 2.47 -11.81 -6.80
N GLY A 49 2.48 -10.73 -7.57
CA GLY A 49 1.21 -10.12 -7.93
C GLY A 49 1.07 -8.65 -7.60
N VAL A 50 2.11 -8.05 -7.07
CA VAL A 50 2.08 -6.62 -6.81
C VAL A 50 2.38 -5.89 -8.11
N ILE A 51 1.50 -5.00 -8.51
CA ILE A 51 1.67 -4.26 -9.75
C ILE A 51 2.07 -2.84 -9.46
N VAL A 52 2.69 -2.20 -10.41
CA VAL A 52 3.11 -0.83 -10.22
C VAL A 52 2.20 0.13 -11.00
N ARG A 53 1.70 1.12 -10.31
CA ARG A 53 0.85 2.12 -10.93
C ARG A 53 1.53 3.47 -10.82
N ALA A 54 1.48 4.23 -11.88
CA ALA A 54 2.04 5.55 -11.90
C ALA A 54 0.92 6.55 -11.83
N PHE A 55 0.99 7.45 -10.87
CA PHE A 55 -0.04 8.44 -10.72
C PHE A 55 0.19 9.56 -11.74
N SER A 56 -0.60 9.55 -12.78
CA SER A 56 -0.48 10.45 -13.91
C SER A 56 -0.98 11.87 -13.61
N HIS A 57 -1.73 11.99 -12.55
CA HIS A 57 -2.29 13.25 -12.09
C HIS A 57 -1.27 13.86 -11.11
N LYS A 58 -1.34 15.15 -10.87
CA LYS A 58 -0.44 15.77 -9.90
C LYS A 58 -0.90 15.46 -8.48
N PRO A 59 -0.07 14.80 -7.69
CA PRO A 59 -0.38 14.55 -6.31
C PRO A 59 0.06 15.72 -5.42
N PRO A 60 -0.85 16.29 -4.62
CA PRO A 60 -0.51 17.35 -3.71
C PRO A 60 0.41 16.83 -2.60
N LYS A 61 1.43 17.59 -2.33
CA LYS A 61 2.38 17.24 -1.32
C LYS A 61 1.74 17.43 0.05
N VAL A 62 1.51 16.34 0.74
CA VAL A 62 0.99 16.37 2.07
C VAL A 62 2.08 16.94 2.97
N GLY A 63 1.73 17.87 3.84
CA GLY A 63 2.70 18.58 4.69
C GLY A 63 3.73 17.69 5.35
N ASN A 64 3.26 16.79 6.18
CA ASN A 64 4.15 15.88 6.94
C ASN A 64 4.72 14.78 6.05
N LEU A 65 3.93 14.30 5.16
CA LEU A 65 4.28 13.11 4.43
C LEU A 65 5.11 13.39 3.19
N PRO A 66 6.20 12.64 3.01
CA PRO A 66 7.05 12.75 1.82
C PRO A 66 6.27 12.46 0.51
N GLN A 67 6.90 12.76 -0.62
CA GLN A 67 6.31 12.56 -1.95
C GLN A 67 5.82 11.15 -2.16
N TYR A 68 6.67 10.20 -1.83
CA TYR A 68 6.35 8.81 -2.03
C TYR A 68 5.15 8.30 -1.19
N GLU A 69 4.93 8.87 0.00
CA GLU A 69 3.77 8.48 0.81
C GLU A 69 2.52 9.12 0.20
N SER A 70 2.66 10.39 -0.19
CA SER A 70 1.57 11.14 -0.80
C SER A 70 1.12 10.48 -2.11
N GLU A 71 2.11 9.99 -2.87
CA GLU A 71 1.91 9.26 -4.12
C GLU A 71 0.96 8.08 -3.87
N ALA A 72 1.27 7.30 -2.83
CA ALA A 72 0.50 6.12 -2.48
C ALA A 72 -0.94 6.48 -2.11
N ILE A 73 -1.09 7.47 -1.23
CA ILE A 73 -2.41 7.92 -0.80
C ILE A 73 -3.25 8.38 -2.00
N MET A 74 -2.64 9.16 -2.89
CA MET A 74 -3.34 9.68 -4.06
C MET A 74 -3.77 8.59 -5.02
N VAL A 75 -2.94 7.58 -5.20
CA VAL A 75 -3.29 6.45 -6.06
C VAL A 75 -4.48 5.70 -5.46
N ALA A 76 -4.44 5.49 -4.15
CA ALA A 76 -5.52 4.81 -3.45
C ALA A 76 -6.80 5.63 -3.47
N PHE A 77 -6.65 6.94 -3.42
CA PHE A 77 -7.77 7.87 -3.47
C PHE A 77 -8.43 7.85 -4.85
N GLU A 78 -7.62 7.76 -5.87
CA GLU A 78 -8.07 7.80 -7.26
C GLU A 78 -8.77 6.48 -7.62
N LEU A 79 -8.14 5.37 -7.31
CA LEU A 79 -8.67 4.05 -7.65
C LEU A 79 -9.79 3.64 -6.71
N ASN A 80 -9.79 4.26 -5.54
CA ASN A 80 -10.64 3.90 -4.41
C ASN A 80 -10.22 2.53 -3.95
N ALA A 81 -9.05 2.50 -3.40
CA ALA A 81 -8.39 1.29 -3.04
C ALA A 81 -8.16 1.20 -1.56
N LEU A 82 -7.75 0.05 -1.13
CA LEU A 82 -7.43 -0.22 0.24
C LEU A 82 -6.00 0.23 0.41
N LEU A 83 -5.74 1.12 1.33
CA LEU A 83 -4.39 1.60 1.48
C LEU A 83 -3.73 0.90 2.65
N ILE A 84 -2.60 0.33 2.39
CA ILE A 84 -1.85 -0.35 3.41
C ILE A 84 -0.66 0.53 3.76
N ALA A 85 -0.66 1.02 4.97
CA ALA A 85 0.37 1.93 5.41
C ALA A 85 0.76 1.61 6.82
N GLU A 86 2.00 1.80 7.15
CA GLU A 86 2.47 1.53 8.48
C GLU A 86 2.52 2.77 9.32
N ASP A 87 2.71 3.91 8.71
CA ASP A 87 2.84 5.13 9.48
C ASP A 87 1.48 5.69 9.80
N LYS A 88 1.28 5.87 11.08
CA LYS A 88 0.06 6.43 11.67
C LYS A 88 -0.46 7.70 10.99
N ASP A 89 0.42 8.56 10.53
CA ASP A 89 -0.02 9.82 9.95
C ASP A 89 -0.48 9.61 8.53
N VAL A 90 0.16 8.68 7.83
CA VAL A 90 -0.24 8.29 6.47
C VAL A 90 -1.64 7.70 6.55
N ILE A 91 -1.82 6.82 7.53
CA ILE A 91 -3.10 6.18 7.80
C ILE A 91 -4.15 7.24 8.14
N ASN A 92 -3.76 8.18 8.99
CA ASN A 92 -4.65 9.28 9.41
C ASN A 92 -5.08 10.14 8.23
N LYS A 93 -4.13 10.58 7.42
CA LYS A 93 -4.43 11.45 6.29
C LYS A 93 -5.31 10.77 5.27
N ALA A 94 -5.02 9.52 5.02
CA ALA A 94 -5.78 8.76 4.05
C ALA A 94 -7.23 8.59 4.50
N LYS A 95 -7.45 8.24 5.77
CA LYS A 95 -8.81 8.03 6.26
C LYS A 95 -9.60 9.34 6.30
N GLU A 96 -8.91 10.46 6.46
CA GLU A 96 -9.57 11.78 6.42
C GLU A 96 -10.05 12.07 5.02
N LEU A 97 -9.35 11.52 4.04
CA LEU A 97 -9.70 11.70 2.64
C LEU A 97 -10.70 10.63 2.18
N GLY A 98 -11.08 9.77 3.09
CA GLY A 98 -12.07 8.75 2.78
C GLY A 98 -11.46 7.48 2.27
N VAL A 99 -10.16 7.41 2.34
CA VAL A 99 -9.43 6.24 1.90
C VAL A 99 -9.24 5.34 3.09
N ASN A 100 -9.59 4.10 2.94
CA ASN A 100 -9.47 3.19 4.05
C ASN A 100 -8.05 2.70 4.18
N ALA A 101 -7.30 3.39 4.99
CA ALA A 101 -5.92 3.03 5.23
C ALA A 101 -5.82 2.27 6.52
N ILE A 102 -5.13 1.18 6.49
CA ILE A 102 -4.92 0.37 7.66
C ILE A 102 -3.47 -0.09 7.73
N PRO A 103 -2.99 -0.41 8.93
CA PRO A 103 -1.66 -0.96 9.10
C PRO A 103 -1.58 -2.39 8.56
N ILE A 104 -0.38 -2.84 8.29
CA ILE A 104 -0.10 -4.17 7.76
C ILE A 104 -0.71 -5.25 8.64
N GLU A 105 -0.57 -5.09 9.94
CA GLU A 105 -1.04 -6.06 10.89
C GLU A 105 -2.56 -6.21 10.82
N GLU A 106 -3.27 -5.11 10.59
CA GLU A 106 -4.72 -5.18 10.50
C GLU A 106 -5.15 -5.88 9.21
N LEU A 107 -4.37 -5.70 8.17
CA LEU A 107 -4.61 -6.38 6.89
C LEU A 107 -4.43 -7.88 7.12
N LEU A 108 -3.32 -8.23 7.77
CA LEU A 108 -2.97 -9.60 8.10
C LEU A 108 -4.00 -10.22 9.05
N ALA A 109 -4.55 -9.40 9.91
CA ALA A 109 -5.52 -9.85 10.87
C ALA A 109 -6.91 -9.96 10.27
N SER A 110 -7.10 -9.45 9.07
CA SER A 110 -8.40 -9.48 8.39
C SER A 110 -8.38 -10.46 7.21
N SER A 111 -7.44 -11.38 7.24
CA SER A 111 -7.25 -12.27 6.13
C SER A 111 -8.09 -13.56 6.21
N LEU A 112 -8.62 -13.91 7.38
CA LEU A 112 -9.22 -15.25 7.50
C LEU A 112 -10.65 -15.27 7.99
N GLU A 113 -11.05 -14.28 8.77
CA GLU A 113 -12.35 -14.28 9.44
C GLU A 113 -13.50 -14.30 8.45
N HIS A 114 -13.36 -13.51 7.38
CA HIS A 114 -14.43 -13.30 6.40
C HIS A 114 -15.61 -12.62 7.08
N HIS A 115 -16.77 -12.61 6.43
CA HIS A 115 -17.99 -11.96 6.95
C HIS A 115 -17.78 -10.47 7.19
N HIS A 116 -17.34 -10.14 8.38
CA HIS A 116 -17.10 -8.77 8.72
C HIS A 116 -15.62 -8.53 8.95
N HIS A 117 -15.04 -7.77 8.09
CA HIS A 117 -13.69 -7.26 8.23
C HIS A 117 -13.64 -5.94 7.50
N HIS A 118 -14.83 -5.34 7.48
CA HIS A 118 -15.24 -4.08 6.89
C HIS A 118 -16.70 -3.93 7.21
N HIS A 119 -16.97 -3.11 8.16
CA HIS A 119 -18.29 -2.89 8.66
C HIS A 119 -18.38 -1.46 9.15
N MET A 1 -10.69 -5.78 -5.46
CA MET A 1 -10.35 -4.48 -4.90
C MET A 1 -8.84 -4.37 -4.88
N PHE A 2 -8.34 -3.17 -5.09
CA PHE A 2 -6.92 -2.93 -5.09
C PHE A 2 -6.45 -2.64 -3.67
N ALA A 3 -5.21 -2.93 -3.40
CA ALA A 3 -4.60 -2.64 -2.14
C ALA A 3 -3.26 -1.98 -2.42
N VAL A 4 -3.16 -0.73 -2.13
CA VAL A 4 -1.97 0.02 -2.42
C VAL A 4 -1.07 0.00 -1.20
N ILE A 5 0.15 -0.36 -1.42
CA ILE A 5 1.11 -0.44 -0.38
C ILE A 5 1.84 0.89 -0.27
N SER A 6 1.82 1.49 0.90
CA SER A 6 2.55 2.70 1.10
C SER A 6 4.00 2.35 1.45
N PRO A 7 4.98 3.21 1.06
CA PRO A 7 6.42 3.02 1.35
C PRO A 7 6.76 2.77 2.83
N SER A 8 5.80 2.99 3.70
CA SER A 8 5.93 2.70 5.09
C SER A 8 6.09 1.17 5.25
N ALA A 9 5.21 0.44 4.56
CA ALA A 9 5.07 -1.01 4.71
C ALA A 9 6.12 -1.78 3.91
N PHE A 10 7.19 -1.12 3.57
CA PHE A 10 8.26 -1.75 2.84
C PHE A 10 9.01 -2.73 3.70
N GLY A 11 9.51 -3.76 3.07
CA GLY A 11 10.17 -4.84 3.76
C GLY A 11 9.17 -5.88 4.22
N LYS A 12 7.99 -5.40 4.59
CA LYS A 12 6.88 -6.22 5.07
C LYS A 12 6.00 -6.63 3.89
N LEU A 13 6.41 -6.16 2.71
CA LEU A 13 5.73 -6.36 1.42
C LEU A 13 5.34 -7.82 1.21
N LYS A 14 6.28 -8.69 1.43
CA LYS A 14 6.14 -10.09 1.15
C LYS A 14 5.26 -10.81 2.18
N GLU A 15 5.15 -10.24 3.36
CA GLU A 15 4.33 -10.80 4.41
C GLU A 15 2.86 -10.55 4.11
N ILE A 16 2.53 -9.30 3.86
CA ILE A 16 1.14 -8.92 3.57
C ILE A 16 0.64 -9.58 2.29
N LEU A 17 1.49 -9.59 1.29
CA LEU A 17 1.18 -10.16 0.00
C LEU A 17 0.96 -11.68 0.09
N GLY A 18 1.94 -12.39 0.62
CA GLY A 18 1.87 -13.84 0.65
C GLY A 18 0.90 -14.40 1.65
N SER A 19 0.74 -13.74 2.79
CA SER A 19 -0.13 -14.25 3.81
C SER A 19 -1.58 -13.96 3.48
N ASN A 20 -1.91 -12.69 3.27
CA ASN A 20 -3.29 -12.30 3.09
C ASN A 20 -3.80 -12.67 1.71
N LYS A 21 -3.14 -12.14 0.67
CA LYS A 21 -3.61 -12.31 -0.72
C LYS A 21 -5.03 -11.70 -0.84
N ASN A 22 -5.81 -12.15 -1.82
CA ASN A 22 -7.24 -11.76 -1.99
C ASN A 22 -7.44 -10.33 -2.49
N TYR A 23 -6.41 -9.53 -2.45
CA TYR A 23 -6.44 -8.18 -2.95
C TYR A 23 -5.49 -8.05 -4.09
N LYS A 24 -5.74 -7.11 -4.96
CA LYS A 24 -4.81 -6.82 -6.00
C LYS A 24 -3.88 -5.76 -5.47
N PHE A 25 -2.71 -6.18 -5.08
CA PHE A 25 -1.75 -5.29 -4.50
C PHE A 25 -1.11 -4.40 -5.54
N VAL A 26 -1.04 -3.14 -5.23
CA VAL A 26 -0.54 -2.12 -6.11
C VAL A 26 0.58 -1.34 -5.41
N ILE A 27 1.60 -1.02 -6.16
CA ILE A 27 2.68 -0.23 -5.67
C ILE A 27 2.85 0.95 -6.65
N THR A 28 3.38 2.03 -6.18
CA THR A 28 3.46 3.21 -7.00
C THR A 28 4.86 3.39 -7.62
N THR A 29 5.00 4.43 -8.42
CA THR A 29 6.22 4.79 -9.11
C THR A 29 7.35 5.17 -8.14
N LEU A 30 7.03 6.01 -7.17
CA LEU A 30 8.01 6.40 -6.18
C LEU A 30 8.21 5.27 -5.21
N GLY A 31 7.18 4.43 -5.11
CA GLY A 31 7.24 3.25 -4.29
C GLY A 31 8.33 2.31 -4.77
N VAL A 32 8.26 1.90 -6.03
CA VAL A 32 9.27 1.00 -6.59
C VAL A 32 10.67 1.64 -6.55
N SER A 33 10.73 2.95 -6.74
CA SER A 33 11.99 3.67 -6.72
C SER A 33 12.59 3.67 -5.30
N PHE A 34 11.73 3.78 -4.30
CA PHE A 34 12.14 3.77 -2.91
C PHE A 34 12.64 2.39 -2.52
N ALA A 35 12.02 1.37 -3.08
CA ALA A 35 12.42 0.00 -2.84
C ALA A 35 13.82 -0.26 -3.41
N ILE A 36 14.07 0.23 -4.62
CA ILE A 36 15.36 0.08 -5.27
C ILE A 36 16.48 0.70 -4.44
N LYS A 37 16.31 1.97 -4.05
CA LYS A 37 17.36 2.68 -3.29
C LYS A 37 17.58 2.08 -1.90
N SER A 38 16.55 1.50 -1.33
CA SER A 38 16.65 0.95 0.00
C SER A 38 17.17 -0.49 -0.03
N GLY A 39 17.39 -1.02 -1.23
CA GLY A 39 17.91 -2.36 -1.36
C GLY A 39 16.85 -3.39 -1.01
N ILE A 40 15.65 -3.16 -1.45
CA ILE A 40 14.53 -4.03 -1.16
C ILE A 40 14.14 -4.77 -2.42
N ASP A 41 13.87 -6.05 -2.27
CA ASP A 41 13.45 -6.89 -3.36
C ASP A 41 11.99 -6.64 -3.74
N ILE A 42 11.81 -5.69 -4.63
CA ILE A 42 10.48 -5.31 -5.07
C ILE A 42 10.01 -6.29 -6.14
N ASP A 43 10.97 -6.93 -6.79
CA ASP A 43 10.73 -7.90 -7.85
C ASP A 43 9.92 -9.07 -7.34
N SER A 44 10.12 -9.43 -6.08
CA SER A 44 9.42 -10.53 -5.44
C SER A 44 7.91 -10.23 -5.33
N ALA A 45 7.61 -8.96 -5.14
CA ALA A 45 6.24 -8.52 -5.00
C ALA A 45 5.61 -8.44 -6.39
N LEU A 46 6.34 -7.81 -7.30
CA LEU A 46 5.91 -7.66 -8.68
C LEU A 46 5.63 -9.02 -9.31
N ASP A 47 6.53 -9.96 -9.04
CA ASP A 47 6.42 -11.35 -9.52
C ASP A 47 5.13 -12.00 -9.06
N ARG A 48 4.77 -11.77 -7.81
CA ARG A 48 3.58 -12.37 -7.25
C ARG A 48 2.31 -11.64 -7.65
N GLY A 49 2.44 -10.56 -8.38
CA GLY A 49 1.28 -9.92 -8.96
C GLY A 49 1.00 -8.54 -8.43
N VAL A 50 2.01 -7.88 -7.93
CA VAL A 50 1.85 -6.50 -7.52
C VAL A 50 2.07 -5.60 -8.73
N ILE A 51 1.12 -4.74 -9.01
CA ILE A 51 1.18 -3.88 -10.18
C ILE A 51 1.66 -2.49 -9.81
N VAL A 52 2.30 -1.83 -10.74
CA VAL A 52 2.81 -0.48 -10.53
C VAL A 52 1.85 0.51 -11.14
N ARG A 53 1.37 1.43 -10.35
CA ARG A 53 0.46 2.44 -10.82
C ARG A 53 1.06 3.81 -10.56
N ALA A 54 1.14 4.60 -11.61
CA ALA A 54 1.64 5.95 -11.51
C ALA A 54 0.45 6.90 -11.41
N PHE A 55 0.63 7.99 -10.73
CA PHE A 55 -0.43 8.96 -10.53
C PHE A 55 -0.48 9.91 -11.73
N SER A 56 -1.57 9.83 -12.50
CA SER A 56 -1.73 10.56 -13.75
C SER A 56 -1.91 12.08 -13.53
N HIS A 57 -2.35 12.45 -12.34
CA HIS A 57 -2.56 13.86 -12.00
C HIS A 57 -1.26 14.43 -11.46
N LYS A 58 -1.13 15.74 -11.46
CA LYS A 58 0.02 16.38 -10.83
C LYS A 58 0.03 16.10 -9.32
N PRO A 59 1.24 15.97 -8.74
CA PRO A 59 1.40 15.69 -7.32
C PRO A 59 0.74 16.75 -6.42
N PRO A 60 0.17 16.32 -5.30
CA PRO A 60 -0.47 17.22 -4.35
C PRO A 60 0.56 17.94 -3.49
N LYS A 61 0.10 18.89 -2.73
CA LYS A 61 0.93 19.59 -1.83
C LYS A 61 0.72 19.04 -0.43
N VAL A 62 1.70 18.37 0.08
CA VAL A 62 1.65 17.82 1.41
C VAL A 62 2.68 18.52 2.26
N GLY A 63 2.54 18.40 3.54
CA GLY A 63 3.44 19.08 4.42
C GLY A 63 4.33 18.12 5.16
N ASN A 64 3.74 17.36 6.05
CA ASN A 64 4.46 16.46 6.91
C ASN A 64 4.85 15.17 6.23
N LEU A 65 3.98 14.66 5.42
CA LEU A 65 4.20 13.39 4.77
C LEU A 65 5.23 13.49 3.65
N PRO A 66 6.09 12.46 3.52
CA PRO A 66 7.03 12.37 2.43
C PRO A 66 6.28 12.23 1.11
N GLN A 67 6.88 12.76 0.07
CA GLN A 67 6.28 12.79 -1.26
C GLN A 67 5.97 11.38 -1.74
N TYR A 68 6.89 10.44 -1.50
CA TYR A 68 6.69 9.06 -1.91
C TYR A 68 5.47 8.38 -1.25
N GLU A 69 5.19 8.71 0.00
CA GLU A 69 4.06 8.10 0.68
C GLU A 69 2.78 8.80 0.29
N SER A 70 2.90 10.06 -0.07
CA SER A 70 1.78 10.85 -0.49
C SER A 70 1.27 10.38 -1.87
N GLU A 71 2.19 9.89 -2.70
CA GLU A 71 1.84 9.33 -3.99
C GLU A 71 0.97 8.10 -3.77
N ALA A 72 1.40 7.23 -2.84
CA ALA A 72 0.67 6.01 -2.49
C ALA A 72 -0.77 6.33 -2.07
N ILE A 73 -0.92 7.31 -1.20
CA ILE A 73 -2.23 7.78 -0.75
C ILE A 73 -3.09 8.23 -1.95
N MET A 74 -2.50 9.02 -2.82
CA MET A 74 -3.21 9.56 -3.98
C MET A 74 -3.63 8.48 -4.94
N VAL A 75 -2.77 7.50 -5.13
CA VAL A 75 -3.08 6.39 -6.00
C VAL A 75 -4.21 5.53 -5.42
N ALA A 76 -4.19 5.35 -4.11
CA ALA A 76 -5.25 4.60 -3.44
C ALA A 76 -6.56 5.37 -3.49
N PHE A 77 -6.46 6.68 -3.50
CA PHE A 77 -7.60 7.56 -3.62
C PHE A 77 -8.17 7.49 -5.03
N GLU A 78 -7.28 7.51 -6.00
CA GLU A 78 -7.63 7.47 -7.43
C GLU A 78 -8.31 6.13 -7.77
N LEU A 79 -7.67 5.04 -7.37
CA LEU A 79 -8.17 3.70 -7.69
C LEU A 79 -9.34 3.32 -6.79
N ASN A 80 -9.44 4.01 -5.67
CA ASN A 80 -10.40 3.73 -4.60
C ASN A 80 -10.04 2.37 -4.06
N ALA A 81 -8.92 2.33 -3.43
CA ALA A 81 -8.34 1.11 -2.99
C ALA A 81 -8.19 1.08 -1.49
N LEU A 82 -7.66 -0.02 -1.02
CA LEU A 82 -7.37 -0.22 0.38
C LEU A 82 -5.93 0.22 0.54
N LEU A 83 -5.63 1.00 1.54
CA LEU A 83 -4.27 1.47 1.69
C LEU A 83 -3.61 0.79 2.88
N ILE A 84 -2.46 0.21 2.65
CA ILE A 84 -1.72 -0.44 3.69
C ILE A 84 -0.53 0.43 4.07
N ALA A 85 -0.52 0.92 5.29
CA ALA A 85 0.53 1.81 5.74
C ALA A 85 0.86 1.55 7.18
N GLU A 86 2.05 1.93 7.59
CA GLU A 86 2.48 1.75 8.97
C GLU A 86 2.29 3.02 9.74
N ASP A 87 2.66 4.14 9.12
CA ASP A 87 2.60 5.43 9.77
C ASP A 87 1.20 5.95 9.90
N LYS A 88 0.84 6.30 11.12
CA LYS A 88 -0.47 6.77 11.46
C LYS A 88 -0.84 8.08 10.75
N ASP A 89 0.14 8.90 10.40
CA ASP A 89 -0.16 10.19 9.72
C ASP A 89 -0.53 9.92 8.27
N VAL A 90 0.19 8.97 7.65
CA VAL A 90 -0.16 8.47 6.31
C VAL A 90 -1.58 7.92 6.34
N ILE A 91 -1.82 7.04 7.31
CA ILE A 91 -3.11 6.41 7.53
C ILE A 91 -4.21 7.44 7.73
N ASN A 92 -3.98 8.41 8.62
CA ASN A 92 -5.00 9.39 8.94
C ASN A 92 -5.35 10.26 7.76
N LYS A 93 -4.35 10.72 7.02
CA LYS A 93 -4.59 11.55 5.83
C LYS A 93 -5.34 10.82 4.77
N ALA A 94 -4.99 9.57 4.56
CA ALA A 94 -5.70 8.77 3.59
C ALA A 94 -7.14 8.61 4.00
N LYS A 95 -7.34 8.37 5.28
CA LYS A 95 -8.66 8.18 5.82
C LYS A 95 -9.45 9.50 5.88
N GLU A 96 -8.73 10.64 5.97
CA GLU A 96 -9.35 11.98 5.87
C GLU A 96 -9.91 12.15 4.48
N LEU A 97 -9.20 11.61 3.51
CA LEU A 97 -9.54 11.71 2.12
C LEU A 97 -10.61 10.69 1.73
N GLY A 98 -10.83 9.70 2.56
CA GLY A 98 -11.87 8.72 2.31
C GLY A 98 -11.32 7.35 1.95
N VAL A 99 -10.03 7.20 2.03
CA VAL A 99 -9.39 5.95 1.72
C VAL A 99 -9.20 5.17 3.01
N ASN A 100 -9.60 3.92 3.01
CA ASN A 100 -9.41 3.12 4.20
C ASN A 100 -7.98 2.65 4.30
N ALA A 101 -7.21 3.36 5.05
CA ALA A 101 -5.86 3.02 5.30
C ALA A 101 -5.78 2.35 6.64
N ILE A 102 -5.07 1.26 6.69
CA ILE A 102 -4.93 0.50 7.91
C ILE A 102 -3.49 -0.01 8.08
N PRO A 103 -3.05 -0.28 9.32
CA PRO A 103 -1.73 -0.84 9.60
C PRO A 103 -1.61 -2.28 9.09
N ILE A 104 -0.39 -2.73 8.98
CA ILE A 104 -0.06 -4.07 8.50
C ILE A 104 -0.71 -5.15 9.36
N GLU A 105 -0.60 -4.99 10.67
CA GLU A 105 -1.18 -5.94 11.61
C GLU A 105 -2.70 -6.05 11.41
N GLU A 106 -3.33 -4.92 11.11
CA GLU A 106 -4.76 -4.87 10.85
C GLU A 106 -5.06 -5.64 9.56
N LEU A 107 -4.19 -5.47 8.58
CA LEU A 107 -4.31 -6.15 7.30
C LEU A 107 -4.18 -7.65 7.52
N LEU A 108 -3.17 -8.04 8.28
CA LEU A 108 -2.91 -9.45 8.62
C LEU A 108 -4.10 -10.06 9.35
N ALA A 109 -4.71 -9.28 10.23
CA ALA A 109 -5.86 -9.73 11.01
C ALA A 109 -7.13 -9.79 10.15
N SER A 110 -7.10 -9.13 9.00
CA SER A 110 -8.23 -9.09 8.10
C SER A 110 -8.04 -10.10 6.97
N SER A 111 -7.11 -11.01 7.17
CA SER A 111 -6.84 -12.02 6.20
C SER A 111 -7.99 -13.03 6.19
N LEU A 112 -8.76 -12.98 5.14
CA LEU A 112 -9.89 -13.84 4.99
C LEU A 112 -9.71 -14.70 3.75
N GLU A 113 -8.98 -15.79 3.89
CA GLU A 113 -8.75 -16.73 2.81
C GLU A 113 -10.06 -17.40 2.47
N HIS A 114 -10.85 -17.63 3.52
CA HIS A 114 -12.16 -18.24 3.47
C HIS A 114 -12.10 -19.74 3.21
N HIS A 115 -13.24 -20.40 3.36
CA HIS A 115 -13.34 -21.86 3.22
C HIS A 115 -13.06 -22.37 1.81
N HIS A 116 -13.20 -21.49 0.81
CA HIS A 116 -12.97 -21.83 -0.61
C HIS A 116 -13.98 -22.84 -1.12
N HIS A 117 -13.83 -23.23 -2.36
CA HIS A 117 -14.69 -24.21 -2.97
C HIS A 117 -13.84 -25.25 -3.64
N HIS A 118 -13.78 -26.43 -3.08
CA HIS A 118 -12.98 -27.47 -3.68
C HIS A 118 -13.89 -28.42 -4.41
N HIS A 119 -13.44 -28.93 -5.50
CA HIS A 119 -14.19 -29.89 -6.24
C HIS A 119 -13.44 -31.19 -6.17
N MET A 1 -10.66 -5.65 -5.64
CA MET A 1 -10.31 -4.37 -5.06
C MET A 1 -8.80 -4.27 -5.01
N PHE A 2 -8.27 -3.09 -5.24
CA PHE A 2 -6.85 -2.88 -5.23
C PHE A 2 -6.37 -2.55 -3.83
N ALA A 3 -5.13 -2.83 -3.56
CA ALA A 3 -4.51 -2.52 -2.29
C ALA A 3 -3.19 -1.83 -2.55
N VAL A 4 -3.13 -0.58 -2.26
CA VAL A 4 -1.96 0.22 -2.53
C VAL A 4 -1.11 0.24 -1.29
N ILE A 5 0.16 0.04 -1.45
CA ILE A 5 1.07 0.02 -0.33
C ILE A 5 1.87 1.32 -0.30
N SER A 6 1.99 1.90 0.86
CA SER A 6 2.81 3.07 1.06
C SER A 6 4.24 2.62 1.41
N PRO A 7 5.28 3.39 0.99
CA PRO A 7 6.69 3.07 1.27
C PRO A 7 7.02 2.84 2.76
N SER A 8 6.25 3.45 3.66
CA SER A 8 6.40 3.23 5.08
C SER A 8 6.12 1.76 5.47
N ALA A 9 5.37 1.04 4.64
CA ALA A 9 4.99 -0.34 4.90
C ALA A 9 5.91 -1.33 4.16
N PHE A 10 7.01 -0.82 3.66
CA PHE A 10 7.97 -1.65 2.93
C PHE A 10 8.71 -2.64 3.79
N GLY A 11 9.26 -3.64 3.14
CA GLY A 11 10.02 -4.68 3.81
C GLY A 11 9.12 -5.80 4.28
N LYS A 12 7.94 -5.44 4.69
CA LYS A 12 6.98 -6.41 5.18
C LYS A 12 5.94 -6.71 4.12
N LEU A 13 6.25 -6.28 2.90
CA LEU A 13 5.43 -6.49 1.70
C LEU A 13 5.18 -7.99 1.50
N LYS A 14 6.23 -8.74 1.74
CA LYS A 14 6.27 -10.19 1.56
C LYS A 14 5.34 -10.89 2.53
N GLU A 15 5.10 -10.25 3.66
CA GLU A 15 4.28 -10.81 4.69
C GLU A 15 2.81 -10.56 4.42
N ILE A 16 2.44 -9.33 4.10
CA ILE A 16 1.05 -8.99 3.79
C ILE A 16 0.55 -9.72 2.55
N LEU A 17 1.37 -9.69 1.51
CA LEU A 17 1.07 -10.30 0.25
C LEU A 17 1.02 -11.82 0.36
N GLY A 18 2.00 -12.37 1.07
CA GLY A 18 2.10 -13.81 1.22
C GLY A 18 1.01 -14.39 2.11
N SER A 19 0.59 -13.65 3.10
CA SER A 19 -0.39 -14.16 4.02
C SER A 19 -1.82 -13.97 3.52
N ASN A 20 -2.11 -12.82 3.00
CA ASN A 20 -3.49 -12.48 2.69
C ASN A 20 -3.87 -12.71 1.26
N LYS A 21 -3.09 -12.13 0.34
CA LYS A 21 -3.51 -11.98 -1.04
C LYS A 21 -4.81 -11.17 -1.05
N ASN A 22 -5.92 -11.79 -1.46
CA ASN A 22 -7.31 -11.24 -1.43
C ASN A 22 -7.55 -9.86 -2.15
N TYR A 23 -6.51 -9.16 -2.45
CA TYR A 23 -6.59 -7.90 -3.14
C TYR A 23 -5.61 -7.89 -4.28
N LYS A 24 -5.76 -6.94 -5.15
CA LYS A 24 -4.80 -6.75 -6.20
C LYS A 24 -3.90 -5.63 -5.73
N PHE A 25 -2.71 -5.97 -5.34
CA PHE A 25 -1.79 -5.03 -4.74
C PHE A 25 -1.18 -4.11 -5.78
N VAL A 26 -1.06 -2.86 -5.42
CA VAL A 26 -0.58 -1.83 -6.29
C VAL A 26 0.50 -1.02 -5.56
N ILE A 27 1.53 -0.67 -6.29
CA ILE A 27 2.59 0.13 -5.74
C ILE A 27 2.86 1.31 -6.70
N THR A 28 3.45 2.36 -6.18
CA THR A 28 3.71 3.55 -6.94
C THR A 28 5.11 3.52 -7.56
N THR A 29 5.36 4.46 -8.45
CA THR A 29 6.64 4.66 -9.08
C THR A 29 7.68 5.08 -8.06
N LEU A 30 7.25 5.95 -7.16
CA LEU A 30 8.09 6.42 -6.08
C LEU A 30 8.35 5.27 -5.10
N GLY A 31 7.39 4.37 -5.00
CA GLY A 31 7.50 3.21 -4.16
C GLY A 31 8.51 2.20 -4.70
N VAL A 32 8.36 1.82 -5.97
CA VAL A 32 9.28 0.83 -6.57
C VAL A 32 10.73 1.31 -6.51
N SER A 33 10.94 2.58 -6.74
CA SER A 33 12.28 3.12 -6.73
C SER A 33 12.82 3.28 -5.30
N PHE A 34 11.91 3.35 -4.33
CA PHE A 34 12.27 3.43 -2.92
C PHE A 34 12.84 2.08 -2.52
N ALA A 35 12.22 1.02 -3.01
CA ALA A 35 12.68 -0.33 -2.75
C ALA A 35 14.03 -0.55 -3.41
N ILE A 36 14.17 -0.08 -4.64
CA ILE A 36 15.41 -0.21 -5.41
C ILE A 36 16.59 0.43 -4.68
N LYS A 37 16.43 1.69 -4.28
CA LYS A 37 17.51 2.44 -3.65
C LYS A 37 17.94 1.88 -2.29
N SER A 38 17.05 1.19 -1.61
CA SER A 38 17.42 0.66 -0.32
C SER A 38 17.79 -0.84 -0.38
N GLY A 39 17.22 -1.56 -1.32
CA GLY A 39 17.49 -2.99 -1.40
C GLY A 39 16.38 -3.78 -0.75
N ILE A 40 15.17 -3.36 -1.01
CA ILE A 40 13.98 -3.99 -0.46
C ILE A 40 13.38 -4.88 -1.55
N ASP A 41 12.77 -6.00 -1.14
CA ASP A 41 12.16 -6.95 -2.09
C ASP A 41 10.99 -6.34 -2.79
N ILE A 42 11.22 -5.86 -3.97
CA ILE A 42 10.16 -5.32 -4.77
C ILE A 42 9.83 -6.26 -5.91
N ASP A 43 10.86 -6.92 -6.44
CA ASP A 43 10.73 -7.82 -7.59
C ASP A 43 9.82 -8.96 -7.27
N SER A 44 10.06 -9.59 -6.13
CA SER A 44 9.25 -10.70 -5.67
C SER A 44 7.80 -10.24 -5.46
N ALA A 45 7.63 -9.01 -4.95
CA ALA A 45 6.31 -8.47 -4.71
C ALA A 45 5.57 -8.28 -6.04
N LEU A 46 6.25 -7.65 -6.99
CA LEU A 46 5.69 -7.42 -8.32
C LEU A 46 5.31 -8.74 -8.97
N ASP A 47 6.21 -9.70 -8.88
CA ASP A 47 6.01 -11.05 -9.42
C ASP A 47 4.82 -11.76 -8.78
N ARG A 48 4.68 -11.61 -7.46
CA ARG A 48 3.59 -12.24 -6.73
C ARG A 48 2.24 -11.56 -6.96
N GLY A 49 2.23 -10.43 -7.64
CA GLY A 49 0.96 -9.81 -7.96
C GLY A 49 0.81 -8.37 -7.51
N VAL A 50 1.91 -7.68 -7.31
CA VAL A 50 1.86 -6.26 -7.02
C VAL A 50 2.12 -5.50 -8.32
N ILE A 51 1.17 -4.71 -8.75
CA ILE A 51 1.33 -3.97 -9.99
C ILE A 51 1.74 -2.53 -9.72
N VAL A 52 2.37 -1.92 -10.69
CA VAL A 52 2.83 -0.56 -10.55
C VAL A 52 1.83 0.40 -11.18
N ARG A 53 1.54 1.47 -10.49
CA ARG A 53 0.69 2.53 -10.98
C ARG A 53 1.49 3.81 -10.95
N ALA A 54 1.58 4.47 -12.07
CA ALA A 54 2.26 5.71 -12.16
C ALA A 54 1.24 6.81 -12.24
N PHE A 55 1.17 7.60 -11.22
CA PHE A 55 0.19 8.65 -11.15
C PHE A 55 0.65 9.82 -12.01
N SER A 56 -0.27 10.42 -12.73
CA SER A 56 0.05 11.51 -13.58
C SER A 56 0.10 12.84 -12.81
N HIS A 57 -1.00 13.24 -12.12
CA HIS A 57 -0.99 14.52 -11.36
C HIS A 57 -2.26 14.75 -10.50
N LYS A 58 -2.15 14.53 -9.22
CA LYS A 58 -3.19 14.90 -8.28
C LYS A 58 -2.50 15.54 -7.08
N PRO A 59 -2.77 16.82 -6.80
CA PRO A 59 -2.17 17.49 -5.63
C PRO A 59 -2.68 16.86 -4.33
N PRO A 60 -1.78 16.40 -3.46
CA PRO A 60 -2.14 15.77 -2.21
C PRO A 60 -2.25 16.79 -1.05
N LYS A 61 -2.80 16.35 0.05
CA LYS A 61 -2.85 17.16 1.23
C LYS A 61 -1.98 16.51 2.27
N VAL A 62 -0.86 17.11 2.53
CA VAL A 62 0.14 16.60 3.46
C VAL A 62 1.01 17.75 3.92
N GLY A 63 1.68 17.55 5.02
CA GLY A 63 2.59 18.53 5.53
C GLY A 63 3.86 17.88 6.00
N ASN A 64 3.72 16.98 6.94
CA ASN A 64 4.87 16.27 7.52
C ASN A 64 5.10 14.94 6.80
N LEU A 65 4.27 14.64 5.84
CA LEU A 65 4.42 13.41 5.10
C LEU A 65 5.12 13.65 3.77
N PRO A 66 6.10 12.81 3.42
CA PRO A 66 6.81 12.90 2.14
C PRO A 66 5.88 12.59 0.97
N GLN A 67 6.25 13.06 -0.20
CA GLN A 67 5.43 12.88 -1.38
C GLN A 67 5.33 11.41 -1.79
N TYR A 68 6.33 10.59 -1.48
CA TYR A 68 6.23 9.16 -1.79
C TYR A 68 5.06 8.47 -1.07
N GLU A 69 4.81 8.87 0.18
CA GLU A 69 3.66 8.36 0.92
C GLU A 69 2.39 8.95 0.32
N SER A 70 2.49 10.20 -0.05
CA SER A 70 1.38 10.96 -0.59
C SER A 70 0.89 10.37 -1.92
N GLU A 71 1.82 9.95 -2.77
CA GLU A 71 1.50 9.37 -4.06
C GLU A 71 0.76 8.05 -3.85
N ALA A 72 1.16 7.32 -2.81
CA ALA A 72 0.50 6.07 -2.46
C ALA A 72 -0.94 6.35 -2.07
N ILE A 73 -1.12 7.39 -1.26
CA ILE A 73 -2.46 7.85 -0.84
C ILE A 73 -3.25 8.25 -2.09
N MET A 74 -2.61 9.00 -2.98
CA MET A 74 -3.24 9.47 -4.22
C MET A 74 -3.66 8.32 -5.09
N VAL A 75 -2.80 7.33 -5.26
CA VAL A 75 -3.14 6.15 -6.05
C VAL A 75 -4.33 5.40 -5.44
N ALA A 76 -4.33 5.30 -4.12
CA ALA A 76 -5.43 4.66 -3.41
C ALA A 76 -6.71 5.49 -3.54
N PHE A 77 -6.55 6.78 -3.67
CA PHE A 77 -7.67 7.70 -3.81
C PHE A 77 -8.17 7.71 -5.28
N GLU A 78 -7.27 7.40 -6.20
CA GLU A 78 -7.61 7.30 -7.61
C GLU A 78 -8.37 6.00 -7.88
N LEU A 79 -7.83 4.91 -7.38
CA LEU A 79 -8.39 3.59 -7.61
C LEU A 79 -9.51 3.28 -6.65
N ASN A 80 -9.63 4.09 -5.62
CA ASN A 80 -10.57 3.88 -4.50
C ASN A 80 -10.25 2.51 -3.93
N ALA A 81 -9.07 2.44 -3.41
CA ALA A 81 -8.48 1.21 -3.01
C ALA A 81 -8.22 1.15 -1.52
N LEU A 82 -7.69 0.05 -1.10
CA LEU A 82 -7.36 -0.20 0.26
C LEU A 82 -5.91 0.29 0.40
N LEU A 83 -5.62 1.07 1.40
CA LEU A 83 -4.25 1.55 1.55
C LEU A 83 -3.58 0.88 2.72
N ILE A 84 -2.41 0.37 2.49
CA ILE A 84 -1.64 -0.30 3.51
C ILE A 84 -0.43 0.57 3.82
N ALA A 85 -0.37 1.07 5.03
CA ALA A 85 0.71 1.96 5.42
C ALA A 85 1.10 1.68 6.84
N GLU A 86 2.37 1.84 7.15
CA GLU A 86 2.82 1.66 8.50
C GLU A 86 2.88 2.96 9.24
N ASP A 87 3.09 4.03 8.52
CA ASP A 87 3.13 5.32 9.15
C ASP A 87 1.72 5.71 9.49
N LYS A 88 1.49 5.98 10.75
CA LYS A 88 0.17 6.21 11.23
C LYS A 88 -0.42 7.55 10.83
N ASP A 89 0.42 8.49 10.40
CA ASP A 89 -0.10 9.78 9.96
C ASP A 89 -0.60 9.63 8.55
N VAL A 90 0.08 8.77 7.79
CA VAL A 90 -0.35 8.41 6.44
C VAL A 90 -1.74 7.77 6.52
N ILE A 91 -1.91 6.92 7.54
CA ILE A 91 -3.16 6.24 7.78
C ILE A 91 -4.29 7.23 8.02
N ASN A 92 -4.08 8.20 8.91
CA ASN A 92 -5.12 9.18 9.19
C ASN A 92 -5.38 10.11 8.03
N LYS A 93 -4.33 10.57 7.36
CA LYS A 93 -4.48 11.48 6.21
C LYS A 93 -5.31 10.84 5.11
N ALA A 94 -5.02 9.59 4.83
CA ALA A 94 -5.72 8.86 3.81
C ALA A 94 -7.20 8.71 4.15
N LYS A 95 -7.49 8.38 5.39
CA LYS A 95 -8.88 8.20 5.78
C LYS A 95 -9.65 9.51 5.92
N GLU A 96 -8.92 10.63 6.06
CA GLU A 96 -9.56 11.96 6.00
C GLU A 96 -10.08 12.19 4.59
N LEU A 97 -9.39 11.59 3.61
CA LEU A 97 -9.77 11.69 2.22
C LEU A 97 -10.80 10.61 1.87
N GLY A 98 -11.04 9.71 2.80
CA GLY A 98 -12.03 8.68 2.62
C GLY A 98 -11.43 7.32 2.33
N VAL A 99 -10.15 7.29 2.12
CA VAL A 99 -9.45 6.05 1.78
C VAL A 99 -9.23 5.21 3.03
N ASN A 100 -9.65 3.97 2.99
CA ASN A 100 -9.45 3.09 4.13
C ASN A 100 -8.01 2.64 4.20
N ALA A 101 -7.24 3.33 4.98
CA ALA A 101 -5.87 3.00 5.19
C ALA A 101 -5.73 2.25 6.49
N ILE A 102 -5.02 1.18 6.46
CA ILE A 102 -4.79 0.35 7.62
C ILE A 102 -3.32 -0.04 7.71
N PRO A 103 -2.82 -0.32 8.91
CA PRO A 103 -1.46 -0.80 9.09
C PRO A 103 -1.32 -2.27 8.70
N ILE A 104 -0.09 -2.72 8.57
CA ILE A 104 0.24 -4.06 8.14
C ILE A 104 -0.41 -5.16 8.97
N GLU A 105 -0.38 -5.02 10.28
CA GLU A 105 -0.92 -6.03 11.15
C GLU A 105 -2.42 -6.12 11.03
N GLU A 106 -3.07 -5.00 10.74
CA GLU A 106 -4.50 -5.01 10.56
C GLU A 106 -4.88 -5.65 9.25
N LEU A 107 -3.98 -5.62 8.29
CA LEU A 107 -4.17 -6.30 7.03
C LEU A 107 -4.08 -7.80 7.31
N LEU A 108 -3.08 -8.19 8.09
CA LEU A 108 -2.88 -9.57 8.47
C LEU A 108 -4.05 -10.09 9.31
N ALA A 109 -4.57 -9.22 10.17
CA ALA A 109 -5.73 -9.54 11.00
C ALA A 109 -7.00 -9.66 10.16
N SER A 110 -7.00 -9.04 8.99
CA SER A 110 -8.13 -9.13 8.10
C SER A 110 -8.04 -10.39 7.25
N SER A 111 -6.89 -11.03 7.31
CA SER A 111 -6.69 -12.22 6.59
C SER A 111 -7.13 -13.39 7.46
N LEU A 112 -8.36 -13.76 7.28
CA LEU A 112 -8.94 -14.85 8.00
C LEU A 112 -9.48 -15.88 7.04
N GLU A 113 -9.18 -15.71 5.77
CA GLU A 113 -9.63 -16.62 4.73
C GLU A 113 -9.12 -18.03 5.00
N HIS A 114 -7.93 -18.13 5.56
CA HIS A 114 -7.33 -19.43 5.86
C HIS A 114 -7.48 -19.78 7.33
N HIS A 115 -8.50 -19.20 8.01
CA HIS A 115 -8.73 -19.49 9.46
C HIS A 115 -9.14 -20.95 9.69
N HIS A 116 -9.42 -21.65 8.63
CA HIS A 116 -9.73 -23.03 8.71
C HIS A 116 -8.62 -23.78 7.98
N HIS A 117 -7.48 -23.85 8.62
CA HIS A 117 -6.30 -24.45 8.03
C HIS A 117 -6.38 -25.97 8.19
N HIS A 118 -7.14 -26.59 7.33
CA HIS A 118 -7.35 -28.02 7.33
C HIS A 118 -7.90 -28.39 5.97
N HIS A 119 -7.64 -29.57 5.54
CA HIS A 119 -8.14 -30.06 4.29
C HIS A 119 -8.82 -31.39 4.52
N MET A 1 -10.45 -6.29 -5.41
CA MET A 1 -10.28 -4.94 -4.85
C MET A 1 -8.82 -4.56 -4.99
N PHE A 2 -8.54 -3.29 -5.19
CA PHE A 2 -7.18 -2.86 -5.30
C PHE A 2 -6.63 -2.56 -3.91
N ALA A 3 -5.37 -2.76 -3.74
CA ALA A 3 -4.70 -2.49 -2.50
C ALA A 3 -3.41 -1.79 -2.80
N VAL A 4 -3.29 -0.58 -2.40
CA VAL A 4 -2.11 0.20 -2.70
C VAL A 4 -1.21 0.18 -1.49
N ILE A 5 0.04 -0.09 -1.72
CA ILE A 5 1.00 -0.19 -0.67
C ILE A 5 1.80 1.11 -0.56
N SER A 6 1.93 1.62 0.64
CA SER A 6 2.76 2.79 0.88
C SER A 6 4.16 2.31 1.28
N PRO A 7 5.23 3.08 0.94
CA PRO A 7 6.63 2.74 1.29
C PRO A 7 6.87 2.47 2.79
N SER A 8 6.02 2.99 3.64
CA SER A 8 6.09 2.70 5.06
C SER A 8 5.79 1.21 5.34
N ALA A 9 5.06 0.56 4.44
CA ALA A 9 4.69 -0.84 4.59
C ALA A 9 5.72 -1.76 3.94
N PHE A 10 6.82 -1.19 3.50
CA PHE A 10 7.87 -1.95 2.82
C PHE A 10 8.58 -2.94 3.73
N GLY A 11 9.17 -3.93 3.09
CA GLY A 11 9.90 -5.00 3.77
C GLY A 11 8.97 -6.06 4.33
N LYS A 12 7.84 -5.62 4.81
CA LYS A 12 6.83 -6.49 5.38
C LYS A 12 5.83 -6.86 4.29
N LEU A 13 6.23 -6.55 3.06
CA LEU A 13 5.48 -6.84 1.85
C LEU A 13 5.27 -8.34 1.72
N LYS A 14 6.31 -9.08 2.10
CA LYS A 14 6.31 -10.54 2.01
C LYS A 14 5.16 -11.12 2.83
N GLU A 15 4.92 -10.49 3.95
CA GLU A 15 3.95 -10.91 4.91
C GLU A 15 2.53 -10.61 4.41
N ILE A 16 2.23 -9.34 4.16
CA ILE A 16 0.89 -8.92 3.70
C ILE A 16 0.46 -9.60 2.40
N LEU A 17 1.37 -9.65 1.46
CA LEU A 17 1.09 -10.16 0.14
C LEU A 17 0.85 -11.67 0.15
N GLY A 18 1.67 -12.39 0.89
CA GLY A 18 1.59 -13.84 0.88
C GLY A 18 0.59 -14.41 1.85
N SER A 19 0.41 -13.78 2.99
CA SER A 19 -0.47 -14.32 4.00
C SER A 19 -1.93 -13.99 3.70
N ASN A 20 -2.18 -12.83 3.13
CA ASN A 20 -3.55 -12.46 2.83
C ASN A 20 -3.97 -13.01 1.50
N LYS A 21 -3.24 -12.59 0.44
CA LYS A 21 -3.49 -12.99 -0.94
C LYS A 21 -4.94 -12.56 -1.43
N ASN A 22 -5.01 -12.15 -2.67
CA ASN A 22 -6.25 -11.75 -3.38
C ASN A 22 -6.70 -10.34 -3.09
N TYR A 23 -5.86 -9.46 -3.50
CA TYR A 23 -6.09 -8.07 -3.67
C TYR A 23 -5.25 -7.71 -4.84
N LYS A 24 -5.63 -6.75 -5.59
CA LYS A 24 -4.79 -6.32 -6.64
C LYS A 24 -3.87 -5.28 -6.05
N PHE A 25 -2.72 -5.73 -5.61
CA PHE A 25 -1.77 -4.88 -4.97
C PHE A 25 -1.08 -4.00 -5.98
N VAL A 26 -1.13 -2.73 -5.72
CA VAL A 26 -0.58 -1.73 -6.57
C VAL A 26 0.49 -0.97 -5.81
N ILE A 27 1.60 -0.78 -6.44
CA ILE A 27 2.67 -0.01 -5.88
C ILE A 27 2.89 1.20 -6.79
N THR A 28 3.45 2.24 -6.26
CA THR A 28 3.63 3.46 -6.97
C THR A 28 5.00 3.56 -7.64
N THR A 29 5.13 4.50 -8.55
CA THR A 29 6.35 4.79 -9.24
C THR A 29 7.44 5.26 -8.28
N LEU A 30 7.08 6.06 -7.30
CA LEU A 30 8.03 6.47 -6.30
C LEU A 30 8.34 5.32 -5.39
N GLY A 31 7.32 4.47 -5.16
CA GLY A 31 7.47 3.30 -4.33
C GLY A 31 8.53 2.35 -4.85
N VAL A 32 8.44 1.98 -6.12
CA VAL A 32 9.42 1.08 -6.72
C VAL A 32 10.81 1.69 -6.74
N SER A 33 10.90 2.98 -7.04
CA SER A 33 12.18 3.67 -7.09
C SER A 33 12.82 3.71 -5.70
N PHE A 34 11.98 3.94 -4.70
CA PHE A 34 12.38 4.00 -3.30
C PHE A 34 12.91 2.63 -2.88
N ALA A 35 12.14 1.59 -3.19
CA ALA A 35 12.49 0.22 -2.84
C ALA A 35 13.85 -0.17 -3.41
N ILE A 36 14.14 0.28 -4.63
CA ILE A 36 15.42 0.00 -5.28
C ILE A 36 16.59 0.55 -4.46
N LYS A 37 16.56 1.86 -4.19
CA LYS A 37 17.66 2.52 -3.52
C LYS A 37 17.77 2.11 -2.05
N SER A 38 16.66 1.72 -1.46
CA SER A 38 16.66 1.28 -0.10
C SER A 38 17.11 -0.20 0.01
N GLY A 39 17.05 -0.93 -1.09
CA GLY A 39 17.43 -2.33 -1.08
C GLY A 39 16.32 -3.18 -0.51
N ILE A 40 15.12 -2.80 -0.85
CA ILE A 40 13.93 -3.45 -0.37
C ILE A 40 13.41 -4.36 -1.48
N ASP A 41 12.94 -5.54 -1.10
CA ASP A 41 12.42 -6.54 -2.02
C ASP A 41 11.23 -6.02 -2.79
N ILE A 42 11.47 -5.59 -4.00
CA ILE A 42 10.40 -5.10 -4.83
C ILE A 42 10.16 -6.08 -5.97
N ASP A 43 11.22 -6.77 -6.40
CA ASP A 43 11.13 -7.76 -7.49
C ASP A 43 10.17 -8.85 -7.12
N SER A 44 10.36 -9.39 -5.93
CA SER A 44 9.52 -10.47 -5.44
C SER A 44 8.06 -10.00 -5.31
N ALA A 45 7.87 -8.75 -4.94
CA ALA A 45 6.53 -8.21 -4.79
C ALA A 45 5.84 -8.17 -6.16
N LEU A 46 6.54 -7.60 -7.12
CA LEU A 46 6.05 -7.50 -8.50
C LEU A 46 5.84 -8.89 -9.08
N ASP A 47 6.74 -9.78 -8.75
CA ASP A 47 6.71 -11.16 -9.22
C ASP A 47 5.51 -11.93 -8.65
N ARG A 48 5.18 -11.69 -7.39
CA ARG A 48 4.05 -12.37 -6.77
C ARG A 48 2.73 -11.75 -7.17
N GLY A 49 2.78 -10.62 -7.88
CA GLY A 49 1.57 -10.06 -8.41
C GLY A 49 1.29 -8.62 -8.03
N VAL A 50 2.25 -7.91 -7.48
CA VAL A 50 2.07 -6.49 -7.23
C VAL A 50 2.36 -5.74 -8.53
N ILE A 51 1.49 -4.84 -8.91
CA ILE A 51 1.68 -4.08 -10.14
C ILE A 51 2.03 -2.65 -9.82
N VAL A 52 2.81 -2.04 -10.65
CA VAL A 52 3.21 -0.67 -10.43
C VAL A 52 2.40 0.29 -11.32
N ARG A 53 1.81 1.30 -10.70
CA ARG A 53 1.09 2.32 -11.43
C ARG A 53 1.72 3.67 -11.20
N ALA A 54 1.54 4.55 -12.14
CA ALA A 54 2.18 5.83 -12.12
C ALA A 54 1.19 6.94 -11.92
N PHE A 55 1.30 7.64 -10.83
CA PHE A 55 0.47 8.78 -10.63
C PHE A 55 1.25 9.98 -11.19
N SER A 56 0.89 10.33 -12.41
CA SER A 56 1.55 11.35 -13.19
C SER A 56 1.31 12.75 -12.63
N HIS A 57 0.16 12.94 -12.00
CA HIS A 57 -0.13 14.22 -11.37
C HIS A 57 0.66 14.29 -10.08
N LYS A 58 1.07 15.45 -9.69
CA LYS A 58 1.83 15.54 -8.48
C LYS A 58 0.90 15.81 -7.31
N PRO A 59 0.90 14.91 -6.31
CA PRO A 59 0.03 14.98 -5.13
C PRO A 59 0.06 16.34 -4.41
N PRO A 60 -1.08 16.74 -3.79
CA PRO A 60 -1.16 17.95 -2.99
C PRO A 60 -0.12 17.92 -1.88
N LYS A 61 0.34 19.07 -1.49
CA LYS A 61 1.40 19.14 -0.54
C LYS A 61 0.88 19.00 0.86
N VAL A 62 1.22 17.89 1.44
CA VAL A 62 0.96 17.64 2.82
C VAL A 62 2.26 17.92 3.57
N GLY A 63 2.28 19.03 4.29
CA GLY A 63 3.47 19.48 4.98
C GLY A 63 3.84 18.63 6.18
N ASN A 64 4.22 17.39 5.91
CA ASN A 64 4.63 16.42 6.91
C ASN A 64 5.05 15.14 6.22
N LEU A 65 4.25 14.72 5.26
CA LEU A 65 4.48 13.45 4.58
C LEU A 65 5.30 13.63 3.32
N PRO A 66 6.27 12.72 3.07
CA PRO A 66 7.04 12.73 1.83
C PRO A 66 6.16 12.31 0.65
N GLN A 67 6.47 12.82 -0.54
CA GLN A 67 5.64 12.60 -1.73
C GLN A 67 5.44 11.11 -2.04
N TYR A 68 6.41 10.27 -1.67
CA TYR A 68 6.28 8.85 -1.95
C TYR A 68 5.11 8.20 -1.18
N GLU A 69 4.83 8.71 0.02
CA GLU A 69 3.70 8.23 0.80
C GLU A 69 2.43 8.80 0.17
N SER A 70 2.49 10.08 -0.14
CA SER A 70 1.40 10.81 -0.74
C SER A 70 0.97 10.20 -2.10
N GLU A 71 1.95 9.74 -2.90
CA GLU A 71 1.66 9.13 -4.18
C GLU A 71 0.85 7.86 -3.98
N ALA A 72 1.22 7.10 -2.95
CA ALA A 72 0.49 5.89 -2.61
C ALA A 72 -0.93 6.22 -2.19
N ILE A 73 -1.07 7.24 -1.34
CA ILE A 73 -2.38 7.73 -0.88
C ILE A 73 -3.23 8.13 -2.09
N MET A 74 -2.63 8.87 -3.02
CA MET A 74 -3.33 9.35 -4.20
C MET A 74 -3.77 8.21 -5.12
N VAL A 75 -2.95 7.19 -5.25
CA VAL A 75 -3.33 6.05 -6.08
C VAL A 75 -4.47 5.27 -5.42
N ALA A 76 -4.43 5.17 -4.10
CA ALA A 76 -5.49 4.51 -3.35
C ALA A 76 -6.78 5.32 -3.42
N PHE A 77 -6.61 6.62 -3.47
CA PHE A 77 -7.71 7.57 -3.60
C PHE A 77 -8.30 7.49 -5.02
N GLU A 78 -7.41 7.27 -5.98
CA GLU A 78 -7.75 7.18 -7.38
C GLU A 78 -8.58 5.92 -7.66
N LEU A 79 -8.08 4.80 -7.20
CA LEU A 79 -8.71 3.51 -7.45
C LEU A 79 -9.82 3.23 -6.46
N ASN A 80 -9.83 4.00 -5.38
CA ASN A 80 -10.69 3.77 -4.22
C ASN A 80 -10.34 2.39 -3.70
N ALA A 81 -9.10 2.30 -3.30
CA ALA A 81 -8.49 1.07 -2.92
C ALA A 81 -8.25 1.01 -1.44
N LEU A 82 -7.73 -0.09 -1.01
CA LEU A 82 -7.38 -0.33 0.36
C LEU A 82 -5.94 0.14 0.48
N LEU A 83 -5.66 1.01 1.41
CA LEU A 83 -4.30 1.50 1.55
C LEU A 83 -3.61 0.83 2.72
N ILE A 84 -2.46 0.25 2.45
CA ILE A 84 -1.69 -0.41 3.47
C ILE A 84 -0.47 0.45 3.77
N ALA A 85 -0.35 0.90 5.00
CA ALA A 85 0.75 1.75 5.42
C ALA A 85 1.07 1.47 6.87
N GLU A 86 2.27 1.81 7.29
CA GLU A 86 2.64 1.62 8.69
C GLU A 86 2.62 2.89 9.46
N ASP A 87 2.80 3.99 8.79
CA ASP A 87 2.95 5.26 9.47
C ASP A 87 1.61 5.82 9.85
N LYS A 88 1.47 6.13 11.12
CA LYS A 88 0.24 6.63 11.71
C LYS A 88 -0.31 7.85 10.96
N ASP A 89 0.56 8.77 10.56
CA ASP A 89 0.08 10.00 9.95
C ASP A 89 -0.34 9.76 8.52
N VAL A 90 0.36 8.87 7.85
CA VAL A 90 0.00 8.48 6.49
C VAL A 90 -1.39 7.85 6.51
N ILE A 91 -1.60 6.96 7.47
CA ILE A 91 -2.86 6.29 7.67
C ILE A 91 -3.96 7.31 7.99
N ASN A 92 -3.71 8.22 8.91
CA ASN A 92 -4.72 9.18 9.30
C ASN A 92 -5.06 10.18 8.23
N LYS A 93 -4.05 10.62 7.47
CA LYS A 93 -4.30 11.57 6.39
C LYS A 93 -5.11 10.94 5.27
N ALA A 94 -4.82 9.69 4.98
CA ALA A 94 -5.58 8.96 3.99
C ALA A 94 -7.00 8.74 4.50
N LYS A 95 -7.11 8.41 5.78
CA LYS A 95 -8.40 8.16 6.43
C LYS A 95 -9.26 9.45 6.36
N GLU A 96 -8.63 10.61 6.59
CA GLU A 96 -9.28 11.92 6.48
C GLU A 96 -9.89 12.11 5.10
N LEU A 97 -9.16 11.72 4.07
CA LEU A 97 -9.59 11.89 2.69
C LEU A 97 -10.67 10.88 2.30
N GLY A 98 -10.91 9.93 3.16
CA GLY A 98 -11.93 8.93 2.88
C GLY A 98 -11.33 7.67 2.34
N VAL A 99 -10.04 7.54 2.43
CA VAL A 99 -9.36 6.36 1.98
C VAL A 99 -9.18 5.45 3.16
N ASN A 100 -9.55 4.21 3.01
CA ASN A 100 -9.38 3.28 4.10
C ASN A 100 -7.97 2.78 4.15
N ALA A 101 -7.18 3.45 4.92
CA ALA A 101 -5.83 3.06 5.17
C ALA A 101 -5.78 2.32 6.47
N ILE A 102 -5.07 1.24 6.49
CA ILE A 102 -4.92 0.44 7.67
C ILE A 102 -3.48 0.00 7.84
N PRO A 103 -3.05 -0.24 9.09
CA PRO A 103 -1.73 -0.80 9.35
C PRO A 103 -1.64 -2.25 8.88
N ILE A 104 -0.44 -2.71 8.68
CA ILE A 104 -0.15 -4.07 8.22
C ILE A 104 -0.82 -5.12 9.11
N GLU A 105 -0.74 -4.91 10.40
CA GLU A 105 -1.29 -5.82 11.38
C GLU A 105 -2.82 -5.94 11.26
N GLU A 106 -3.46 -4.91 10.73
CA GLU A 106 -4.92 -4.95 10.53
C GLU A 106 -5.25 -5.76 9.30
N LEU A 107 -4.40 -5.67 8.29
CA LEU A 107 -4.56 -6.45 7.08
C LEU A 107 -4.40 -7.92 7.47
N LEU A 108 -3.42 -8.19 8.33
CA LEU A 108 -3.18 -9.53 8.83
C LEU A 108 -4.36 -10.01 9.66
N ALA A 109 -4.91 -9.12 10.47
CA ALA A 109 -6.06 -9.42 11.31
C ALA A 109 -7.34 -9.54 10.49
N SER A 110 -7.25 -9.26 9.22
CA SER A 110 -8.35 -9.37 8.33
C SER A 110 -8.10 -10.51 7.32
N SER A 111 -6.99 -11.22 7.48
CA SER A 111 -6.63 -12.30 6.60
C SER A 111 -7.26 -13.62 7.07
N LEU A 112 -8.57 -13.64 7.03
CA LEU A 112 -9.39 -14.77 7.43
C LEU A 112 -10.82 -14.47 7.03
N GLU A 113 -11.75 -15.32 7.45
CA GLU A 113 -13.17 -15.15 7.13
C GLU A 113 -13.78 -14.01 7.96
N HIS A 114 -13.04 -13.59 9.01
CA HIS A 114 -13.38 -12.46 9.90
C HIS A 114 -14.42 -12.91 10.95
N HIS A 115 -14.58 -14.24 11.05
CA HIS A 115 -15.55 -14.92 11.94
C HIS A 115 -16.99 -14.49 11.71
N HIS A 116 -17.37 -13.35 12.24
CA HIS A 116 -18.71 -12.87 12.11
C HIS A 116 -18.66 -11.42 11.73
N HIS A 117 -19.22 -11.08 10.59
CA HIS A 117 -19.35 -9.70 10.22
C HIS A 117 -20.55 -9.17 11.01
N HIS A 118 -21.48 -10.08 11.22
CA HIS A 118 -22.65 -9.94 12.09
C HIS A 118 -23.09 -11.33 12.47
N HIS A 119 -23.10 -12.22 11.50
CA HIS A 119 -23.41 -13.62 11.72
C HIS A 119 -22.43 -14.44 10.94
N MET A 1 -10.72 -6.25 -4.91
CA MET A 1 -10.46 -4.83 -4.67
C MET A 1 -8.96 -4.59 -4.81
N PHE A 2 -8.56 -3.35 -5.05
CA PHE A 2 -7.16 -3.03 -5.12
C PHE A 2 -6.64 -2.69 -3.71
N ALA A 3 -5.38 -2.91 -3.49
CA ALA A 3 -4.74 -2.58 -2.24
C ALA A 3 -3.43 -1.90 -2.54
N VAL A 4 -3.37 -0.62 -2.28
CA VAL A 4 -2.21 0.16 -2.62
C VAL A 4 -1.27 0.22 -1.42
N ILE A 5 -0.02 -0.04 -1.66
CA ILE A 5 0.97 -0.10 -0.62
C ILE A 5 1.74 1.24 -0.55
N SER A 6 1.89 1.77 0.65
CA SER A 6 2.67 2.96 0.85
C SER A 6 4.11 2.57 1.21
N PRO A 7 5.12 3.40 0.84
CA PRO A 7 6.55 3.12 1.13
C PRO A 7 6.88 2.91 2.64
N SER A 8 5.98 3.29 3.53
CA SER A 8 6.14 3.01 4.94
C SER A 8 5.86 1.53 5.24
N ALA A 9 5.11 0.89 4.37
CA ALA A 9 4.72 -0.50 4.54
C ALA A 9 5.74 -1.45 3.91
N PHE A 10 6.86 -0.89 3.52
CA PHE A 10 7.92 -1.67 2.91
C PHE A 10 8.62 -2.57 3.91
N GLY A 11 9.21 -3.61 3.40
CA GLY A 11 9.94 -4.54 4.22
C GLY A 11 9.08 -5.69 4.66
N LYS A 12 7.82 -5.41 4.87
CA LYS A 12 6.86 -6.39 5.34
C LYS A 12 5.93 -6.80 4.20
N LEU A 13 6.40 -6.50 3.00
CA LEU A 13 5.69 -6.73 1.74
C LEU A 13 5.45 -8.22 1.51
N LYS A 14 6.43 -9.02 1.84
CA LYS A 14 6.38 -10.43 1.57
C LYS A 14 5.32 -11.12 2.44
N GLU A 15 5.17 -10.63 3.66
CA GLU A 15 4.20 -11.15 4.58
C GLU A 15 2.78 -10.86 4.13
N ILE A 16 2.47 -9.59 3.85
CA ILE A 16 1.11 -9.17 3.45
C ILE A 16 0.65 -9.89 2.20
N LEU A 17 1.56 -10.05 1.27
CA LEU A 17 1.29 -10.74 0.02
C LEU A 17 0.84 -12.18 0.25
N GLY A 18 1.64 -12.94 0.98
CA GLY A 18 1.35 -14.34 1.16
C GLY A 18 0.25 -14.61 2.18
N SER A 19 0.18 -13.79 3.21
CA SER A 19 -0.76 -14.01 4.29
C SER A 19 -2.18 -13.61 3.93
N ASN A 20 -2.33 -12.85 2.87
CA ASN A 20 -3.65 -12.40 2.52
C ASN A 20 -4.04 -12.81 1.12
N LYS A 21 -3.26 -12.37 0.12
CA LYS A 21 -3.55 -12.62 -1.31
C LYS A 21 -4.93 -12.04 -1.73
N ASN A 22 -5.35 -12.37 -2.96
CA ASN A 22 -6.67 -12.05 -3.57
C ASN A 22 -6.93 -10.54 -3.80
N TYR A 23 -6.16 -9.67 -3.21
CA TYR A 23 -6.23 -8.26 -3.50
C TYR A 23 -5.26 -7.95 -4.56
N LYS A 24 -5.57 -6.99 -5.36
CA LYS A 24 -4.63 -6.58 -6.36
C LYS A 24 -3.78 -5.51 -5.74
N PHE A 25 -2.62 -5.91 -5.32
CA PHE A 25 -1.71 -5.04 -4.64
C PHE A 25 -1.06 -4.11 -5.63
N VAL A 26 -1.06 -2.85 -5.31
CA VAL A 26 -0.56 -1.83 -6.17
C VAL A 26 0.54 -1.07 -5.48
N ILE A 27 1.59 -0.80 -6.19
CA ILE A 27 2.67 0.00 -5.69
C ILE A 27 2.85 1.17 -6.64
N THR A 28 3.36 2.25 -6.15
CA THR A 28 3.53 3.43 -6.92
C THR A 28 4.90 3.49 -7.58
N THR A 29 5.04 4.40 -8.52
CA THR A 29 6.30 4.66 -9.18
C THR A 29 7.35 5.17 -8.19
N LEU A 30 6.94 6.04 -7.29
CA LEU A 30 7.85 6.53 -6.29
C LEU A 30 8.16 5.42 -5.29
N GLY A 31 7.17 4.55 -5.09
CA GLY A 31 7.32 3.42 -4.21
C GLY A 31 8.42 2.48 -4.67
N VAL A 32 8.32 2.00 -5.90
CA VAL A 32 9.33 1.08 -6.44
C VAL A 32 10.72 1.71 -6.46
N SER A 33 10.79 2.98 -6.83
CA SER A 33 12.05 3.69 -6.92
C SER A 33 12.72 3.81 -5.53
N PHE A 34 11.89 4.02 -4.52
CA PHE A 34 12.36 4.14 -3.15
C PHE A 34 12.84 2.78 -2.65
N ALA A 35 12.12 1.73 -3.02
CA ALA A 35 12.48 0.37 -2.64
C ALA A 35 13.81 -0.03 -3.28
N ILE A 36 13.97 0.32 -4.55
CA ILE A 36 15.19 0.04 -5.31
C ILE A 36 16.42 0.62 -4.61
N LYS A 37 16.37 1.90 -4.28
CA LYS A 37 17.52 2.55 -3.69
C LYS A 37 17.79 2.12 -2.25
N SER A 38 16.77 1.61 -1.59
CA SER A 38 16.91 1.20 -0.20
C SER A 38 17.39 -0.26 -0.06
N GLY A 39 17.15 -1.07 -1.08
CA GLY A 39 17.56 -2.46 -1.01
C GLY A 39 16.49 -3.33 -0.39
N ILE A 40 15.26 -3.08 -0.75
CA ILE A 40 14.14 -3.81 -0.22
C ILE A 40 13.67 -4.82 -1.26
N ASP A 41 13.05 -5.92 -0.82
CA ASP A 41 12.56 -6.96 -1.73
C ASP A 41 11.33 -6.48 -2.49
N ILE A 42 11.55 -5.75 -3.55
CA ILE A 42 10.46 -5.25 -4.36
C ILE A 42 10.18 -6.25 -5.49
N ASP A 43 11.22 -6.99 -5.88
CA ASP A 43 11.11 -8.00 -6.93
C ASP A 43 10.13 -9.07 -6.50
N SER A 44 10.19 -9.39 -5.22
CA SER A 44 9.39 -10.42 -4.63
C SER A 44 7.93 -9.95 -4.50
N ALA A 45 7.76 -8.65 -4.45
CA ALA A 45 6.46 -8.06 -4.36
C ALA A 45 5.79 -8.12 -5.72
N LEU A 46 6.50 -7.61 -6.72
CA LEU A 46 6.02 -7.59 -8.10
C LEU A 46 5.72 -9.01 -8.56
N ASP A 47 6.60 -9.92 -8.16
CA ASP A 47 6.49 -11.36 -8.44
C ASP A 47 5.15 -11.91 -7.98
N ARG A 48 4.75 -11.54 -6.77
CA ARG A 48 3.52 -12.07 -6.19
C ARG A 48 2.28 -11.37 -6.68
N GLY A 49 2.44 -10.33 -7.46
CA GLY A 49 1.30 -9.73 -8.07
C GLY A 49 1.13 -8.26 -7.82
N VAL A 50 2.08 -7.65 -7.17
CA VAL A 50 2.01 -6.21 -6.95
C VAL A 50 2.25 -5.49 -8.28
N ILE A 51 1.32 -4.64 -8.66
CA ILE A 51 1.41 -3.93 -9.91
C ILE A 51 1.91 -2.52 -9.70
N VAL A 52 2.60 -1.99 -10.67
CA VAL A 52 3.14 -0.66 -10.58
C VAL A 52 2.20 0.34 -11.22
N ARG A 53 1.74 1.27 -10.46
CA ARG A 53 0.89 2.30 -10.96
C ARG A 53 1.60 3.63 -10.91
N ALA A 54 1.63 4.28 -12.02
CA ALA A 54 2.15 5.59 -12.10
C ALA A 54 1.00 6.53 -12.00
N PHE A 55 1.05 7.44 -11.07
CA PHE A 55 -0.02 8.38 -10.92
C PHE A 55 0.09 9.38 -12.09
N SER A 56 -0.75 9.16 -13.10
CA SER A 56 -0.75 9.94 -14.33
C SER A 56 -1.17 11.36 -14.04
N HIS A 57 -2.00 11.54 -13.04
CA HIS A 57 -2.39 12.86 -12.62
C HIS A 57 -1.23 13.42 -11.82
N LYS A 58 -0.98 14.70 -11.90
CA LYS A 58 0.07 15.27 -11.09
C LYS A 58 -0.36 15.19 -9.63
N PRO A 59 0.47 14.61 -8.76
CA PRO A 59 0.09 14.38 -7.38
C PRO A 59 -0.19 15.67 -6.61
N PRO A 60 -1.40 15.78 -6.00
CA PRO A 60 -1.73 16.88 -5.11
C PRO A 60 -0.78 16.88 -3.92
N LYS A 61 -0.41 18.05 -3.47
CA LYS A 61 0.55 18.16 -2.44
C LYS A 61 -0.09 18.06 -1.07
N VAL A 62 0.19 16.97 -0.39
CA VAL A 62 -0.24 16.80 0.97
C VAL A 62 0.84 17.43 1.83
N GLY A 63 0.61 18.66 2.23
CA GLY A 63 1.58 19.43 2.99
C GLY A 63 1.70 18.96 4.42
N ASN A 64 2.24 17.78 4.57
CA ASN A 64 2.37 17.11 5.85
C ASN A 64 3.11 15.80 5.66
N LEU A 65 2.81 15.11 4.59
CA LEU A 65 3.40 13.80 4.33
C LEU A 65 4.40 13.86 3.19
N PRO A 66 5.37 12.93 3.18
CA PRO A 66 6.32 12.80 2.07
C PRO A 66 5.60 12.52 0.74
N GLN A 67 6.17 13.01 -0.34
CA GLN A 67 5.61 12.90 -1.69
C GLN A 67 5.35 11.45 -2.06
N TYR A 68 6.30 10.57 -1.75
CA TYR A 68 6.15 9.16 -2.07
C TYR A 68 4.99 8.48 -1.33
N GLU A 69 4.74 8.90 -0.08
CA GLU A 69 3.61 8.39 0.69
C GLU A 69 2.33 8.94 0.06
N SER A 70 2.40 10.20 -0.34
CA SER A 70 1.27 10.90 -0.92
C SER A 70 0.83 10.25 -2.24
N GLU A 71 1.80 9.84 -3.07
CA GLU A 71 1.50 9.19 -4.34
C GLU A 71 0.72 7.90 -4.10
N ALA A 72 1.11 7.17 -3.05
CA ALA A 72 0.43 5.93 -2.69
C ALA A 72 -1.02 6.21 -2.31
N ILE A 73 -1.21 7.22 -1.46
CA ILE A 73 -2.55 7.65 -1.04
C ILE A 73 -3.40 8.04 -2.25
N MET A 74 -2.80 8.78 -3.17
CA MET A 74 -3.50 9.26 -4.35
C MET A 74 -3.90 8.15 -5.28
N VAL A 75 -3.03 7.16 -5.44
CA VAL A 75 -3.35 6.00 -6.25
C VAL A 75 -4.50 5.20 -5.62
N ALA A 76 -4.46 5.08 -4.30
CA ALA A 76 -5.53 4.42 -3.57
C ALA A 76 -6.82 5.22 -3.68
N PHE A 77 -6.68 6.52 -3.80
CA PHE A 77 -7.79 7.42 -3.94
C PHE A 77 -8.46 7.24 -5.30
N GLU A 78 -7.65 7.19 -6.37
CA GLU A 78 -8.21 7.07 -7.73
C GLU A 78 -8.84 5.69 -7.95
N LEU A 79 -8.19 4.66 -7.43
CA LEU A 79 -8.65 3.29 -7.63
C LEU A 79 -9.74 2.93 -6.65
N ASN A 80 -9.92 3.79 -5.65
CA ASN A 80 -10.88 3.57 -4.55
C ASN A 80 -10.52 2.26 -3.89
N ALA A 81 -9.30 2.24 -3.41
CA ALA A 81 -8.69 1.05 -2.92
C ALA A 81 -8.35 1.19 -1.45
N LEU A 82 -7.84 0.13 -0.88
CA LEU A 82 -7.40 0.15 0.49
C LEU A 82 -5.96 0.56 0.49
N LEU A 83 -5.58 1.33 1.45
CA LEU A 83 -4.22 1.74 1.52
C LEU A 83 -3.52 1.00 2.64
N ILE A 84 -2.46 0.34 2.31
CA ILE A 84 -1.67 -0.37 3.27
C ILE A 84 -0.51 0.52 3.66
N ALA A 85 -0.53 1.00 4.88
CA ALA A 85 0.49 1.90 5.35
C ALA A 85 0.88 1.54 6.77
N GLU A 86 2.12 1.75 7.10
CA GLU A 86 2.61 1.45 8.44
C GLU A 86 2.73 2.70 9.28
N ASP A 87 2.98 3.81 8.64
CA ASP A 87 3.13 5.06 9.35
C ASP A 87 1.78 5.56 9.78
N LYS A 88 1.63 5.77 11.08
CA LYS A 88 0.36 6.16 11.67
C LYS A 88 -0.16 7.49 11.17
N ASP A 89 0.72 8.40 10.78
CA ASP A 89 0.30 9.70 10.34
C ASP A 89 -0.17 9.61 8.91
N VAL A 90 0.53 8.80 8.13
CA VAL A 90 0.12 8.50 6.76
C VAL A 90 -1.26 7.86 6.78
N ILE A 91 -1.44 6.92 7.72
CA ILE A 91 -2.71 6.24 7.91
C ILE A 91 -3.83 7.22 8.19
N ASN A 92 -3.63 8.14 9.15
CA ASN A 92 -4.71 9.07 9.47
C ASN A 92 -4.96 10.06 8.36
N LYS A 93 -3.91 10.60 7.77
CA LYS A 93 -4.06 11.60 6.70
C LYS A 93 -4.83 11.02 5.52
N ALA A 94 -4.50 9.79 5.17
CA ALA A 94 -5.17 9.11 4.09
C ALA A 94 -6.63 8.87 4.42
N LYS A 95 -6.91 8.44 5.65
CA LYS A 95 -8.28 8.14 6.03
C LYS A 95 -9.09 9.42 6.17
N GLU A 96 -8.41 10.52 6.45
CA GLU A 96 -9.03 11.83 6.49
C GLU A 96 -9.34 12.32 5.08
N LEU A 97 -8.52 11.91 4.11
CA LEU A 97 -8.73 12.30 2.72
C LEU A 97 -9.80 11.45 2.06
N GLY A 98 -10.19 10.38 2.73
CA GLY A 98 -11.24 9.55 2.22
C GLY A 98 -10.77 8.19 1.75
N VAL A 99 -9.55 7.85 2.08
CA VAL A 99 -9.02 6.55 1.70
C VAL A 99 -8.92 5.69 2.95
N ASN A 100 -9.38 4.47 2.91
CA ASN A 100 -9.26 3.64 4.09
C ASN A 100 -7.85 3.09 4.16
N ALA A 101 -7.04 3.74 4.95
CA ALA A 101 -5.70 3.33 5.17
C ALA A 101 -5.65 2.49 6.40
N ILE A 102 -5.05 1.36 6.28
CA ILE A 102 -4.95 0.43 7.35
C ILE A 102 -3.51 -0.04 7.55
N PRO A 103 -3.10 -0.24 8.80
CA PRO A 103 -1.79 -0.81 9.11
C PRO A 103 -1.65 -2.22 8.52
N ILE A 104 -0.42 -2.66 8.34
CA ILE A 104 -0.13 -3.98 7.78
C ILE A 104 -0.83 -5.11 8.55
N GLU A 105 -0.85 -5.00 9.85
CA GLU A 105 -1.47 -6.02 10.65
C GLU A 105 -2.99 -6.10 10.48
N GLU A 106 -3.60 -5.04 10.00
CA GLU A 106 -5.04 -5.09 9.75
C GLU A 106 -5.31 -5.87 8.48
N LEU A 107 -4.37 -5.78 7.58
CA LEU A 107 -4.40 -6.51 6.34
C LEU A 107 -4.12 -7.99 6.63
N LEU A 108 -3.29 -8.23 7.65
CA LEU A 108 -2.91 -9.58 8.07
C LEU A 108 -3.99 -10.25 8.91
N ALA A 109 -4.48 -9.55 9.91
CA ALA A 109 -5.46 -10.10 10.84
C ALA A 109 -6.81 -10.27 10.19
N SER A 110 -7.23 -9.28 9.47
CA SER A 110 -8.53 -9.27 8.82
C SER A 110 -8.37 -9.70 7.35
N SER A 111 -7.45 -10.63 7.10
CA SER A 111 -7.13 -11.08 5.76
C SER A 111 -8.31 -11.73 5.03
N LEU A 112 -8.99 -10.91 4.21
CA LEU A 112 -10.10 -11.32 3.35
C LEU A 112 -11.36 -11.65 4.10
N GLU A 113 -12.33 -10.79 3.97
CA GLU A 113 -13.63 -11.04 4.53
C GLU A 113 -14.39 -12.03 3.65
N HIS A 114 -14.28 -11.84 2.35
CA HIS A 114 -14.91 -12.70 1.34
C HIS A 114 -16.42 -12.70 1.38
N HIS A 115 -17.00 -13.38 0.37
CA HIS A 115 -18.45 -13.40 0.13
C HIS A 115 -18.90 -12.00 -0.29
N HIS A 116 -20.12 -11.87 -0.68
CA HIS A 116 -20.62 -10.58 -1.00
C HIS A 116 -22.03 -10.47 -0.51
N HIS A 117 -22.40 -9.29 -0.03
CA HIS A 117 -23.72 -9.03 0.55
C HIS A 117 -24.88 -9.63 -0.25
N HIS A 118 -25.63 -10.48 0.43
CA HIS A 118 -26.79 -11.16 -0.14
C HIS A 118 -27.87 -10.14 -0.39
N HIS A 119 -27.94 -9.17 0.47
CA HIS A 119 -28.84 -8.06 0.34
C HIS A 119 -28.03 -6.82 0.56
N MET A 1 -10.79 -5.63 -5.08
CA MET A 1 -10.42 -4.33 -4.54
C MET A 1 -8.92 -4.21 -4.60
N PHE A 2 -8.43 -3.02 -4.85
CA PHE A 2 -7.03 -2.80 -4.94
C PHE A 2 -6.48 -2.52 -3.56
N ALA A 3 -5.24 -2.82 -3.37
CA ALA A 3 -4.56 -2.55 -2.13
C ALA A 3 -3.25 -1.87 -2.42
N VAL A 4 -3.18 -0.61 -2.12
CA VAL A 4 -2.02 0.16 -2.43
C VAL A 4 -1.09 0.15 -1.23
N ILE A 5 0.15 -0.12 -1.49
CA ILE A 5 1.14 -0.20 -0.45
C ILE A 5 1.89 1.12 -0.36
N SER A 6 1.98 1.68 0.81
CA SER A 6 2.75 2.88 1.02
C SER A 6 4.20 2.47 1.34
N PRO A 7 5.20 3.30 0.96
CA PRO A 7 6.62 2.99 1.20
C PRO A 7 6.97 2.76 2.68
N SER A 8 6.14 3.28 3.56
CA SER A 8 6.29 3.07 4.98
C SER A 8 6.01 1.61 5.39
N ALA A 9 5.30 0.89 4.52
CA ALA A 9 4.92 -0.50 4.80
C ALA A 9 5.89 -1.50 4.18
N PHE A 10 7.05 -1.02 3.80
CA PHE A 10 8.05 -1.85 3.15
C PHE A 10 8.77 -2.79 4.10
N GLY A 11 9.30 -3.87 3.53
CA GLY A 11 10.03 -4.87 4.26
C GLY A 11 9.15 -6.03 4.65
N LYS A 12 7.91 -5.73 4.93
CA LYS A 12 6.93 -6.72 5.37
C LYS A 12 6.10 -7.15 4.17
N LEU A 13 6.59 -6.82 2.99
CA LEU A 13 5.90 -7.05 1.71
C LEU A 13 5.62 -8.52 1.47
N LYS A 14 6.57 -9.37 1.84
CA LYS A 14 6.44 -10.81 1.65
C LYS A 14 5.26 -11.37 2.46
N GLU A 15 5.05 -10.78 3.63
CA GLU A 15 4.03 -11.22 4.53
C GLU A 15 2.65 -10.79 4.06
N ILE A 16 2.47 -9.48 3.86
CA ILE A 16 1.16 -8.93 3.47
C ILE A 16 0.61 -9.53 2.19
N LEU A 17 1.48 -9.71 1.24
CA LEU A 17 1.12 -10.21 -0.05
C LEU A 17 0.79 -11.70 0.01
N GLY A 18 1.69 -12.48 0.56
CA GLY A 18 1.52 -13.92 0.59
C GLY A 18 0.50 -14.40 1.61
N SER A 19 0.35 -13.70 2.70
CA SER A 19 -0.56 -14.14 3.74
C SER A 19 -2.00 -13.71 3.45
N ASN A 20 -2.20 -12.51 2.95
CA ASN A 20 -3.55 -12.02 2.77
C ASN A 20 -4.10 -12.35 1.40
N LYS A 21 -3.42 -11.85 0.34
CA LYS A 21 -3.91 -11.99 -1.04
C LYS A 21 -5.33 -11.38 -1.13
N ASN A 22 -6.14 -11.87 -2.07
CA ASN A 22 -7.58 -11.47 -2.26
C ASN A 22 -7.75 -10.04 -2.79
N TYR A 23 -6.70 -9.28 -2.73
CA TYR A 23 -6.68 -7.92 -3.22
C TYR A 23 -5.73 -7.81 -4.37
N LYS A 24 -5.89 -6.80 -5.15
CA LYS A 24 -4.98 -6.51 -6.21
C LYS A 24 -4.04 -5.44 -5.69
N PHE A 25 -2.88 -5.84 -5.32
CA PHE A 25 -1.92 -4.97 -4.70
C PHE A 25 -1.28 -4.04 -5.72
N VAL A 26 -1.16 -2.79 -5.36
CA VAL A 26 -0.62 -1.76 -6.21
C VAL A 26 0.49 -1.01 -5.47
N ILE A 27 1.54 -0.70 -6.17
CA ILE A 27 2.64 0.06 -5.64
C ILE A 27 2.88 1.24 -6.60
N THR A 28 3.53 2.27 -6.13
CA THR A 28 3.80 3.42 -6.94
C THR A 28 5.21 3.34 -7.55
N THR A 29 5.51 4.20 -8.49
CA THR A 29 6.81 4.26 -9.11
C THR A 29 7.84 4.75 -8.12
N LEU A 30 7.45 5.72 -7.30
CA LEU A 30 8.30 6.20 -6.24
C LEU A 30 8.47 5.11 -5.20
N GLY A 31 7.43 4.30 -5.04
CA GLY A 31 7.48 3.18 -4.14
C GLY A 31 8.53 2.17 -4.57
N VAL A 32 8.46 1.71 -5.82
CA VAL A 32 9.45 0.74 -6.30
C VAL A 32 10.85 1.36 -6.30
N SER A 33 10.95 2.65 -6.58
CA SER A 33 12.21 3.35 -6.61
C SER A 33 12.77 3.44 -5.17
N PHE A 34 11.88 3.68 -4.20
CA PHE A 34 12.25 3.75 -2.81
C PHE A 34 12.80 2.41 -2.35
N ALA A 35 12.17 1.34 -2.81
CA ALA A 35 12.63 0.00 -2.50
C ALA A 35 14.00 -0.24 -3.12
N ILE A 36 14.20 0.22 -4.35
CA ILE A 36 15.49 0.09 -5.03
C ILE A 36 16.60 0.79 -4.24
N LYS A 37 16.41 2.06 -3.92
CA LYS A 37 17.44 2.84 -3.23
C LYS A 37 17.66 2.37 -1.79
N SER A 38 16.68 1.74 -1.21
CA SER A 38 16.81 1.26 0.15
C SER A 38 17.30 -0.19 0.20
N GLY A 39 17.33 -0.84 -0.96
CA GLY A 39 17.75 -2.23 -1.02
C GLY A 39 16.70 -3.16 -0.43
N ILE A 40 15.46 -2.85 -0.67
CA ILE A 40 14.35 -3.62 -0.15
C ILE A 40 13.77 -4.46 -1.26
N ASP A 41 13.38 -5.68 -0.94
CA ASP A 41 12.78 -6.61 -1.89
C ASP A 41 11.44 -6.11 -2.39
N ILE A 42 11.43 -5.72 -3.63
CA ILE A 42 10.22 -5.29 -4.29
C ILE A 42 9.89 -6.31 -5.40
N ASP A 43 10.85 -7.20 -5.66
CA ASP A 43 10.75 -8.18 -6.74
C ASP A 43 9.65 -9.15 -6.46
N SER A 44 9.66 -9.70 -5.25
CA SER A 44 8.68 -10.71 -4.83
C SER A 44 7.26 -10.12 -4.86
N ALA A 45 7.18 -8.81 -4.70
CA ALA A 45 5.93 -8.11 -4.72
C ALA A 45 5.37 -8.12 -6.13
N LEU A 46 6.14 -7.60 -7.06
CA LEU A 46 5.78 -7.52 -8.48
C LEU A 46 5.48 -8.93 -9.00
N ASP A 47 6.30 -9.86 -8.57
CA ASP A 47 6.20 -11.29 -8.90
C ASP A 47 4.84 -11.89 -8.51
N ARG A 48 4.39 -11.61 -7.31
CA ARG A 48 3.17 -12.22 -6.80
C ARG A 48 1.89 -11.42 -7.08
N GLY A 49 2.00 -10.33 -7.81
CA GLY A 49 0.79 -9.64 -8.23
C GLY A 49 0.69 -8.19 -7.86
N VAL A 50 1.73 -7.63 -7.31
CA VAL A 50 1.73 -6.21 -7.01
C VAL A 50 2.07 -5.46 -8.30
N ILE A 51 1.17 -4.62 -8.74
CA ILE A 51 1.35 -3.85 -9.95
C ILE A 51 1.74 -2.43 -9.64
N VAL A 52 2.47 -1.81 -10.52
CA VAL A 52 2.89 -0.46 -10.31
C VAL A 52 1.98 0.54 -11.04
N ARG A 53 1.50 1.53 -10.30
CA ARG A 53 0.68 2.59 -10.85
C ARG A 53 0.93 3.82 -10.02
N ALA A 54 1.26 4.91 -10.68
CA ALA A 54 1.55 6.14 -10.00
C ALA A 54 1.31 7.30 -10.90
N PHE A 55 1.11 8.46 -10.32
CA PHE A 55 0.91 9.65 -11.07
C PHE A 55 2.23 10.27 -11.43
N SER A 56 2.32 10.74 -12.62
CA SER A 56 3.46 11.50 -13.03
C SER A 56 3.11 12.97 -12.80
N HIS A 57 1.84 13.27 -12.94
CA HIS A 57 1.30 14.59 -12.77
C HIS A 57 0.12 14.56 -11.81
N LYS A 58 0.36 14.93 -10.61
CA LYS A 58 -0.68 15.25 -9.67
C LYS A 58 -0.27 16.47 -8.92
N PRO A 59 -1.18 17.33 -8.51
CA PRO A 59 -0.82 18.43 -7.64
C PRO A 59 -0.45 17.83 -6.29
N PRO A 60 0.76 18.08 -5.78
CA PRO A 60 1.17 17.49 -4.55
C PRO A 60 0.79 18.32 -3.34
N LYS A 61 0.15 17.66 -2.40
CA LYS A 61 -0.13 18.23 -1.13
C LYS A 61 0.63 17.43 -0.11
N VAL A 62 1.65 18.00 0.47
CA VAL A 62 2.41 17.32 1.47
C VAL A 62 2.69 18.23 2.66
N GLY A 63 2.47 17.72 3.84
CA GLY A 63 2.73 18.47 5.02
C GLY A 63 3.72 17.75 5.90
N ASN A 64 3.29 16.67 6.48
CA ASN A 64 4.15 15.89 7.37
C ASN A 64 4.76 14.74 6.56
N LEU A 65 4.18 14.49 5.40
CA LEU A 65 4.57 13.37 4.59
C LEU A 65 5.37 13.81 3.38
N PRO A 66 6.30 12.99 2.90
CA PRO A 66 7.00 13.22 1.63
C PRO A 66 6.08 12.80 0.47
N GLN A 67 6.47 13.12 -0.75
CA GLN A 67 5.66 12.81 -1.91
C GLN A 67 5.43 11.30 -2.08
N TYR A 68 6.46 10.48 -1.88
CA TYR A 68 6.30 9.01 -2.04
C TYR A 68 5.18 8.40 -1.18
N GLU A 69 5.01 8.87 0.05
CA GLU A 69 3.94 8.37 0.91
C GLU A 69 2.59 8.87 0.38
N SER A 70 2.56 10.12 -0.04
CA SER A 70 1.34 10.74 -0.52
C SER A 70 0.97 10.20 -1.92
N GLU A 71 1.96 9.73 -2.66
CA GLU A 71 1.79 9.15 -3.98
C GLU A 71 0.90 7.91 -3.84
N ALA A 72 1.22 7.11 -2.83
CA ALA A 72 0.45 5.92 -2.53
C ALA A 72 -0.99 6.30 -2.17
N ILE A 73 -1.12 7.31 -1.31
CA ILE A 73 -2.42 7.85 -0.92
C ILE A 73 -3.23 8.31 -2.16
N MET A 74 -2.55 9.01 -3.07
CA MET A 74 -3.20 9.52 -4.28
C MET A 74 -3.75 8.40 -5.12
N VAL A 75 -2.93 7.38 -5.35
CA VAL A 75 -3.34 6.24 -6.14
C VAL A 75 -4.48 5.47 -5.43
N ALA A 76 -4.38 5.38 -4.12
CA ALA A 76 -5.40 4.71 -3.33
C ALA A 76 -6.73 5.47 -3.37
N PHE A 77 -6.66 6.78 -3.40
CA PHE A 77 -7.85 7.62 -3.49
C PHE A 77 -8.45 7.52 -4.89
N GLU A 78 -7.58 7.49 -5.87
CA GLU A 78 -7.95 7.39 -7.27
C GLU A 78 -8.65 6.05 -7.57
N LEU A 79 -8.10 4.98 -7.06
CA LEU A 79 -8.67 3.65 -7.31
C LEU A 79 -9.77 3.31 -6.33
N ASN A 80 -9.85 4.09 -5.25
CA ASN A 80 -10.71 3.78 -4.09
C ASN A 80 -10.32 2.43 -3.58
N ALA A 81 -9.08 2.37 -3.19
CA ALA A 81 -8.44 1.16 -2.82
C ALA A 81 -8.20 1.10 -1.33
N LEU A 82 -7.71 -0.01 -0.89
CA LEU A 82 -7.37 -0.23 0.49
C LEU A 82 -5.93 0.23 0.59
N LEU A 83 -5.58 0.97 1.60
CA LEU A 83 -4.23 1.44 1.71
C LEU A 83 -3.51 0.77 2.85
N ILE A 84 -2.39 0.18 2.55
CA ILE A 84 -1.56 -0.47 3.52
C ILE A 84 -0.46 0.51 3.89
N ALA A 85 -0.52 1.02 5.10
CA ALA A 85 0.41 2.03 5.51
C ALA A 85 0.83 1.85 6.94
N GLU A 86 2.06 2.20 7.23
CA GLU A 86 2.58 2.12 8.58
C GLU A 86 2.76 3.49 9.17
N ASP A 87 2.84 4.48 8.32
CA ASP A 87 3.09 5.83 8.77
C ASP A 87 1.81 6.43 9.30
N LYS A 88 1.90 7.04 10.46
CA LYS A 88 0.77 7.56 11.18
C LYS A 88 0.04 8.67 10.44
N ASP A 89 0.77 9.51 9.71
CA ASP A 89 0.10 10.61 9.02
C ASP A 89 -0.50 10.11 7.73
N VAL A 90 0.11 9.07 7.15
CA VAL A 90 -0.42 8.43 5.94
C VAL A 90 -1.77 7.81 6.24
N ILE A 91 -1.83 7.03 7.32
CA ILE A 91 -3.06 6.39 7.76
C ILE A 91 -4.14 7.44 8.01
N ASN A 92 -3.77 8.49 8.72
CA ASN A 92 -4.68 9.58 9.05
C ASN A 92 -5.17 10.31 7.79
N LYS A 93 -4.23 10.77 6.97
CA LYS A 93 -4.49 11.55 5.75
C LYS A 93 -5.41 10.82 4.81
N ALA A 94 -5.07 9.59 4.52
CA ALA A 94 -5.86 8.77 3.62
C ALA A 94 -7.24 8.50 4.19
N LYS A 95 -7.31 8.26 5.50
CA LYS A 95 -8.56 7.96 6.15
C LYS A 95 -9.51 9.16 6.10
N GLU A 96 -8.96 10.37 6.26
CA GLU A 96 -9.74 11.59 6.15
C GLU A 96 -10.30 11.73 4.75
N LEU A 97 -9.49 11.34 3.79
CA LEU A 97 -9.86 11.45 2.38
C LEU A 97 -10.91 10.40 2.00
N GLY A 98 -11.12 9.43 2.87
CA GLY A 98 -12.13 8.43 2.63
C GLY A 98 -11.54 7.10 2.23
N VAL A 99 -10.24 7.03 2.28
CA VAL A 99 -9.55 5.81 1.94
C VAL A 99 -9.32 5.03 3.22
N ASN A 100 -9.52 3.76 3.18
CA ASN A 100 -9.28 2.96 4.34
C ASN A 100 -7.83 2.55 4.39
N ALA A 101 -7.08 3.30 5.13
CA ALA A 101 -5.69 3.02 5.35
C ALA A 101 -5.56 2.29 6.66
N ILE A 102 -4.91 1.17 6.63
CA ILE A 102 -4.70 0.36 7.79
C ILE A 102 -3.24 -0.11 7.87
N PRO A 103 -2.74 -0.38 9.08
CA PRO A 103 -1.38 -0.91 9.26
C PRO A 103 -1.24 -2.33 8.70
N ILE A 104 -0.01 -2.74 8.52
CA ILE A 104 0.37 -4.06 8.00
C ILE A 104 -0.30 -5.21 8.76
N GLU A 105 -0.29 -5.10 10.08
CA GLU A 105 -0.84 -6.14 10.92
C GLU A 105 -2.35 -6.28 10.72
N GLU A 106 -3.00 -5.20 10.34
CA GLU A 106 -4.43 -5.23 10.10
C GLU A 106 -4.73 -5.88 8.78
N LEU A 107 -3.82 -5.70 7.85
CA LEU A 107 -3.93 -6.30 6.53
C LEU A 107 -3.74 -7.81 6.67
N LEU A 108 -2.79 -8.18 7.52
CA LEU A 108 -2.52 -9.58 7.83
C LEU A 108 -3.74 -10.20 8.53
N ALA A 109 -4.29 -9.43 9.47
CA ALA A 109 -5.44 -9.85 10.25
C ALA A 109 -6.66 -10.11 9.38
N SER A 110 -6.88 -9.28 8.39
CA SER A 110 -8.03 -9.38 7.50
C SER A 110 -8.07 -10.67 6.65
N SER A 111 -6.97 -11.42 6.65
CA SER A 111 -6.91 -12.68 5.96
C SER A 111 -7.67 -13.74 6.79
N LEU A 112 -7.80 -13.47 8.07
CA LEU A 112 -8.46 -14.36 8.98
C LEU A 112 -9.78 -13.76 9.40
N GLU A 113 -10.84 -14.13 8.73
CA GLU A 113 -12.16 -13.66 9.09
C GLU A 113 -12.66 -14.50 10.24
N HIS A 114 -12.71 -15.78 9.97
CA HIS A 114 -13.20 -16.83 10.83
C HIS A 114 -12.70 -18.08 10.19
N HIS A 115 -12.76 -19.19 10.85
CA HIS A 115 -12.37 -20.43 10.23
C HIS A 115 -13.47 -20.92 9.32
N HIS A 116 -13.18 -20.93 8.04
CA HIS A 116 -14.13 -21.38 7.04
C HIS A 116 -14.04 -22.88 6.91
N HIS A 117 -14.99 -23.47 6.20
CA HIS A 117 -14.96 -24.90 5.97
C HIS A 117 -13.79 -25.27 5.10
N HIS A 118 -13.15 -26.36 5.44
CA HIS A 118 -11.95 -26.83 4.80
C HIS A 118 -12.16 -27.11 3.31
N HIS A 119 -11.42 -26.41 2.50
CA HIS A 119 -11.38 -26.64 1.09
C HIS A 119 -9.96 -26.82 0.69
N MET A 1 -11.01 -5.58 -4.37
CA MET A 1 -10.61 -4.24 -3.98
C MET A 1 -9.13 -4.10 -4.27
N PHE A 2 -8.68 -2.90 -4.54
CA PHE A 2 -7.27 -2.66 -4.75
C PHE A 2 -6.63 -2.41 -3.41
N ALA A 3 -5.40 -2.75 -3.28
CA ALA A 3 -4.66 -2.52 -2.08
C ALA A 3 -3.35 -1.88 -2.43
N VAL A 4 -3.23 -0.62 -2.13
CA VAL A 4 -2.04 0.13 -2.46
C VAL A 4 -1.10 0.09 -1.28
N ILE A 5 0.12 -0.23 -1.55
CA ILE A 5 1.12 -0.33 -0.53
C ILE A 5 1.88 0.99 -0.43
N SER A 6 1.93 1.56 0.75
CA SER A 6 2.70 2.76 0.97
C SER A 6 4.12 2.35 1.33
N PRO A 7 5.15 3.14 0.96
CA PRO A 7 6.55 2.82 1.23
C PRO A 7 6.85 2.53 2.72
N SER A 8 6.07 3.11 3.63
CA SER A 8 6.17 2.81 5.06
C SER A 8 5.91 1.32 5.37
N ALA A 9 5.20 0.64 4.49
CA ALA A 9 4.84 -0.76 4.69
C ALA A 9 5.78 -1.70 3.94
N PHE A 10 6.91 -1.17 3.48
CA PHE A 10 7.88 -1.98 2.76
C PHE A 10 8.59 -2.97 3.65
N GLY A 11 9.21 -3.93 3.01
CA GLY A 11 9.96 -4.95 3.70
C GLY A 11 9.09 -6.10 4.13
N LYS A 12 7.85 -5.81 4.48
CA LYS A 12 6.88 -6.80 4.94
C LYS A 12 6.00 -7.26 3.78
N LEU A 13 6.45 -6.93 2.58
CA LEU A 13 5.75 -7.18 1.34
C LEU A 13 5.44 -8.67 1.13
N LYS A 14 6.37 -9.52 1.51
CA LYS A 14 6.22 -10.95 1.29
C LYS A 14 5.22 -11.56 2.26
N GLU A 15 5.09 -10.93 3.40
CA GLU A 15 4.17 -11.39 4.41
C GLU A 15 2.74 -11.01 4.08
N ILE A 16 2.53 -9.76 3.71
CA ILE A 16 1.17 -9.31 3.37
C ILE A 16 0.66 -10.01 2.11
N LEU A 17 1.54 -10.18 1.14
CA LEU A 17 1.22 -10.89 -0.09
C LEU A 17 0.94 -12.35 0.19
N GLY A 18 1.88 -13.00 0.85
CA GLY A 18 1.79 -14.40 1.09
C GLY A 18 0.69 -14.80 2.03
N SER A 19 0.37 -13.96 2.98
CA SER A 19 -0.62 -14.34 3.94
C SER A 19 -2.03 -13.98 3.49
N ASN A 20 -2.21 -12.92 2.71
CA ASN A 20 -3.57 -12.50 2.40
C ASN A 20 -4.01 -12.83 0.97
N LYS A 21 -3.28 -12.31 -0.03
CA LYS A 21 -3.75 -12.34 -1.44
C LYS A 21 -5.15 -11.65 -1.50
N ASN A 22 -5.97 -12.03 -2.48
CA ASN A 22 -7.43 -11.63 -2.58
C ASN A 22 -7.62 -10.12 -2.92
N TYR A 23 -6.60 -9.35 -2.77
CA TYR A 23 -6.62 -7.96 -3.09
C TYR A 23 -5.75 -7.72 -4.28
N LYS A 24 -6.10 -6.73 -5.06
CA LYS A 24 -5.29 -6.37 -6.17
C LYS A 24 -4.25 -5.38 -5.66
N PHE A 25 -3.09 -5.89 -5.37
CA PHE A 25 -2.04 -5.08 -4.79
C PHE A 25 -1.43 -4.17 -5.82
N VAL A 26 -1.35 -2.92 -5.46
CA VAL A 26 -0.84 -1.87 -6.29
C VAL A 26 0.28 -1.16 -5.54
N ILE A 27 1.34 -0.87 -6.21
CA ILE A 27 2.45 -0.19 -5.61
C ILE A 27 2.81 0.98 -6.55
N THR A 28 3.17 2.10 -5.98
CA THR A 28 3.44 3.28 -6.77
C THR A 28 4.84 3.31 -7.37
N THR A 29 5.03 4.20 -8.32
CA THR A 29 6.29 4.38 -8.96
C THR A 29 7.34 4.99 -8.04
N LEU A 30 6.92 5.92 -7.20
CA LEU A 30 7.83 6.49 -6.22
C LEU A 30 8.14 5.43 -5.18
N GLY A 31 7.18 4.55 -4.96
CA GLY A 31 7.34 3.45 -4.05
C GLY A 31 8.43 2.51 -4.51
N VAL A 32 8.32 2.03 -5.75
CA VAL A 32 9.32 1.11 -6.28
C VAL A 32 10.70 1.77 -6.31
N SER A 33 10.73 3.06 -6.60
CA SER A 33 11.95 3.81 -6.65
C SER A 33 12.60 3.90 -5.26
N PHE A 34 11.76 4.13 -4.24
CA PHE A 34 12.23 4.18 -2.86
C PHE A 34 12.81 2.84 -2.45
N ALA A 35 12.18 1.78 -2.93
CA ALA A 35 12.64 0.44 -2.66
C ALA A 35 14.00 0.20 -3.32
N ILE A 36 14.12 0.59 -4.59
CA ILE A 36 15.36 0.43 -5.37
C ILE A 36 16.52 1.19 -4.70
N LYS A 37 16.29 2.45 -4.37
CA LYS A 37 17.34 3.30 -3.81
C LYS A 37 17.80 2.83 -2.42
N SER A 38 16.94 2.13 -1.71
CA SER A 38 17.25 1.67 -0.38
C SER A 38 17.72 0.18 -0.39
N GLY A 39 17.48 -0.50 -1.49
CA GLY A 39 17.86 -1.90 -1.59
C GLY A 39 16.83 -2.83 -0.96
N ILE A 40 15.59 -2.46 -1.08
CA ILE A 40 14.48 -3.23 -0.51
C ILE A 40 13.98 -4.21 -1.58
N ASP A 41 13.52 -5.40 -1.16
CA ASP A 41 13.03 -6.37 -2.11
C ASP A 41 11.60 -6.06 -2.54
N ILE A 42 11.52 -5.28 -3.57
CA ILE A 42 10.26 -4.92 -4.21
C ILE A 42 9.95 -5.97 -5.27
N ASP A 43 11.01 -6.67 -5.65
CA ASP A 43 11.02 -7.70 -6.65
C ASP A 43 10.04 -8.78 -6.28
N SER A 44 10.13 -9.23 -5.03
CA SER A 44 9.30 -10.28 -4.47
C SER A 44 7.81 -9.90 -4.53
N ALA A 45 7.54 -8.60 -4.43
CA ALA A 45 6.20 -8.09 -4.43
C ALA A 45 5.63 -8.14 -5.82
N LEU A 46 6.36 -7.56 -6.75
CA LEU A 46 5.97 -7.50 -8.14
C LEU A 46 5.78 -8.92 -8.69
N ASP A 47 6.66 -9.79 -8.26
CA ASP A 47 6.65 -11.22 -8.61
C ASP A 47 5.33 -11.90 -8.24
N ARG A 48 4.77 -11.56 -7.08
CA ARG A 48 3.52 -12.18 -6.63
C ARG A 48 2.28 -11.55 -7.22
N GLY A 49 2.45 -10.43 -7.87
CA GLY A 49 1.32 -9.86 -8.57
C GLY A 49 1.01 -8.45 -8.18
N VAL A 50 1.94 -7.78 -7.51
CA VAL A 50 1.75 -6.40 -7.19
C VAL A 50 2.04 -5.57 -8.43
N ILE A 51 1.09 -4.78 -8.84
CA ILE A 51 1.24 -3.99 -10.04
C ILE A 51 1.70 -2.59 -9.70
N VAL A 52 2.53 -2.05 -10.55
CA VAL A 52 3.05 -0.72 -10.37
C VAL A 52 2.09 0.28 -10.99
N ARG A 53 1.83 1.37 -10.32
CA ARG A 53 1.00 2.38 -10.88
C ARG A 53 1.70 3.72 -10.83
N ALA A 54 1.79 4.36 -11.97
CA ALA A 54 2.38 5.65 -12.07
C ALA A 54 1.30 6.70 -12.02
N PHE A 55 1.31 7.50 -10.99
CA PHE A 55 0.34 8.58 -10.88
C PHE A 55 0.70 9.63 -11.93
N SER A 56 -0.29 10.24 -12.56
CA SER A 56 -0.02 11.12 -13.68
C SER A 56 0.70 12.41 -13.27
N HIS A 57 0.10 13.24 -12.37
CA HIS A 57 0.76 14.51 -11.91
C HIS A 57 -0.13 15.36 -10.97
N LYS A 58 0.16 15.27 -9.70
CA LYS A 58 -0.41 16.14 -8.68
C LYS A 58 0.70 16.55 -7.74
N PRO A 59 0.68 17.80 -7.25
CA PRO A 59 1.58 18.22 -6.18
C PRO A 59 1.24 17.41 -4.91
N PRO A 60 2.26 17.00 -4.12
CA PRO A 60 2.04 16.14 -2.95
C PRO A 60 1.09 16.74 -1.91
N LYS A 61 0.14 15.94 -1.50
CA LYS A 61 -0.83 16.32 -0.51
C LYS A 61 -0.51 15.48 0.71
N VAL A 62 -0.01 16.13 1.75
CA VAL A 62 0.56 15.41 2.89
C VAL A 62 0.35 16.17 4.19
N GLY A 63 0.49 15.49 5.31
CA GLY A 63 0.55 16.16 6.57
C GLY A 63 2.01 16.45 6.87
N ASN A 64 2.77 15.39 7.09
CA ASN A 64 4.24 15.48 7.28
C ASN A 64 4.94 14.50 6.32
N LEU A 65 4.13 13.76 5.62
CA LEU A 65 4.57 12.71 4.71
C LEU A 65 5.48 13.21 3.59
N PRO A 66 6.47 12.41 3.19
CA PRO A 66 7.27 12.68 2.02
C PRO A 66 6.47 12.37 0.72
N GLN A 67 6.97 12.83 -0.41
CA GLN A 67 6.28 12.65 -1.70
C GLN A 67 5.98 11.19 -2.07
N TYR A 68 6.87 10.27 -1.75
CA TYR A 68 6.63 8.86 -2.04
C TYR A 68 5.41 8.27 -1.32
N GLU A 69 5.18 8.68 -0.07
CA GLU A 69 4.02 8.20 0.68
C GLU A 69 2.76 8.82 0.09
N SER A 70 2.90 10.07 -0.33
CA SER A 70 1.79 10.83 -0.89
C SER A 70 1.26 10.16 -2.17
N GLU A 71 2.19 9.69 -3.03
CA GLU A 71 1.79 9.04 -4.27
C GLU A 71 0.97 7.78 -3.97
N ALA A 72 1.36 7.07 -2.92
CA ALA A 72 0.64 5.88 -2.50
C ALA A 72 -0.80 6.23 -2.13
N ILE A 73 -0.95 7.27 -1.31
CA ILE A 73 -2.28 7.75 -0.92
C ILE A 73 -3.07 8.23 -2.15
N MET A 74 -2.42 8.97 -3.03
CA MET A 74 -3.06 9.51 -4.23
C MET A 74 -3.64 8.42 -5.12
N VAL A 75 -2.87 7.38 -5.36
CA VAL A 75 -3.34 6.26 -6.18
C VAL A 75 -4.50 5.54 -5.46
N ALA A 76 -4.37 5.40 -4.15
CA ALA A 76 -5.40 4.77 -3.35
C ALA A 76 -6.66 5.63 -3.30
N PHE A 77 -6.49 6.92 -3.46
CA PHE A 77 -7.59 7.87 -3.50
C PHE A 77 -8.32 7.79 -4.83
N GLU A 78 -7.57 7.57 -5.89
CA GLU A 78 -8.13 7.43 -7.22
C GLU A 78 -8.93 6.17 -7.37
N LEU A 79 -8.39 5.11 -6.86
CA LEU A 79 -9.01 3.81 -6.98
C LEU A 79 -10.03 3.57 -5.86
N ASN A 80 -9.90 4.34 -4.79
CA ASN A 80 -10.65 4.14 -3.54
C ASN A 80 -10.33 2.74 -3.08
N ALA A 81 -9.11 2.61 -2.72
CA ALA A 81 -8.51 1.36 -2.42
C ALA A 81 -8.21 1.20 -0.96
N LEU A 82 -7.68 0.08 -0.63
CA LEU A 82 -7.25 -0.25 0.68
C LEU A 82 -5.81 0.19 0.73
N LEU A 83 -5.45 0.98 1.69
CA LEU A 83 -4.11 1.47 1.76
C LEU A 83 -3.38 0.80 2.90
N ILE A 84 -2.31 0.13 2.59
CA ILE A 84 -1.52 -0.57 3.58
C ILE A 84 -0.39 0.36 3.99
N ALA A 85 -0.43 0.83 5.23
CA ALA A 85 0.54 1.78 5.69
C ALA A 85 0.88 1.55 7.15
N GLU A 86 2.15 1.69 7.46
CA GLU A 86 2.62 1.55 8.84
C GLU A 86 2.75 2.91 9.52
N ASP A 87 2.90 3.96 8.73
CA ASP A 87 3.12 5.28 9.31
C ASP A 87 1.79 5.93 9.59
N LYS A 88 1.68 6.49 10.79
CA LYS A 88 0.45 7.11 11.28
C LYS A 88 -0.12 8.13 10.31
N ASP A 89 0.74 9.03 9.80
CA ASP A 89 0.26 10.18 9.02
C ASP A 89 -0.29 9.75 7.69
N VAL A 90 0.21 8.63 7.17
CA VAL A 90 -0.29 8.07 5.92
C VAL A 90 -1.72 7.61 6.16
N ILE A 91 -1.89 6.90 7.27
CA ILE A 91 -3.15 6.35 7.66
C ILE A 91 -4.18 7.45 7.89
N ASN A 92 -3.83 8.47 8.67
CA ASN A 92 -4.77 9.54 8.97
C ASN A 92 -5.04 10.41 7.77
N LYS A 93 -4.03 10.67 6.96
CA LYS A 93 -4.23 11.52 5.81
C LYS A 93 -5.16 10.85 4.80
N ALA A 94 -4.99 9.55 4.61
CA ALA A 94 -5.85 8.78 3.73
C ALA A 94 -7.25 8.70 4.33
N LYS A 95 -7.31 8.59 5.65
CA LYS A 95 -8.56 8.53 6.42
C LYS A 95 -9.38 9.82 6.15
N GLU A 96 -8.68 10.96 6.11
CA GLU A 96 -9.26 12.28 5.81
C GLU A 96 -9.83 12.30 4.39
N LEU A 97 -9.16 11.62 3.50
CA LEU A 97 -9.52 11.62 2.11
C LEU A 97 -10.59 10.57 1.80
N GLY A 98 -10.93 9.76 2.78
CA GLY A 98 -11.97 8.77 2.59
C GLY A 98 -11.43 7.46 2.09
N VAL A 99 -10.17 7.24 2.30
CA VAL A 99 -9.50 6.04 1.87
C VAL A 99 -9.24 5.18 3.10
N ASN A 100 -9.47 3.89 3.00
CA ASN A 100 -9.25 3.02 4.14
C ASN A 100 -7.81 2.60 4.24
N ALA A 101 -7.09 3.32 5.03
CA ALA A 101 -5.72 3.02 5.30
C ALA A 101 -5.62 2.28 6.61
N ILE A 102 -4.91 1.19 6.62
CA ILE A 102 -4.75 0.37 7.81
C ILE A 102 -3.30 -0.08 7.96
N PRO A 103 -2.86 -0.39 9.19
CA PRO A 103 -1.53 -0.94 9.42
C PRO A 103 -1.45 -2.39 8.92
N ILE A 104 -0.23 -2.87 8.73
CA ILE A 104 0.04 -4.21 8.22
C ILE A 104 -0.66 -5.31 9.01
N GLU A 105 -0.72 -5.15 10.33
CA GLU A 105 -1.35 -6.16 11.18
C GLU A 105 -2.83 -6.29 10.86
N GLU A 106 -3.47 -5.20 10.49
CA GLU A 106 -4.88 -5.26 10.16
C GLU A 106 -5.09 -5.92 8.83
N LEU A 107 -4.13 -5.77 7.93
CA LEU A 107 -4.18 -6.42 6.63
C LEU A 107 -4.07 -7.93 6.88
N LEU A 108 -3.23 -8.31 7.84
CA LEU A 108 -3.07 -9.69 8.24
C LEU A 108 -4.35 -10.20 8.91
N ALA A 109 -4.93 -9.38 9.76
CA ALA A 109 -6.16 -9.72 10.47
C ALA A 109 -7.36 -9.81 9.53
N SER A 110 -7.25 -9.16 8.37
CA SER A 110 -8.32 -9.20 7.37
C SER A 110 -8.30 -10.53 6.62
N SER A 111 -7.24 -11.27 6.82
CA SER A 111 -7.14 -12.60 6.31
C SER A 111 -7.75 -13.50 7.37
N LEU A 112 -8.28 -14.63 7.02
CA LEU A 112 -8.81 -15.46 8.06
C LEU A 112 -7.71 -16.29 8.68
N GLU A 113 -7.07 -15.69 9.68
CA GLU A 113 -6.05 -16.33 10.48
C GLU A 113 -6.74 -17.45 11.21
N HIS A 114 -7.84 -17.09 11.80
CA HIS A 114 -8.64 -18.03 12.52
C HIS A 114 -9.73 -18.59 11.62
N HIS A 115 -9.73 -19.89 11.47
CA HIS A 115 -10.76 -20.56 10.68
C HIS A 115 -11.86 -21.03 11.59
N HIS A 116 -11.55 -21.05 12.86
CA HIS A 116 -12.46 -21.36 13.93
C HIS A 116 -12.11 -20.45 15.07
N HIS A 117 -12.74 -20.61 16.20
CA HIS A 117 -12.48 -19.72 17.30
C HIS A 117 -11.15 -20.07 17.97
N HIS A 118 -10.16 -19.27 17.71
CA HIS A 118 -8.83 -19.46 18.26
C HIS A 118 -8.78 -18.89 19.66
N HIS A 119 -8.58 -19.73 20.63
CA HIS A 119 -8.51 -19.27 21.99
C HIS A 119 -7.09 -19.42 22.50
N MET A 1 -10.71 -5.99 -5.14
CA MET A 1 -10.42 -4.64 -4.69
C MET A 1 -8.93 -4.45 -4.74
N PHE A 2 -8.48 -3.24 -5.02
CA PHE A 2 -7.08 -2.95 -5.09
C PHE A 2 -6.58 -2.59 -3.71
N ALA A 3 -5.37 -2.95 -3.44
CA ALA A 3 -4.72 -2.62 -2.22
C ALA A 3 -3.41 -1.94 -2.56
N VAL A 4 -3.34 -0.68 -2.28
CA VAL A 4 -2.17 0.09 -2.61
C VAL A 4 -1.21 0.07 -1.43
N ILE A 5 -0.01 -0.32 -1.71
CA ILE A 5 1.01 -0.43 -0.71
C ILE A 5 1.79 0.86 -0.67
N SER A 6 1.89 1.45 0.49
CA SER A 6 2.70 2.63 0.65
C SER A 6 4.11 2.19 1.01
N PRO A 7 5.15 3.00 0.68
CA PRO A 7 6.55 2.74 1.08
C PRO A 7 6.67 2.48 2.60
N SER A 8 5.75 3.06 3.33
CA SER A 8 5.56 2.85 4.76
C SER A 8 5.47 1.35 5.10
N ALA A 9 4.84 0.58 4.23
CA ALA A 9 4.58 -0.83 4.47
C ALA A 9 5.73 -1.70 3.94
N PHE A 10 6.78 -1.08 3.50
CA PHE A 10 7.93 -1.80 3.04
C PHE A 10 8.77 -2.30 4.19
N GLY A 11 9.14 -3.53 4.09
CA GLY A 11 9.91 -4.22 5.10
C GLY A 11 9.11 -5.37 5.64
N LYS A 12 7.81 -5.15 5.75
CA LYS A 12 6.87 -6.20 6.11
C LYS A 12 6.03 -6.51 4.88
N LEU A 13 6.53 -6.04 3.75
CA LEU A 13 5.98 -6.21 2.43
C LEU A 13 5.71 -7.68 2.13
N LYS A 14 6.63 -8.53 2.57
CA LYS A 14 6.54 -9.96 2.36
C LYS A 14 5.34 -10.54 3.08
N GLU A 15 5.04 -10.00 4.27
CA GLU A 15 3.94 -10.48 5.09
C GLU A 15 2.61 -10.16 4.44
N ILE A 16 2.39 -8.90 4.10
CA ILE A 16 1.11 -8.48 3.52
C ILE A 16 0.82 -9.19 2.21
N LEU A 17 1.84 -9.32 1.41
CA LEU A 17 1.73 -9.91 0.12
C LEU A 17 1.45 -11.42 0.21
N GLY A 18 2.30 -12.14 0.92
CA GLY A 18 2.19 -13.57 0.93
C GLY A 18 1.22 -14.12 1.96
N SER A 19 1.14 -13.48 3.09
CA SER A 19 0.32 -14.02 4.16
C SER A 19 -1.14 -13.62 4.01
N ASN A 20 -1.41 -12.50 3.35
CA ASN A 20 -2.79 -12.09 3.18
C ASN A 20 -3.33 -12.50 1.83
N LYS A 21 -2.70 -12.02 0.73
CA LYS A 21 -3.25 -12.18 -0.61
C LYS A 21 -4.65 -11.50 -0.62
N ASN A 22 -5.63 -12.10 -1.32
CA ASN A 22 -7.07 -11.63 -1.35
C ASN A 22 -7.29 -10.32 -2.09
N TYR A 23 -6.26 -9.58 -2.36
CA TYR A 23 -6.37 -8.28 -2.96
C TYR A 23 -5.35 -8.13 -4.05
N LYS A 24 -5.56 -7.18 -4.91
CA LYS A 24 -4.61 -6.87 -5.92
C LYS A 24 -3.72 -5.77 -5.41
N PHE A 25 -2.51 -6.13 -5.11
CA PHE A 25 -1.58 -5.21 -4.54
C PHE A 25 -0.99 -4.30 -5.61
N VAL A 26 -1.11 -3.02 -5.37
CA VAL A 26 -0.64 -2.02 -6.27
C VAL A 26 0.45 -1.21 -5.60
N ILE A 27 1.51 -0.96 -6.31
CA ILE A 27 2.59 -0.15 -5.83
C ILE A 27 2.75 1.02 -6.80
N THR A 28 3.26 2.12 -6.32
CA THR A 28 3.39 3.30 -7.12
C THR A 28 4.81 3.43 -7.70
N THR A 29 5.01 4.45 -8.51
CA THR A 29 6.27 4.73 -9.15
C THR A 29 7.35 5.12 -8.13
N LEU A 30 7.00 5.94 -7.19
CA LEU A 30 7.92 6.35 -6.17
C LEU A 30 8.10 5.19 -5.18
N GLY A 31 7.09 4.35 -5.12
CA GLY A 31 7.13 3.17 -4.28
C GLY A 31 8.18 2.19 -4.75
N VAL A 32 8.18 1.89 -6.04
CA VAL A 32 9.19 0.99 -6.61
C VAL A 32 10.57 1.64 -6.56
N SER A 33 10.62 2.97 -6.69
CA SER A 33 11.87 3.70 -6.60
C SER A 33 12.44 3.58 -5.18
N PHE A 34 11.55 3.67 -4.19
CA PHE A 34 11.90 3.53 -2.78
C PHE A 34 12.51 2.16 -2.53
N ALA A 35 11.90 1.15 -3.10
CA ALA A 35 12.35 -0.21 -2.98
C ALA A 35 13.75 -0.39 -3.56
N ILE A 36 13.98 0.22 -4.71
CA ILE A 36 15.28 0.14 -5.39
C ILE A 36 16.38 0.79 -4.55
N LYS A 37 16.12 1.99 -4.07
CA LYS A 37 17.14 2.74 -3.32
C LYS A 37 17.38 2.14 -1.94
N SER A 38 16.37 1.53 -1.37
CA SER A 38 16.49 0.94 -0.06
C SER A 38 17.07 -0.49 -0.19
N GLY A 39 16.82 -1.13 -1.31
CA GLY A 39 17.34 -2.46 -1.54
C GLY A 39 16.37 -3.53 -1.11
N ILE A 40 15.11 -3.25 -1.29
CA ILE A 40 14.05 -4.15 -0.91
C ILE A 40 13.63 -4.94 -2.13
N ASP A 41 13.17 -6.18 -1.91
CA ASP A 41 12.74 -7.06 -3.01
C ASP A 41 11.45 -6.59 -3.62
N ILE A 42 11.54 -5.72 -4.59
CA ILE A 42 10.36 -5.26 -5.28
C ILE A 42 10.04 -6.23 -6.41
N ASP A 43 11.09 -6.90 -6.90
CA ASP A 43 10.95 -7.87 -7.97
C ASP A 43 10.06 -9.02 -7.55
N SER A 44 10.30 -9.52 -6.34
CA SER A 44 9.53 -10.61 -5.78
C SER A 44 8.08 -10.16 -5.52
N ALA A 45 7.89 -8.88 -5.24
CA ALA A 45 6.57 -8.33 -5.02
C ALA A 45 5.80 -8.37 -6.34
N LEU A 46 6.43 -7.83 -7.38
CA LEU A 46 5.84 -7.80 -8.72
C LEU A 46 5.55 -9.22 -9.20
N ASP A 47 6.47 -10.12 -8.89
CA ASP A 47 6.37 -11.55 -9.24
C ASP A 47 5.16 -12.21 -8.58
N ARG A 48 4.87 -11.84 -7.35
CA ARG A 48 3.77 -12.46 -6.62
C ARG A 48 2.43 -11.78 -6.85
N GLY A 49 2.43 -10.77 -7.71
CA GLY A 49 1.18 -10.20 -8.13
C GLY A 49 1.05 -8.71 -7.94
N VAL A 50 2.05 -8.07 -7.37
CA VAL A 50 2.00 -6.63 -7.19
C VAL A 50 2.17 -5.93 -8.54
N ILE A 51 1.33 -4.99 -8.82
CA ILE A 51 1.40 -4.23 -10.04
C ILE A 51 1.81 -2.80 -9.77
N VAL A 52 2.59 -2.24 -10.63
CA VAL A 52 3.04 -0.89 -10.45
C VAL A 52 2.20 0.08 -11.27
N ARG A 53 1.52 0.94 -10.59
CA ARG A 53 0.71 1.90 -11.25
C ARG A 53 1.22 3.25 -10.89
N ALA A 54 1.50 4.03 -11.88
CA ALA A 54 2.06 5.31 -11.71
C ALA A 54 0.99 6.34 -11.60
N PHE A 55 1.28 7.38 -10.88
CA PHE A 55 0.37 8.48 -10.78
C PHE A 55 0.59 9.32 -12.02
N SER A 56 -0.39 9.29 -12.90
CA SER A 56 -0.33 9.92 -14.22
C SER A 56 -0.44 11.46 -14.17
N HIS A 57 -0.38 12.01 -13.00
CA HIS A 57 -0.44 13.45 -12.80
C HIS A 57 0.80 13.85 -12.08
N LYS A 58 1.00 15.13 -11.85
CA LYS A 58 2.14 15.60 -11.10
C LYS A 58 1.97 15.18 -9.63
N PRO A 59 2.86 14.31 -9.10
CA PRO A 59 2.76 13.87 -7.72
C PRO A 59 2.97 15.04 -6.75
N PRO A 60 2.02 15.28 -5.87
CA PRO A 60 2.11 16.36 -4.93
C PRO A 60 2.89 16.00 -3.68
N LYS A 61 3.29 16.99 -2.94
CA LYS A 61 3.94 16.77 -1.70
C LYS A 61 2.99 17.24 -0.61
N VAL A 62 2.64 16.38 0.28
CA VAL A 62 1.87 16.80 1.42
C VAL A 62 2.85 17.39 2.40
N GLY A 63 2.64 18.62 2.80
CA GLY A 63 3.57 19.30 3.69
C GLY A 63 3.50 18.77 5.11
N ASN A 64 3.91 17.52 5.27
CA ASN A 64 3.89 16.77 6.50
C ASN A 64 4.35 15.34 6.21
N LEU A 65 3.89 14.82 5.09
CA LEU A 65 4.17 13.45 4.71
C LEU A 65 5.16 13.41 3.56
N PRO A 66 5.99 12.37 3.47
CA PRO A 66 6.91 12.20 2.34
C PRO A 66 6.13 12.02 1.03
N GLN A 67 6.68 12.54 -0.06
CA GLN A 67 6.02 12.50 -1.36
C GLN A 67 5.76 11.05 -1.81
N TYR A 68 6.68 10.14 -1.52
CA TYR A 68 6.47 8.74 -1.91
C TYR A 68 5.27 8.11 -1.19
N GLU A 69 5.03 8.52 0.05
CA GLU A 69 3.87 8.04 0.80
C GLU A 69 2.63 8.74 0.21
N SER A 70 2.82 10.00 -0.15
CA SER A 70 1.76 10.83 -0.71
C SER A 70 1.27 10.29 -2.05
N GLU A 71 2.19 9.81 -2.90
CA GLU A 71 1.81 9.23 -4.20
C GLU A 71 0.96 8.00 -3.97
N ALA A 72 1.33 7.19 -2.99
CA ALA A 72 0.59 5.99 -2.64
C ALA A 72 -0.82 6.35 -2.21
N ILE A 73 -0.93 7.38 -1.37
CA ILE A 73 -2.23 7.90 -0.93
C ILE A 73 -3.04 8.37 -2.15
N MET A 74 -2.40 9.11 -3.04
CA MET A 74 -3.06 9.65 -4.23
C MET A 74 -3.62 8.56 -5.12
N VAL A 75 -2.82 7.55 -5.40
CA VAL A 75 -3.27 6.45 -6.24
C VAL A 75 -4.38 5.66 -5.55
N ALA A 76 -4.25 5.49 -4.24
CA ALA A 76 -5.27 4.81 -3.45
C ALA A 76 -6.56 5.61 -3.40
N PHE A 77 -6.44 6.91 -3.48
CA PHE A 77 -7.57 7.82 -3.48
C PHE A 77 -8.21 7.88 -4.87
N GLU A 78 -7.38 7.77 -5.89
CA GLU A 78 -7.83 7.80 -7.27
C GLU A 78 -8.61 6.51 -7.57
N LEU A 79 -8.07 5.38 -7.15
CA LEU A 79 -8.71 4.08 -7.35
C LEU A 79 -9.80 3.85 -6.30
N ASN A 80 -9.68 4.59 -5.19
CA ASN A 80 -10.49 4.41 -3.98
C ASN A 80 -10.31 2.98 -3.53
N ALA A 81 -9.09 2.70 -3.17
CA ALA A 81 -8.63 1.38 -2.86
C ALA A 81 -8.33 1.23 -1.39
N LEU A 82 -7.84 0.08 -1.04
CA LEU A 82 -7.46 -0.27 0.30
C LEU A 82 -6.02 0.19 0.43
N LEU A 83 -5.70 0.97 1.43
CA LEU A 83 -4.35 1.47 1.55
C LEU A 83 -3.64 0.79 2.70
N ILE A 84 -2.49 0.25 2.42
CA ILE A 84 -1.71 -0.44 3.41
C ILE A 84 -0.52 0.43 3.80
N ALA A 85 -0.49 0.88 5.02
CA ALA A 85 0.58 1.73 5.50
C ALA A 85 0.83 1.46 6.96
N GLU A 86 2.01 1.73 7.43
CA GLU A 86 2.36 1.53 8.81
C GLU A 86 2.35 2.83 9.58
N ASP A 87 2.74 3.89 8.90
CA ASP A 87 2.82 5.20 9.51
C ASP A 87 1.43 5.70 9.79
N LYS A 88 1.17 5.94 11.05
CA LYS A 88 -0.16 6.28 11.50
C LYS A 88 -0.54 7.70 11.15
N ASP A 89 0.44 8.50 10.82
CA ASP A 89 0.19 9.86 10.42
C ASP A 89 -0.23 9.87 8.95
N VAL A 90 0.45 9.01 8.16
CA VAL A 90 0.09 8.74 6.76
C VAL A 90 -1.34 8.19 6.70
N ILE A 91 -1.60 7.14 7.51
CA ILE A 91 -2.93 6.50 7.60
C ILE A 91 -3.99 7.54 7.93
N ASN A 92 -3.68 8.40 8.89
CA ASN A 92 -4.57 9.46 9.33
C ASN A 92 -5.02 10.34 8.17
N LYS A 93 -4.08 10.84 7.39
CA LYS A 93 -4.36 11.74 6.28
C LYS A 93 -5.19 11.04 5.21
N ALA A 94 -4.82 9.81 4.91
CA ALA A 94 -5.51 9.04 3.90
C ALA A 94 -6.95 8.78 4.30
N LYS A 95 -7.17 8.51 5.57
CA LYS A 95 -8.49 8.23 6.06
C LYS A 95 -9.35 9.50 6.07
N GLU A 96 -8.70 10.67 6.22
CA GLU A 96 -9.41 11.96 6.16
C GLU A 96 -9.90 12.21 4.75
N LEU A 97 -9.18 11.67 3.78
CA LEU A 97 -9.54 11.81 2.38
C LEU A 97 -10.62 10.81 1.99
N GLY A 98 -10.86 9.85 2.87
CA GLY A 98 -11.88 8.87 2.63
C GLY A 98 -11.32 7.56 2.12
N VAL A 99 -10.03 7.38 2.25
CA VAL A 99 -9.40 6.16 1.82
C VAL A 99 -9.38 5.20 3.00
N ASN A 100 -9.60 3.94 2.77
CA ASN A 100 -9.55 2.98 3.84
C ASN A 100 -8.13 2.50 4.02
N ALA A 101 -7.43 3.20 4.87
CA ALA A 101 -6.05 2.90 5.17
C ALA A 101 -5.97 2.22 6.51
N ILE A 102 -5.23 1.15 6.56
CA ILE A 102 -5.05 0.38 7.77
C ILE A 102 -3.61 -0.12 7.89
N PRO A 103 -3.14 -0.45 9.11
CA PRO A 103 -1.80 -1.01 9.32
C PRO A 103 -1.67 -2.45 8.79
N ILE A 104 -0.45 -2.89 8.67
CA ILE A 104 -0.10 -4.19 8.11
C ILE A 104 -0.73 -5.36 8.84
N GLU A 105 -0.65 -5.36 10.13
CA GLU A 105 -1.15 -6.47 10.89
C GLU A 105 -2.68 -6.50 11.00
N GLU A 106 -3.32 -5.37 10.70
CA GLU A 106 -4.77 -5.32 10.54
C GLU A 106 -5.13 -5.85 9.17
N LEU A 107 -4.27 -5.55 8.20
CA LEU A 107 -4.39 -6.03 6.83
C LEU A 107 -4.35 -7.57 6.84
N LEU A 108 -3.42 -8.11 7.62
CA LEU A 108 -3.31 -9.56 7.78
C LEU A 108 -4.55 -10.13 8.49
N ALA A 109 -5.11 -9.35 9.40
CA ALA A 109 -6.30 -9.75 10.15
C ALA A 109 -7.56 -9.61 9.30
N SER A 110 -7.39 -9.07 8.11
CA SER A 110 -8.49 -8.94 7.20
C SER A 110 -8.71 -10.24 6.40
N SER A 111 -7.82 -11.20 6.60
CA SER A 111 -7.96 -12.51 5.99
C SER A 111 -8.22 -13.51 7.09
N LEU A 112 -9.42 -14.00 7.16
CA LEU A 112 -9.78 -14.97 8.18
C LEU A 112 -10.74 -16.02 7.67
N GLU A 113 -11.36 -15.72 6.56
CA GLU A 113 -12.30 -16.61 5.93
C GLU A 113 -11.61 -17.32 4.77
N HIS A 114 -10.47 -16.79 4.37
CA HIS A 114 -9.73 -17.35 3.26
C HIS A 114 -8.92 -18.55 3.72
N HIS A 115 -9.55 -19.70 3.75
CA HIS A 115 -8.88 -20.95 4.09
C HIS A 115 -9.29 -22.00 3.10
N HIS A 116 -10.56 -22.34 3.09
CA HIS A 116 -11.12 -23.27 2.11
C HIS A 116 -12.19 -22.53 1.32
N HIS A 117 -12.11 -21.24 1.41
CA HIS A 117 -13.08 -20.35 0.82
C HIS A 117 -12.31 -19.32 0.01
N HIS A 118 -12.77 -19.02 -1.18
CA HIS A 118 -12.10 -18.04 -2.03
C HIS A 118 -13.00 -16.86 -2.34
N HIS A 119 -14.17 -17.16 -2.82
CA HIS A 119 -15.15 -16.14 -3.13
C HIS A 119 -16.13 -16.07 -1.99
N MET A 1 -10.97 -5.66 -4.69
CA MET A 1 -10.63 -4.30 -4.29
C MET A 1 -9.14 -4.11 -4.53
N PHE A 2 -8.72 -2.89 -4.80
CA PHE A 2 -7.32 -2.60 -5.01
C PHE A 2 -6.69 -2.31 -3.67
N ALA A 3 -5.45 -2.66 -3.52
CA ALA A 3 -4.74 -2.41 -2.30
C ALA A 3 -3.40 -1.79 -2.64
N VAL A 4 -3.25 -0.55 -2.31
CA VAL A 4 -2.05 0.16 -2.59
C VAL A 4 -1.16 0.08 -1.38
N ILE A 5 0.07 -0.23 -1.60
CA ILE A 5 1.01 -0.34 -0.54
C ILE A 5 1.76 0.98 -0.38
N SER A 6 1.82 1.47 0.82
CA SER A 6 2.54 2.67 1.10
C SER A 6 4.00 2.29 1.37
N PRO A 7 4.97 3.14 0.96
CA PRO A 7 6.41 2.93 1.22
C PRO A 7 6.76 2.68 2.70
N SER A 8 5.84 3.03 3.60
CA SER A 8 6.04 2.80 5.02
C SER A 8 5.86 1.30 5.35
N ALA A 9 5.18 0.57 4.48
CA ALA A 9 4.87 -0.83 4.69
C ALA A 9 5.88 -1.74 3.98
N PHE A 10 6.97 -1.15 3.52
CA PHE A 10 8.00 -1.91 2.83
C PHE A 10 8.81 -2.80 3.74
N GLY A 11 9.35 -3.86 3.16
CA GLY A 11 10.11 -4.85 3.90
C GLY A 11 9.20 -5.90 4.51
N LYS A 12 8.03 -5.45 4.90
CA LYS A 12 6.99 -6.25 5.50
C LYS A 12 6.04 -6.78 4.43
N LEU A 13 6.36 -6.43 3.19
CA LEU A 13 5.58 -6.77 1.99
C LEU A 13 5.26 -8.25 1.91
N LYS A 14 6.23 -9.05 2.28
CA LYS A 14 6.15 -10.50 2.17
C LYS A 14 5.09 -11.08 3.10
N GLU A 15 4.91 -10.45 4.26
CA GLU A 15 3.93 -10.92 5.22
C GLU A 15 2.53 -10.65 4.75
N ILE A 16 2.28 -9.42 4.31
CA ILE A 16 0.94 -9.02 3.87
C ILE A 16 0.54 -9.71 2.57
N LEU A 17 1.46 -9.79 1.64
CA LEU A 17 1.20 -10.37 0.35
C LEU A 17 1.04 -11.88 0.48
N GLY A 18 1.97 -12.51 1.17
CA GLY A 18 1.97 -13.96 1.30
C GLY A 18 0.84 -14.51 2.14
N SER A 19 0.41 -13.78 3.13
CA SER A 19 -0.62 -14.30 4.02
C SER A 19 -2.03 -13.94 3.56
N ASN A 20 -2.16 -13.00 2.64
CA ASN A 20 -3.50 -12.53 2.32
C ASN A 20 -3.96 -12.83 0.91
N LYS A 21 -3.21 -12.32 -0.09
CA LYS A 21 -3.66 -12.33 -1.50
C LYS A 21 -5.05 -11.62 -1.58
N ASN A 22 -5.85 -11.95 -2.60
CA ASN A 22 -7.29 -11.52 -2.72
C ASN A 22 -7.52 -10.03 -3.00
N TYR A 23 -6.52 -9.24 -2.85
CA TYR A 23 -6.58 -7.84 -3.18
C TYR A 23 -5.69 -7.59 -4.35
N LYS A 24 -6.03 -6.65 -5.18
CA LYS A 24 -5.19 -6.31 -6.28
C LYS A 24 -4.18 -5.31 -5.77
N PHE A 25 -3.03 -5.81 -5.41
CA PHE A 25 -1.99 -4.99 -4.83
C PHE A 25 -1.33 -4.12 -5.88
N VAL A 26 -1.24 -2.85 -5.57
CA VAL A 26 -0.70 -1.85 -6.44
C VAL A 26 0.38 -1.07 -5.68
N ILE A 27 1.46 -0.79 -6.34
CA ILE A 27 2.52 0.01 -5.79
C ILE A 27 2.75 1.19 -6.73
N THR A 28 3.36 2.22 -6.26
CA THR A 28 3.61 3.39 -7.03
C THR A 28 5.04 3.41 -7.56
N THR A 29 5.29 4.28 -8.53
CA THR A 29 6.60 4.46 -9.08
C THR A 29 7.58 5.00 -8.05
N LEU A 30 7.11 5.88 -7.19
CA LEU A 30 7.95 6.40 -6.13
C LEU A 30 8.13 5.34 -5.04
N GLY A 31 7.24 4.37 -5.04
CA GLY A 31 7.32 3.26 -4.14
C GLY A 31 8.40 2.28 -4.56
N VAL A 32 8.42 1.97 -5.86
CA VAL A 32 9.42 1.04 -6.39
C VAL A 32 10.83 1.62 -6.29
N SER A 33 10.96 2.93 -6.50
CA SER A 33 12.25 3.56 -6.41
C SER A 33 12.71 3.64 -4.97
N PHE A 34 11.75 3.78 -4.05
CA PHE A 34 12.02 3.78 -2.61
C PHE A 34 12.66 2.44 -2.24
N ALA A 35 12.13 1.38 -2.80
CA ALA A 35 12.67 0.05 -2.58
C ALA A 35 14.06 -0.05 -3.16
N ILE A 36 14.24 0.40 -4.38
CA ILE A 36 15.53 0.36 -5.06
C ILE A 36 16.61 1.15 -4.28
N LYS A 37 16.27 2.34 -3.83
CA LYS A 37 17.25 3.20 -3.14
C LYS A 37 17.57 2.68 -1.73
N SER A 38 16.64 1.96 -1.13
CA SER A 38 16.85 1.47 0.22
C SER A 38 17.19 -0.04 0.23
N GLY A 39 17.33 -0.64 -0.95
CA GLY A 39 17.71 -2.05 -1.06
C GLY A 39 16.63 -3.01 -0.57
N ILE A 40 15.39 -2.67 -0.86
CA ILE A 40 14.25 -3.47 -0.44
C ILE A 40 13.77 -4.28 -1.65
N ASP A 41 13.10 -5.40 -1.43
CA ASP A 41 12.63 -6.25 -2.52
C ASP A 41 11.37 -5.66 -3.11
N ILE A 42 11.34 -5.52 -4.42
CA ILE A 42 10.18 -4.97 -5.06
C ILE A 42 9.69 -5.87 -6.21
N ASP A 43 10.62 -6.42 -6.99
CA ASP A 43 10.25 -7.29 -8.12
C ASP A 43 9.64 -8.56 -7.63
N SER A 44 10.05 -9.00 -6.47
CA SER A 44 9.51 -10.16 -5.81
C SER A 44 7.99 -9.98 -5.60
N ALA A 45 7.60 -8.77 -5.21
CA ALA A 45 6.22 -8.45 -4.97
C ALA A 45 5.47 -8.36 -6.29
N LEU A 46 6.08 -7.67 -7.26
CA LEU A 46 5.52 -7.51 -8.59
C LEU A 46 5.25 -8.87 -9.22
N ASP A 47 6.24 -9.75 -9.09
CA ASP A 47 6.17 -11.12 -9.60
C ASP A 47 5.04 -11.90 -8.95
N ARG A 48 4.86 -11.70 -7.66
CA ARG A 48 3.82 -12.38 -6.90
C ARG A 48 2.43 -11.80 -7.14
N GLY A 49 2.34 -10.73 -7.90
CA GLY A 49 1.04 -10.22 -8.26
C GLY A 49 0.78 -8.76 -7.94
N VAL A 50 1.80 -8.04 -7.52
CA VAL A 50 1.66 -6.62 -7.29
C VAL A 50 1.92 -5.87 -8.62
N ILE A 51 1.13 -4.87 -8.90
CA ILE A 51 1.28 -4.08 -10.12
C ILE A 51 1.70 -2.67 -9.75
N VAL A 52 2.14 -1.88 -10.71
CA VAL A 52 2.63 -0.55 -10.43
C VAL A 52 1.81 0.52 -11.17
N ARG A 53 1.62 1.65 -10.53
CA ARG A 53 0.99 2.82 -11.13
C ARG A 53 1.80 4.05 -10.85
N ALA A 54 1.61 5.06 -11.69
CA ALA A 54 2.36 6.27 -11.58
C ALA A 54 1.47 7.47 -11.77
N PHE A 55 1.59 8.44 -10.90
CA PHE A 55 0.88 9.69 -11.07
C PHE A 55 1.78 10.78 -11.60
N SER A 56 1.22 11.62 -12.43
CA SER A 56 1.94 12.74 -12.94
C SER A 56 1.59 13.99 -12.12
N HIS A 57 0.31 14.27 -11.94
CA HIS A 57 -0.07 15.44 -11.14
C HIS A 57 -1.34 15.22 -10.32
N LYS A 58 -1.14 14.91 -9.07
CA LYS A 58 -2.20 14.84 -8.08
C LYS A 58 -1.70 15.50 -6.83
N PRO A 59 -2.14 16.69 -6.48
CA PRO A 59 -1.69 17.31 -5.26
C PRO A 59 -2.49 16.83 -4.05
N PRO A 60 -1.83 16.25 -3.05
CA PRO A 60 -2.44 15.88 -1.80
C PRO A 60 -2.33 17.02 -0.79
N LYS A 61 -3.36 17.27 -0.02
CA LYS A 61 -3.23 18.29 0.96
C LYS A 61 -2.62 17.69 2.21
N VAL A 62 -1.38 18.07 2.43
CA VAL A 62 -0.57 17.62 3.54
C VAL A 62 0.46 18.70 3.80
N GLY A 63 1.06 18.68 4.96
CA GLY A 63 2.06 19.67 5.29
C GLY A 63 3.30 19.05 5.89
N ASN A 64 3.39 17.74 5.82
CA ASN A 64 4.54 17.03 6.40
C ASN A 64 4.88 15.79 5.60
N LEU A 65 3.85 15.09 5.13
CA LEU A 65 4.01 13.87 4.37
C LEU A 65 4.80 14.10 3.07
N PRO A 66 5.79 13.23 2.79
CA PRO A 66 6.62 13.31 1.59
C PRO A 66 5.97 12.67 0.34
N GLN A 67 6.23 13.28 -0.81
CA GLN A 67 5.64 12.94 -2.10
C GLN A 67 5.64 11.43 -2.42
N TYR A 68 6.67 10.69 -2.00
CA TYR A 68 6.74 9.26 -2.28
C TYR A 68 5.53 8.48 -1.70
N GLU A 69 5.15 8.80 -0.48
CA GLU A 69 4.04 8.10 0.11
C GLU A 69 2.74 8.75 -0.30
N SER A 70 2.82 10.03 -0.60
CA SER A 70 1.70 10.77 -1.08
C SER A 70 1.23 10.23 -2.44
N GLU A 71 2.18 9.76 -3.28
CA GLU A 71 1.81 9.13 -4.54
C GLU A 71 1.05 7.86 -4.25
N ALA A 72 1.50 7.12 -3.23
CA ALA A 72 0.79 5.91 -2.80
C ALA A 72 -0.64 6.28 -2.34
N ILE A 73 -0.73 7.35 -1.55
CA ILE A 73 -2.02 7.85 -1.08
C ILE A 73 -2.91 8.26 -2.27
N MET A 74 -2.33 9.00 -3.21
CA MET A 74 -3.09 9.49 -4.37
C MET A 74 -3.56 8.38 -5.28
N VAL A 75 -2.74 7.36 -5.48
CA VAL A 75 -3.16 6.22 -6.28
C VAL A 75 -4.29 5.45 -5.56
N ALA A 76 -4.19 5.39 -4.24
CA ALA A 76 -5.22 4.79 -3.43
C ALA A 76 -6.49 5.65 -3.43
N PHE A 77 -6.30 6.95 -3.49
CA PHE A 77 -7.38 7.93 -3.56
C PHE A 77 -8.13 7.80 -4.88
N GLU A 78 -7.37 7.66 -5.95
CA GLU A 78 -7.89 7.52 -7.29
C GLU A 78 -8.82 6.31 -7.40
N LEU A 79 -8.30 5.16 -7.04
CA LEU A 79 -9.02 3.91 -7.19
C LEU A 79 -9.99 3.67 -6.05
N ASN A 80 -9.84 4.45 -4.98
CA ASN A 80 -10.54 4.24 -3.71
C ASN A 80 -10.16 2.86 -3.24
N ALA A 81 -8.92 2.74 -2.97
CA ALA A 81 -8.32 1.48 -2.64
C ALA A 81 -8.08 1.35 -1.16
N LEU A 82 -7.58 0.20 -0.80
CA LEU A 82 -7.21 -0.12 0.53
C LEU A 82 -5.74 0.27 0.61
N LEU A 83 -5.37 1.06 1.57
CA LEU A 83 -3.99 1.47 1.67
C LEU A 83 -3.33 0.78 2.83
N ILE A 84 -2.29 0.08 2.57
CA ILE A 84 -1.57 -0.58 3.61
C ILE A 84 -0.38 0.29 3.99
N ALA A 85 -0.37 0.77 5.20
CA ALA A 85 0.66 1.68 5.65
C ALA A 85 1.02 1.40 7.09
N GLU A 86 2.28 1.55 7.41
CA GLU A 86 2.72 1.37 8.77
C GLU A 86 2.76 2.66 9.52
N ASP A 87 2.90 3.74 8.81
CA ASP A 87 2.96 5.05 9.43
C ASP A 87 1.55 5.52 9.68
N LYS A 88 1.24 5.83 10.91
CA LYS A 88 -0.10 6.20 11.31
C LYS A 88 -0.55 7.57 10.84
N ASP A 89 0.39 8.43 10.48
CA ASP A 89 0.01 9.75 10.01
C ASP A 89 -0.37 9.65 8.54
N VAL A 90 0.31 8.75 7.84
CA VAL A 90 -0.05 8.40 6.46
C VAL A 90 -1.47 7.83 6.45
N ILE A 91 -1.71 6.89 7.38
CA ILE A 91 -3.03 6.29 7.58
C ILE A 91 -4.06 7.38 7.87
N ASN A 92 -3.71 8.26 8.80
CA ASN A 92 -4.53 9.39 9.22
C ASN A 92 -5.00 10.23 8.03
N LYS A 93 -4.06 10.75 7.25
CA LYS A 93 -4.41 11.62 6.14
C LYS A 93 -5.17 10.90 5.05
N ALA A 94 -4.78 9.66 4.77
CA ALA A 94 -5.44 8.88 3.73
C ALA A 94 -6.88 8.54 4.12
N LYS A 95 -7.08 8.26 5.41
CA LYS A 95 -8.38 7.92 5.97
C LYS A 95 -9.37 9.07 5.70
N GLU A 96 -8.89 10.29 5.88
CA GLU A 96 -9.69 11.50 5.67
C GLU A 96 -10.05 11.67 4.21
N LEU A 97 -9.14 11.27 3.34
CA LEU A 97 -9.28 11.45 1.90
C LEU A 97 -10.21 10.40 1.27
N GLY A 98 -10.77 9.54 2.09
CA GLY A 98 -11.69 8.54 1.59
C GLY A 98 -10.99 7.27 1.22
N VAL A 99 -9.83 7.11 1.72
CA VAL A 99 -9.05 5.93 1.50
C VAL A 99 -9.09 5.13 2.78
N ASN A 100 -9.16 3.84 2.69
CA ASN A 100 -9.10 3.06 3.90
C ASN A 100 -7.70 2.57 4.10
N ALA A 101 -6.97 3.31 4.86
CA ALA A 101 -5.62 2.96 5.19
C ALA A 101 -5.61 2.22 6.49
N ILE A 102 -4.92 1.12 6.53
CA ILE A 102 -4.82 0.30 7.71
C ILE A 102 -3.38 -0.11 7.96
N PRO A 103 -3.01 -0.36 9.23
CA PRO A 103 -1.68 -0.87 9.56
C PRO A 103 -1.56 -2.33 9.14
N ILE A 104 -0.34 -2.80 9.00
CA ILE A 104 -0.06 -4.14 8.54
C ILE A 104 -0.70 -5.22 9.40
N GLU A 105 -0.75 -5.00 10.69
CA GLU A 105 -1.33 -5.98 11.59
C GLU A 105 -2.84 -6.14 11.39
N GLU A 106 -3.51 -5.10 10.88
CA GLU A 106 -4.95 -5.19 10.57
C GLU A 106 -5.15 -6.04 9.33
N LEU A 107 -4.19 -5.99 8.44
CA LEU A 107 -4.20 -6.79 7.23
C LEU A 107 -3.93 -8.24 7.65
N LEU A 108 -2.98 -8.43 8.57
CA LEU A 108 -2.65 -9.78 9.09
C LEU A 108 -3.84 -10.37 9.85
N ALA A 109 -4.58 -9.51 10.50
CA ALA A 109 -5.77 -9.90 11.21
C ALA A 109 -6.87 -10.35 10.25
N SER A 110 -6.86 -9.79 9.07
CA SER A 110 -7.90 -10.05 8.10
C SER A 110 -7.43 -11.02 6.99
N SER A 111 -6.30 -11.66 7.20
CA SER A 111 -5.80 -12.58 6.21
C SER A 111 -5.89 -14.02 6.72
N LEU A 112 -5.48 -14.97 5.91
CA LEU A 112 -5.59 -16.34 6.27
C LEU A 112 -4.26 -17.03 6.48
N GLU A 113 -3.93 -17.19 7.73
CA GLU A 113 -2.75 -17.90 8.15
C GLU A 113 -3.14 -19.36 8.23
N HIS A 114 -4.24 -19.57 8.89
CA HIS A 114 -4.86 -20.84 9.12
C HIS A 114 -6.32 -20.60 9.44
N HIS A 115 -7.12 -20.52 8.40
CA HIS A 115 -8.53 -20.28 8.54
C HIS A 115 -9.22 -20.77 7.30
N HIS A 116 -9.51 -22.04 7.29
CA HIS A 116 -10.24 -22.67 6.22
C HIS A 116 -11.32 -23.50 6.84
N HIS A 117 -12.29 -23.92 6.08
CA HIS A 117 -13.37 -24.69 6.65
C HIS A 117 -13.27 -26.17 6.43
N HIS A 118 -13.33 -26.85 7.53
CA HIS A 118 -13.53 -28.28 7.59
C HIS A 118 -15.03 -28.50 7.52
N HIS A 119 -15.73 -27.66 8.25
CA HIS A 119 -17.18 -27.63 8.29
C HIS A 119 -17.55 -26.47 9.18
#